data_6PEB
#
_entry.id   6PEB
#
_cell.length_a   89.740
_cell.length_b   96.160
_cell.length_c   246.840
_cell.angle_alpha   90.00
_cell.angle_beta   90.00
_cell.angle_gamma   90.00
#
_symmetry.space_group_name_H-M   'P 21 21 21'
#
loop_
_entity.id
_entity.type
_entity.pdbx_description
1 polymer 'Nicotinamide phosphoribosyltransferase'
2 non-polymer N-{4-[(1,3-dioxo-1,3-dihydro-2H-isoindol-2-yl)methyl]phenyl}-3-(pyridin-3-yl)azetidine-1-carboxamide
3 non-polymer 'PHOSPHATE ION'
4 water water
#
_entity_poly.entity_id   1
_entity_poly.type   'polypeptide(L)'
_entity_poly.pdbx_seq_one_letter_code
;NPAAEAEFNILLATDSYKVTHYKQYPPNTSKVYSYFECREKKTENSKLRKVKYEETVFYGLQYILNKYLKGKVVTKEKIQ
EAKDVYKEHFQDDVFNEKGWNYILEKYDGHLPIEIKAVPEGFVIPRGNVLFTVENTDPECYWLTNWIETILVQSWYPITV
ATNSREQKKILAKYLLETSGNLDGLEYKLHDFGYRGVSSQETAGIGASAHLVNFKGTDTVAGLALIKKYYGTKDPVPGYS
VPAAEHSTITAWGKDHEKDAFEHIVTQFSSVPVSVVSDSYDIYNACEKIWGEDLRHLIVSRSTQAPLIIRPDSGNPLDTV
LKVLEILGKKFPVTENSKGYKLLPPYLRVIQGDGVDINTLQEIVEGMKQKMWSIENIAFGSGGGLLQKLTRDLLNCSFKC
SYVVTNGLGINVFKDPVADPNKRSKKGRLSLHRTPAGNFVTLEEGKGDLEEYGQDLLHTVFKNGKVTKSYSFDEIRKNAQ
LNIELEAAHHLEHHHHHHHH
;
_entity_poly.pdbx_strand_id   A,B,C,D
#
loop_
_chem_comp.id
_chem_comp.type
_chem_comp.name
_chem_comp.formula
OE4 non-polymer N-{4-[(1,3-dioxo-1,3-dihydro-2H-isoindol-2-yl)methyl]phenyl}-3-(pyridin-3-yl)azetidine-1-carboxamide 'C24 H20 N4 O3'
PO4 non-polymer 'PHOSPHATE ION' 'O4 P -3'
#
# COMPACT_ATOMS: atom_id res chain seq x y z
N GLU A 7 -8.05 -1.00 -6.90
CA GLU A 7 -8.61 0.32 -7.17
C GLU A 7 -9.84 0.25 -8.12
N PHE A 8 -10.99 0.78 -7.65
CA PHE A 8 -12.26 0.79 -8.36
C PHE A 8 -12.29 1.92 -9.38
N ASN A 9 -12.92 1.65 -10.52
CA ASN A 9 -13.05 2.56 -11.65
C ASN A 9 -14.50 2.47 -12.15
N ILE A 10 -15.30 3.56 -11.98
CA ILE A 10 -16.72 3.65 -12.40
C ILE A 10 -16.89 3.44 -13.91
N LEU A 11 -15.83 3.70 -14.69
CA LEU A 11 -15.86 3.57 -16.15
C LEU A 11 -15.87 2.11 -16.59
N LEU A 12 -15.48 1.19 -15.68
CA LEU A 12 -15.47 -0.27 -15.88
C LEU A 12 -16.51 -1.01 -14.95
N ALA A 13 -17.41 -0.25 -14.30
CA ALA A 13 -18.46 -0.78 -13.42
C ALA A 13 -19.86 -0.57 -14.00
N THR A 14 -20.03 -0.92 -15.27
CA THR A 14 -21.31 -0.86 -15.98
C THR A 14 -21.46 -2.10 -16.84
N ASP A 15 -22.68 -2.36 -17.35
CA ASP A 15 -22.90 -3.45 -18.29
C ASP A 15 -22.29 -2.99 -19.60
N SER A 16 -21.53 -3.86 -20.23
CA SER A 16 -20.83 -3.55 -21.49
C SER A 16 -21.67 -2.85 -22.54
N TYR A 17 -22.88 -3.31 -22.81
CA TYR A 17 -23.65 -2.62 -23.83
C TYR A 17 -23.92 -1.14 -23.51
N LYS A 18 -23.90 -0.72 -22.21
CA LYS A 18 -24.18 0.68 -21.86
C LYS A 18 -23.10 1.63 -22.38
N VAL A 19 -21.89 1.12 -22.62
CA VAL A 19 -20.78 1.86 -23.22
C VAL A 19 -21.21 2.43 -24.60
N THR A 20 -22.14 1.74 -25.26
CA THR A 20 -22.60 2.05 -26.62
C THR A 20 -23.90 2.89 -26.67
N HIS A 21 -24.56 3.11 -25.52
CA HIS A 21 -25.85 3.75 -25.47
C HIS A 21 -25.85 5.26 -25.78
N TYR A 22 -24.72 5.97 -25.55
CA TYR A 22 -24.66 7.40 -25.87
C TYR A 22 -25.03 7.69 -27.35
N LYS A 23 -24.70 6.75 -28.26
CA LYS A 23 -24.97 6.81 -29.71
C LYS A 23 -26.37 6.35 -30.06
N GLN A 24 -27.22 5.99 -29.06
CA GLN A 24 -28.53 5.39 -29.33
C GLN A 24 -29.74 6.27 -29.00
N TYR A 25 -29.62 7.15 -28.02
CA TYR A 25 -30.69 8.06 -27.63
C TYR A 25 -31.10 9.02 -28.79
N PRO A 26 -32.30 9.65 -28.81
CA PRO A 26 -32.60 10.59 -29.89
C PRO A 26 -31.57 11.72 -29.91
N PRO A 27 -31.10 12.18 -31.10
CA PRO A 27 -30.18 13.34 -31.10
C PRO A 27 -30.76 14.52 -30.29
N ASN A 28 -29.90 15.27 -29.60
CA ASN A 28 -30.23 16.48 -28.82
C ASN A 28 -31.00 16.19 -27.52
N THR A 29 -30.77 15.01 -26.92
CA THR A 29 -31.29 14.60 -25.63
C THR A 29 -30.42 15.27 -24.58
N SER A 30 -31.07 16.00 -23.67
CA SER A 30 -30.38 16.74 -22.62
C SER A 30 -30.65 16.19 -21.25
N LYS A 31 -31.68 15.33 -21.13
CA LYS A 31 -32.13 14.75 -19.88
C LYS A 31 -32.62 13.36 -20.11
N VAL A 32 -32.10 12.45 -19.30
CA VAL A 32 -32.55 11.09 -19.14
C VAL A 32 -32.85 11.06 -17.63
N TYR A 33 -34.11 10.79 -17.27
CA TYR A 33 -34.56 10.73 -15.89
C TYR A 33 -35.10 9.33 -15.64
N SER A 34 -34.47 8.64 -14.69
CA SER A 34 -34.83 7.26 -14.36
C SER A 34 -35.21 7.08 -12.89
N TYR A 35 -35.89 5.97 -12.59
CA TYR A 35 -36.34 5.65 -11.24
C TYR A 35 -36.16 4.16 -10.96
N PHE A 36 -36.22 3.81 -9.64
CA PHE A 36 -36.14 2.46 -9.12
C PHE A 36 -37.40 2.12 -8.28
N GLU A 37 -37.94 0.91 -8.45
CA GLU A 37 -39.07 0.41 -7.65
C GLU A 37 -38.95 -1.11 -7.47
N CYS A 38 -39.74 -1.60 -6.53
CA CYS A 38 -39.93 -3.04 -6.28
C CYS A 38 -41.33 -3.25 -6.82
N ARG A 39 -41.37 -3.57 -8.10
CA ARG A 39 -42.61 -3.72 -8.86
C ARG A 39 -43.59 -4.69 -8.25
N GLU A 40 -44.88 -4.38 -8.34
CA GLU A 40 -45.94 -5.26 -7.85
C GLU A 40 -46.16 -6.49 -8.75
N LYS A 41 -46.89 -7.49 -8.23
CA LYS A 41 -47.32 -8.66 -9.00
C LYS A 41 -48.85 -8.69 -8.98
N LYS A 50 -45.95 -19.00 0.90
CA LYS A 50 -47.06 -18.07 1.05
C LYS A 50 -46.62 -16.62 1.38
N VAL A 51 -45.31 -16.30 1.23
CA VAL A 51 -44.78 -14.96 1.54
C VAL A 51 -44.89 -14.06 0.29
N LYS A 52 -45.76 -13.03 0.41
CA LYS A 52 -46.06 -12.09 -0.67
C LYS A 52 -45.05 -10.94 -0.73
N TYR A 53 -44.47 -10.54 0.43
CA TYR A 53 -43.55 -9.40 0.49
C TYR A 53 -44.25 -8.13 -0.05
N GLU A 54 -45.31 -7.67 0.64
CA GLU A 54 -46.11 -6.54 0.17
C GLU A 54 -45.48 -5.17 0.42
N GLU A 55 -44.44 -5.12 1.26
CA GLU A 55 -43.76 -3.88 1.64
C GLU A 55 -42.28 -4.13 1.77
N THR A 56 -41.46 -3.13 1.47
CA THR A 56 -40.00 -3.31 1.48
C THR A 56 -39.28 -2.29 2.31
N VAL A 57 -38.18 -2.71 2.96
CA VAL A 57 -37.30 -1.83 3.72
C VAL A 57 -36.33 -1.21 2.71
N PHE A 58 -36.30 0.12 2.66
CA PHE A 58 -35.38 0.80 1.74
C PHE A 58 -34.05 0.98 2.47
N TYR A 59 -33.04 0.21 2.05
CA TYR A 59 -31.75 0.20 2.71
C TYR A 59 -30.61 -0.18 1.78
N GLY A 60 -29.48 0.51 1.90
CA GLY A 60 -28.22 0.23 1.22
C GLY A 60 -27.68 1.23 0.21
N LEU A 61 -28.48 2.19 -0.27
CA LEU A 61 -28.04 3.18 -1.25
C LEU A 61 -26.90 4.07 -0.74
N GLN A 62 -26.95 4.46 0.54
CA GLN A 62 -25.95 5.32 1.16
C GLN A 62 -24.57 4.71 1.07
N TYR A 63 -24.48 3.38 1.20
CA TYR A 63 -23.25 2.62 1.04
C TYR A 63 -22.71 2.81 -0.37
N ILE A 64 -23.55 2.59 -1.42
CA ILE A 64 -23.14 2.74 -2.84
C ILE A 64 -22.73 4.20 -3.12
N LEU A 65 -23.52 5.19 -2.64
CA LEU A 65 -23.20 6.64 -2.84
C LEU A 65 -21.85 6.98 -2.33
N ASN A 66 -21.54 6.53 -1.12
CA ASN A 66 -20.26 6.76 -0.49
C ASN A 66 -19.14 5.98 -1.07
N LYS A 67 -19.32 4.67 -1.20
CA LYS A 67 -18.24 3.82 -1.67
C LYS A 67 -17.90 3.99 -3.14
N TYR A 68 -18.89 4.29 -3.99
CA TYR A 68 -18.59 4.30 -5.42
C TYR A 68 -18.82 5.57 -6.22
N LEU A 69 -19.72 6.45 -5.78
CA LEU A 69 -20.20 7.58 -6.59
C LEU A 69 -19.74 8.96 -6.20
N LYS A 70 -19.39 9.18 -4.91
CA LYS A 70 -19.02 10.51 -4.45
C LYS A 70 -17.56 10.89 -4.73
N GLY A 71 -17.32 12.19 -4.93
CA GLY A 71 -15.98 12.75 -5.10
C GLY A 71 -15.44 12.65 -6.50
N LYS A 72 -14.12 12.59 -6.63
CA LYS A 72 -13.40 12.52 -7.89
C LYS A 72 -13.23 11.05 -8.22
N VAL A 73 -14.16 10.58 -9.05
CA VAL A 73 -14.31 9.20 -9.50
C VAL A 73 -13.80 9.07 -10.96
N VAL A 74 -13.53 10.23 -11.59
CA VAL A 74 -13.00 10.31 -12.95
C VAL A 74 -11.60 10.88 -12.85
N THR A 75 -10.61 10.15 -13.35
CA THR A 75 -9.20 10.57 -13.45
C THR A 75 -8.73 10.29 -14.88
N LYS A 76 -7.58 10.88 -15.28
CA LYS A 76 -6.99 10.63 -16.60
C LYS A 76 -6.52 9.18 -16.77
N GLU A 77 -6.02 8.58 -15.68
CA GLU A 77 -5.57 7.19 -15.58
C GLU A 77 -6.80 6.23 -15.77
N LYS A 78 -7.98 6.59 -15.21
CA LYS A 78 -9.18 5.74 -15.31
C LYS A 78 -9.80 5.78 -16.71
N ILE A 79 -9.81 6.96 -17.38
CA ILE A 79 -10.28 7.09 -18.75
C ILE A 79 -9.39 6.27 -19.70
N GLN A 80 -8.06 6.34 -19.53
CA GLN A 80 -7.06 5.59 -20.31
C GLN A 80 -7.24 4.08 -20.13
N GLU A 81 -7.40 3.61 -18.87
CA GLU A 81 -7.65 2.19 -18.55
C GLU A 81 -8.91 1.66 -19.31
N ALA A 82 -10.04 2.40 -19.24
CA ALA A 82 -11.32 2.01 -19.84
C ALA A 82 -11.28 1.96 -21.34
N LYS A 83 -10.64 2.97 -21.98
CA LYS A 83 -10.48 3.04 -23.43
C LYS A 83 -9.71 1.84 -23.97
N ASP A 84 -8.65 1.43 -23.27
CA ASP A 84 -7.76 0.33 -23.67
C ASP A 84 -8.46 -1.04 -23.50
N VAL A 85 -9.22 -1.20 -22.42
CA VAL A 85 -10.00 -2.39 -22.11
C VAL A 85 -11.14 -2.57 -23.13
N TYR A 86 -11.96 -1.52 -23.33
CA TYR A 86 -13.12 -1.60 -24.22
C TYR A 86 -12.74 -1.76 -25.71
N LYS A 87 -11.54 -1.32 -26.14
CA LYS A 87 -11.10 -1.47 -27.53
C LYS A 87 -10.92 -2.97 -27.84
N GLU A 88 -10.39 -3.70 -26.83
CA GLU A 88 -10.17 -5.14 -26.89
C GLU A 88 -11.45 -5.90 -26.64
N HIS A 89 -12.23 -5.45 -25.64
CA HIS A 89 -13.51 -6.04 -25.27
C HIS A 89 -14.55 -5.94 -26.40
N PHE A 90 -14.63 -4.80 -27.11
CA PHE A 90 -15.59 -4.64 -28.23
C PHE A 90 -15.00 -4.97 -29.62
N GLN A 91 -13.64 -5.08 -29.73
CA GLN A 91 -12.88 -5.28 -30.98
C GLN A 91 -13.25 -4.13 -31.94
N ASP A 92 -13.47 -2.95 -31.34
CA ASP A 92 -13.92 -1.73 -31.98
C ASP A 92 -13.81 -0.59 -30.99
N ASP A 93 -13.56 0.63 -31.49
CA ASP A 93 -13.52 1.81 -30.66
C ASP A 93 -14.92 2.40 -30.63
N VAL A 94 -15.63 2.22 -29.50
CA VAL A 94 -17.01 2.68 -29.33
C VAL A 94 -17.18 3.43 -27.98
N PHE A 95 -16.10 3.55 -27.19
CA PHE A 95 -16.08 4.22 -25.88
C PHE A 95 -16.18 5.77 -25.97
N ASN A 96 -17.05 6.38 -25.15
CA ASN A 96 -17.24 7.83 -25.12
C ASN A 96 -16.14 8.53 -24.33
N GLU A 97 -14.92 8.61 -24.92
CA GLU A 97 -13.76 9.26 -24.29
C GLU A 97 -14.01 10.76 -24.04
N LYS A 98 -14.60 11.46 -25.03
CA LYS A 98 -14.96 12.87 -24.95
C LYS A 98 -15.90 13.19 -23.80
N GLY A 99 -16.95 12.39 -23.66
CA GLY A 99 -17.97 12.54 -22.62
C GLY A 99 -17.41 12.41 -21.22
N TRP A 100 -16.50 11.44 -21.04
CA TRP A 100 -15.87 11.22 -19.74
C TRP A 100 -14.83 12.30 -19.42
N ASN A 101 -14.09 12.77 -20.44
CA ASN A 101 -13.12 13.85 -20.34
C ASN A 101 -13.83 15.18 -19.99
N TYR A 102 -15.08 15.36 -20.45
CA TYR A 102 -15.88 16.54 -20.16
C TYR A 102 -16.18 16.63 -18.67
N ILE A 103 -16.54 15.51 -18.05
CA ILE A 103 -16.80 15.43 -16.60
C ILE A 103 -15.49 15.74 -15.84
N LEU A 104 -14.34 15.22 -16.35
CA LEU A 104 -13.03 15.44 -15.75
C LEU A 104 -12.64 16.91 -15.79
N GLU A 105 -12.83 17.58 -16.92
CA GLU A 105 -12.47 18.97 -17.05
C GLU A 105 -13.42 19.94 -16.38
N LYS A 106 -14.72 19.84 -16.67
CA LYS A 106 -15.70 20.77 -16.15
C LYS A 106 -15.97 20.64 -14.65
N TYR A 107 -16.05 19.38 -14.17
CA TYR A 107 -16.45 19.04 -12.81
C TYR A 107 -15.39 18.37 -11.93
N ASP A 108 -14.12 18.37 -12.37
CA ASP A 108 -13.03 17.76 -11.61
C ASP A 108 -13.36 16.26 -11.28
N GLY A 109 -13.94 15.56 -12.24
CA GLY A 109 -14.29 14.16 -12.11
C GLY A 109 -15.44 13.80 -11.20
N HIS A 110 -16.24 14.81 -10.79
CA HIS A 110 -17.40 14.64 -9.92
C HIS A 110 -18.63 14.46 -10.87
N LEU A 111 -19.49 13.45 -10.59
CA LEU A 111 -20.64 13.12 -11.44
C LEU A 111 -21.76 14.12 -11.42
N PRO A 112 -22.09 14.72 -12.61
CA PRO A 112 -23.24 15.68 -12.66
C PRO A 112 -24.56 14.90 -12.74
N ILE A 113 -24.88 14.30 -11.59
CA ILE A 113 -26.06 13.48 -11.33
C ILE A 113 -26.73 13.98 -10.03
N GLU A 114 -28.05 13.90 -10.00
CA GLU A 114 -28.87 14.15 -8.82
C GLU A 114 -29.70 12.92 -8.52
N ILE A 115 -29.58 12.41 -7.29
CA ILE A 115 -30.30 11.25 -6.79
C ILE A 115 -31.18 11.70 -5.63
N LYS A 116 -32.45 11.42 -5.76
CA LYS A 116 -33.47 11.71 -4.75
C LYS A 116 -33.97 10.33 -4.28
N ALA A 117 -34.07 10.10 -2.96
CA ALA A 117 -34.49 8.81 -2.42
C ALA A 117 -35.39 8.94 -1.22
N VAL A 118 -36.14 7.87 -0.96
CA VAL A 118 -37.01 7.80 0.22
C VAL A 118 -36.06 7.60 1.47
N PRO A 119 -36.34 8.13 2.68
CA PRO A 119 -35.36 7.93 3.77
C PRO A 119 -35.06 6.45 4.05
N GLU A 120 -33.78 6.12 4.28
CA GLU A 120 -33.39 4.73 4.56
C GLU A 120 -34.02 4.19 5.87
N GLY A 121 -34.45 2.92 5.81
CA GLY A 121 -35.19 2.29 6.89
C GLY A 121 -36.68 2.36 6.67
N PHE A 122 -37.14 3.26 5.79
CA PHE A 122 -38.55 3.41 5.47
C PHE A 122 -39.13 2.13 4.84
N VAL A 123 -40.30 1.72 5.35
CA VAL A 123 -41.05 0.54 4.94
C VAL A 123 -42.18 1.03 4.03
N ILE A 124 -42.02 0.78 2.73
CA ILE A 124 -42.89 1.25 1.67
C ILE A 124 -43.56 0.08 0.96
N PRO A 125 -44.89 0.16 0.64
CA PRO A 125 -45.50 -0.95 -0.14
C PRO A 125 -44.91 -1.07 -1.54
N ARG A 126 -45.02 -2.26 -2.16
CA ARG A 126 -44.52 -2.52 -3.53
C ARG A 126 -45.15 -1.57 -4.58
N GLY A 127 -44.42 -1.27 -5.64
CA GLY A 127 -44.88 -0.44 -6.76
C GLY A 127 -44.81 1.06 -6.52
N ASN A 128 -43.90 1.49 -5.64
CA ASN A 128 -43.71 2.90 -5.35
C ASN A 128 -42.31 3.24 -5.69
N VAL A 129 -42.08 4.47 -6.21
CA VAL A 129 -40.77 5.01 -6.52
C VAL A 129 -40.03 5.05 -5.18
N LEU A 130 -38.81 4.49 -5.15
CA LEU A 130 -37.95 4.42 -3.96
C LEU A 130 -36.80 5.42 -4.13
N PHE A 131 -36.35 5.61 -5.38
CA PHE A 131 -35.33 6.60 -5.71
C PHE A 131 -35.37 6.97 -7.18
N THR A 132 -34.95 8.20 -7.51
CA THR A 132 -34.85 8.75 -8.88
C THR A 132 -33.41 9.20 -9.14
N VAL A 133 -32.96 9.07 -10.42
CA VAL A 133 -31.68 9.49 -10.95
C VAL A 133 -31.89 10.34 -12.21
N GLU A 134 -31.16 11.45 -12.29
CA GLU A 134 -31.11 12.36 -13.44
C GLU A 134 -29.80 13.11 -13.51
N ASN A 135 -29.37 13.45 -14.73
CA ASN A 135 -28.16 14.22 -14.99
C ASN A 135 -28.48 15.70 -14.79
N THR A 136 -27.51 16.42 -14.23
CA THR A 136 -27.66 17.86 -13.97
C THR A 136 -27.05 18.64 -15.12
N ASP A 137 -26.28 17.98 -16.00
CA ASP A 137 -25.67 18.68 -17.13
C ASP A 137 -26.21 18.09 -18.42
N PRO A 138 -26.76 18.88 -19.38
CA PRO A 138 -27.26 18.29 -20.66
C PRO A 138 -26.29 17.42 -21.44
N GLU A 139 -24.98 17.65 -21.31
CA GLU A 139 -23.94 16.87 -21.99
C GLU A 139 -23.87 15.44 -21.47
N CYS A 140 -24.34 15.25 -20.22
CA CYS A 140 -24.25 13.96 -19.54
C CYS A 140 -25.56 13.21 -19.44
N TYR A 141 -26.48 13.40 -20.42
CA TYR A 141 -27.79 12.70 -20.51
C TYR A 141 -27.51 11.18 -20.50
N TRP A 142 -26.33 10.77 -21.02
CA TRP A 142 -25.90 9.39 -21.13
C TRP A 142 -25.46 8.75 -19.78
N LEU A 143 -25.15 9.59 -18.80
CA LEU A 143 -24.63 9.15 -17.51
C LEU A 143 -25.68 8.52 -16.63
N THR A 144 -26.94 9.03 -16.69
CA THR A 144 -28.04 8.53 -15.86
C THR A 144 -28.12 7.01 -15.90
N ASN A 145 -28.12 6.40 -17.11
CA ASN A 145 -28.28 4.97 -17.21
C ASN A 145 -26.97 4.20 -17.21
N TRP A 146 -25.82 4.91 -17.18
CA TRP A 146 -24.51 4.28 -17.04
C TRP A 146 -24.46 3.66 -15.66
N ILE A 147 -24.83 4.45 -14.65
CA ILE A 147 -24.81 4.03 -13.25
C ILE A 147 -26.10 3.22 -12.86
N GLU A 148 -26.83 2.66 -13.83
CA GLU A 148 -27.98 1.83 -13.49
C GLU A 148 -27.52 0.54 -12.78
N THR A 149 -26.53 -0.14 -13.38
CA THR A 149 -25.95 -1.39 -12.93
C THR A 149 -25.48 -1.32 -11.45
N ILE A 150 -24.76 -0.25 -11.09
CA ILE A 150 -24.23 -0.11 -9.74
C ILE A 150 -25.34 0.19 -8.73
N LEU A 151 -26.35 0.95 -9.15
CA LEU A 151 -27.46 1.37 -8.33
C LEU A 151 -28.47 0.24 -8.12
N VAL A 152 -28.76 -0.53 -9.16
CA VAL A 152 -29.69 -1.69 -9.14
C VAL A 152 -29.23 -2.77 -8.12
N GLN A 153 -27.93 -2.79 -7.80
CA GLN A 153 -27.35 -3.69 -6.82
C GLN A 153 -27.83 -3.37 -5.40
N SER A 154 -28.57 -2.25 -5.25
CA SER A 154 -29.22 -1.95 -3.96
C SER A 154 -30.38 -2.95 -3.75
N TRP A 155 -30.75 -3.76 -4.77
CA TRP A 155 -31.74 -4.84 -4.64
C TRP A 155 -31.33 -5.76 -3.47
N TYR A 156 -30.05 -6.02 -3.32
CA TYR A 156 -29.52 -6.96 -2.35
C TYR A 156 -29.73 -6.47 -0.93
N PRO A 157 -29.19 -5.27 -0.50
CA PRO A 157 -29.46 -4.82 0.87
C PRO A 157 -30.94 -4.63 1.17
N ILE A 158 -31.73 -4.24 0.16
CA ILE A 158 -33.18 -4.11 0.25
C ILE A 158 -33.86 -5.46 0.53
N THR A 159 -33.51 -6.48 -0.25
CA THR A 159 -34.11 -7.83 -0.18
C THR A 159 -33.72 -8.54 1.13
N VAL A 160 -32.45 -8.44 1.55
CA VAL A 160 -32.00 -9.01 2.83
C VAL A 160 -32.74 -8.33 3.98
N ALA A 161 -32.78 -6.99 4.02
CA ALA A 161 -33.47 -6.22 5.06
C ALA A 161 -34.96 -6.51 5.10
N THR A 162 -35.62 -6.65 3.94
CA THR A 162 -37.06 -6.96 3.83
C THR A 162 -37.33 -8.40 4.28
N ASN A 163 -36.63 -9.41 3.71
CA ASN A 163 -36.83 -10.82 4.08
C ASN A 163 -36.55 -11.12 5.60
N SER A 164 -35.53 -10.45 6.16
CA SER A 164 -35.15 -10.52 7.58
C SER A 164 -36.27 -9.88 8.42
N ARG A 165 -36.91 -8.78 7.92
CA ARG A 165 -37.99 -8.11 8.63
C ARG A 165 -39.25 -9.00 8.61
N GLU A 166 -39.48 -9.72 7.51
CA GLU A 166 -40.58 -10.66 7.34
C GLU A 166 -40.44 -11.80 8.32
N GLN A 167 -39.21 -12.26 8.57
CA GLN A 167 -38.94 -13.31 9.57
C GLN A 167 -39.11 -12.79 11.00
N LYS A 168 -38.88 -11.48 11.22
CA LYS A 168 -39.06 -10.85 12.53
C LYS A 168 -40.56 -10.79 12.88
N LYS A 169 -41.43 -10.55 11.88
CA LYS A 169 -42.89 -10.56 12.04
C LYS A 169 -43.39 -11.95 12.45
N ILE A 170 -42.80 -13.00 11.90
CA ILE A 170 -43.15 -14.39 12.19
C ILE A 170 -42.78 -14.71 13.64
N LEU A 171 -41.52 -14.43 14.02
CA LEU A 171 -40.98 -14.67 15.35
C LEU A 171 -41.74 -13.87 16.39
N ALA A 172 -42.10 -12.60 16.05
CA ALA A 172 -42.83 -11.68 16.93
C ALA A 172 -44.25 -12.14 17.18
N LYS A 173 -44.90 -12.74 16.17
CA LYS A 173 -46.28 -13.24 16.30
C LYS A 173 -46.29 -14.39 17.30
N TYR A 174 -45.44 -15.42 17.06
CA TYR A 174 -45.32 -16.62 17.88
C TYR A 174 -44.71 -16.35 19.25
N LEU A 175 -43.87 -15.32 19.38
CA LEU A 175 -43.30 -14.98 20.68
C LEU A 175 -44.41 -14.43 21.56
N LEU A 176 -45.18 -13.46 21.05
CA LEU A 176 -46.29 -12.86 21.78
C LEU A 176 -47.40 -13.88 22.06
N GLU A 177 -47.67 -14.80 21.08
CA GLU A 177 -48.68 -15.86 21.20
C GLU A 177 -48.39 -16.81 22.35
N THR A 178 -47.16 -17.37 22.38
CA THR A 178 -46.72 -18.36 23.35
C THR A 178 -46.19 -17.80 24.66
N SER A 179 -45.94 -16.49 24.77
CA SER A 179 -45.36 -15.98 26.03
C SER A 179 -45.91 -14.64 26.55
N GLY A 180 -46.67 -13.92 25.72
CA GLY A 180 -47.26 -12.65 26.13
C GLY A 180 -46.39 -11.41 26.06
N ASN A 181 -45.07 -11.58 25.86
CA ASN A 181 -44.11 -10.47 25.76
C ASN A 181 -43.33 -10.57 24.46
N LEU A 182 -42.52 -9.53 24.14
CA LEU A 182 -41.63 -9.51 22.97
C LEU A 182 -40.16 -9.37 23.37
N ASP A 183 -39.83 -9.84 24.59
CA ASP A 183 -38.49 -9.77 25.16
C ASP A 183 -37.50 -10.63 24.41
N GLY A 184 -36.37 -10.02 24.08
CA GLY A 184 -35.28 -10.66 23.36
C GLY A 184 -35.58 -11.03 21.92
N LEU A 185 -36.63 -10.42 21.31
CA LEU A 185 -36.98 -10.67 19.92
C LEU A 185 -35.77 -10.37 19.00
N GLU A 186 -35.03 -9.27 19.28
CA GLU A 186 -33.84 -8.81 18.56
C GLU A 186 -32.64 -9.82 18.56
N TYR A 187 -32.64 -10.80 19.48
CA TYR A 187 -31.60 -11.84 19.51
C TYR A 187 -32.11 -13.22 19.06
N LYS A 188 -33.24 -13.28 18.34
CA LYS A 188 -33.87 -14.56 17.94
C LYS A 188 -33.48 -15.06 16.55
N LEU A 189 -32.91 -14.20 15.71
CA LEU A 189 -32.49 -14.62 14.39
C LEU A 189 -31.04 -14.18 14.19
N HIS A 190 -30.15 -15.14 14.30
CA HIS A 190 -28.71 -14.93 14.23
C HIS A 190 -28.21 -15.20 12.84
N ASP A 191 -27.34 -14.31 12.38
CA ASP A 191 -26.72 -14.39 11.09
C ASP A 191 -25.56 -15.39 11.18
N PHE A 192 -25.66 -16.48 10.41
CA PHE A 192 -24.67 -17.58 10.32
C PHE A 192 -24.06 -17.63 8.90
N GLY A 193 -24.39 -16.62 8.10
CA GLY A 193 -24.13 -16.53 6.66
C GLY A 193 -22.83 -16.16 6.04
N TYR A 194 -21.83 -15.77 6.82
CA TYR A 194 -20.52 -15.33 6.32
C TYR A 194 -19.87 -16.30 5.27
N ARG A 195 -19.81 -17.61 5.55
CA ARG A 195 -19.22 -18.61 4.63
C ARG A 195 -20.10 -18.94 3.42
N GLY A 196 -21.44 -18.77 3.58
CA GLY A 196 -22.43 -19.11 2.59
C GLY A 196 -22.74 -18.07 1.54
N VAL A 197 -22.05 -16.91 1.56
CA VAL A 197 -22.23 -15.81 0.58
C VAL A 197 -21.14 -15.87 -0.50
N SER A 198 -21.36 -15.19 -1.62
CA SER A 198 -20.48 -15.21 -2.77
C SER A 198 -19.16 -14.43 -2.67
N SER A 199 -19.07 -13.47 -1.75
CA SER A 199 -17.88 -12.63 -1.57
C SER A 199 -17.83 -11.95 -0.20
N GLN A 200 -16.65 -11.43 0.13
CA GLN A 200 -16.36 -10.71 1.37
C GLN A 200 -17.20 -9.45 1.43
N GLU A 201 -17.40 -8.78 0.27
CA GLU A 201 -18.17 -7.56 0.20
C GLU A 201 -19.67 -7.80 0.42
N THR A 202 -20.22 -8.87 -0.15
CA THR A 202 -21.63 -9.29 -0.02
C THR A 202 -21.94 -9.58 1.44
N ALA A 203 -20.95 -10.12 2.16
CA ALA A 203 -21.05 -10.48 3.56
C ALA A 203 -21.33 -9.26 4.42
N GLY A 204 -20.51 -8.23 4.27
CA GLY A 204 -20.68 -6.98 4.98
C GLY A 204 -21.99 -6.33 4.67
N ILE A 205 -22.39 -6.32 3.36
CA ILE A 205 -23.63 -5.67 2.89
C ILE A 205 -24.83 -6.38 3.45
N GLY A 206 -24.83 -7.72 3.32
CA GLY A 206 -25.90 -8.60 3.75
C GLY A 206 -26.09 -8.57 5.25
N ALA A 207 -24.99 -8.74 6.01
CA ALA A 207 -24.98 -8.69 7.48
C ALA A 207 -25.52 -7.38 7.99
N SER A 208 -25.10 -6.25 7.38
CA SER A 208 -25.55 -4.91 7.75
C SER A 208 -27.08 -4.76 7.53
N ALA A 209 -27.64 -5.37 6.46
CA ALA A 209 -29.08 -5.33 6.17
C ALA A 209 -29.92 -6.09 7.21
N HIS A 210 -29.43 -7.24 7.69
CA HIS A 210 -30.05 -8.04 8.72
C HIS A 210 -30.02 -7.27 10.07
N LEU A 211 -28.93 -6.55 10.33
CA LEU A 211 -28.72 -5.78 11.56
C LEU A 211 -29.63 -4.56 11.65
N VAL A 212 -30.44 -4.31 10.61
CA VAL A 212 -31.49 -3.27 10.57
C VAL A 212 -32.64 -3.79 11.45
N ASN A 213 -32.80 -5.12 11.54
CA ASN A 213 -33.92 -5.73 12.26
C ASN A 213 -33.53 -6.47 13.50
N PHE A 214 -32.29 -6.98 13.53
CA PHE A 214 -31.76 -7.78 14.63
C PHE A 214 -30.46 -7.24 15.18
N LYS A 215 -29.99 -7.84 16.28
CA LYS A 215 -28.77 -7.39 16.95
C LYS A 215 -27.75 -8.48 17.02
N GLY A 216 -28.15 -9.69 16.65
CA GLY A 216 -27.27 -10.85 16.68
C GLY A 216 -26.64 -11.21 15.36
N THR A 217 -25.28 -11.18 15.32
CA THR A 217 -24.53 -11.55 14.12
C THR A 217 -23.17 -12.24 14.39
N ASP A 218 -22.82 -13.16 13.50
CA ASP A 218 -21.53 -13.84 13.47
C ASP A 218 -20.79 -13.37 12.22
N THR A 219 -21.51 -12.64 11.32
CA THR A 219 -20.87 -12.05 10.14
C THR A 219 -20.18 -10.72 10.55
N VAL A 220 -18.96 -10.83 11.13
CA VAL A 220 -18.14 -9.70 11.62
C VAL A 220 -18.03 -8.54 10.57
N ALA A 221 -17.90 -8.87 9.28
CA ALA A 221 -17.83 -7.91 8.16
C ALA A 221 -18.88 -6.76 8.20
N GLY A 222 -20.12 -7.06 8.62
CA GLY A 222 -21.25 -6.15 8.73
C GLY A 222 -21.06 -5.03 9.73
N LEU A 223 -20.31 -5.30 10.80
CA LEU A 223 -19.95 -4.33 11.84
C LEU A 223 -19.16 -3.13 11.30
N ALA A 224 -18.10 -3.37 10.52
CA ALA A 224 -17.27 -2.31 9.93
C ALA A 224 -18.00 -1.52 8.84
N LEU A 225 -18.86 -2.18 8.08
CA LEU A 225 -19.61 -1.50 7.02
C LEU A 225 -20.55 -0.41 7.62
N ILE A 226 -21.33 -0.77 8.64
CA ILE A 226 -22.22 0.13 9.37
C ILE A 226 -21.42 1.31 9.92
N LYS A 227 -20.36 1.01 10.67
CA LYS A 227 -19.47 1.99 11.29
C LYS A 227 -18.92 3.00 10.24
N LYS A 228 -18.45 2.51 9.09
CA LYS A 228 -17.92 3.38 8.06
C LYS A 228 -18.98 4.14 7.25
N TYR A 229 -20.11 3.52 6.91
CA TYR A 229 -21.02 4.21 5.98
C TYR A 229 -22.25 4.81 6.58
N TYR A 230 -22.58 4.45 7.82
CA TYR A 230 -23.78 4.90 8.50
C TYR A 230 -23.50 5.52 9.83
N GLY A 231 -22.78 4.80 10.66
CA GLY A 231 -22.44 5.20 12.02
C GLY A 231 -23.55 4.84 12.99
N THR A 232 -23.19 4.80 14.28
CA THR A 232 -24.08 4.50 15.38
C THR A 232 -23.59 5.15 16.69
N LYS A 233 -24.53 5.48 17.58
CA LYS A 233 -24.20 6.03 18.90
C LYS A 233 -23.81 4.87 19.84
N ASP A 234 -24.20 3.64 19.47
CA ASP A 234 -23.99 2.40 20.21
C ASP A 234 -22.55 1.95 20.15
N PRO A 235 -22.07 1.10 21.09
CA PRO A 235 -20.68 0.64 21.03
C PRO A 235 -20.38 -0.23 19.81
N VAL A 236 -21.30 -1.14 19.47
CA VAL A 236 -21.22 -2.04 18.31
C VAL A 236 -22.60 -2.13 17.69
N PRO A 237 -22.68 -2.29 16.35
CA PRO A 237 -24.00 -2.53 15.73
C PRO A 237 -24.57 -3.91 16.05
N GLY A 238 -23.72 -4.89 16.36
CA GLY A 238 -24.14 -6.27 16.62
C GLY A 238 -23.35 -7.00 17.68
N TYR A 239 -23.97 -8.06 18.24
CA TYR A 239 -23.44 -8.89 19.31
C TYR A 239 -23.47 -10.38 18.97
N SER A 240 -22.54 -11.13 19.59
CA SER A 240 -22.44 -12.58 19.48
C SER A 240 -22.09 -13.17 20.84
N VAL A 241 -22.12 -14.51 20.93
CA VAL A 241 -21.82 -15.29 22.12
C VAL A 241 -20.75 -16.31 21.75
N PRO A 242 -19.93 -16.77 22.73
CA PRO A 242 -18.96 -17.83 22.41
C PRO A 242 -19.72 -19.09 21.98
N ALA A 243 -19.18 -19.84 21.00
CA ALA A 243 -19.82 -21.02 20.47
C ALA A 243 -18.83 -22.01 19.94
N ALA A 244 -19.25 -23.30 19.91
CA ALA A 244 -18.40 -24.38 19.43
C ALA A 244 -18.68 -24.77 17.99
N GLU A 245 -17.69 -25.40 17.36
CA GLU A 245 -17.86 -25.95 16.03
C GLU A 245 -17.57 -27.44 16.08
N HIS A 246 -17.88 -28.19 15.00
CA HIS A 246 -17.61 -29.63 15.06
C HIS A 246 -16.16 -29.90 15.33
N SER A 247 -15.25 -29.11 14.73
CA SER A 247 -13.81 -29.23 14.93
C SER A 247 -13.40 -29.12 16.40
N THR A 248 -13.94 -28.15 17.16
CA THR A 248 -13.55 -27.98 18.56
C THR A 248 -14.17 -29.05 19.46
N ILE A 249 -15.08 -29.90 18.93
CA ILE A 249 -15.66 -31.02 19.67
C ILE A 249 -14.94 -32.34 19.30
N THR A 250 -14.90 -32.63 17.99
CA THR A 250 -14.35 -33.84 17.39
C THR A 250 -12.83 -34.03 17.65
N ALA A 251 -12.05 -32.91 17.77
CA ALA A 251 -10.60 -32.89 18.05
C ALA A 251 -10.23 -33.62 19.35
N TRP A 252 -11.18 -33.69 20.28
CA TRP A 252 -11.04 -34.40 21.55
C TRP A 252 -11.10 -35.94 21.37
N GLY A 253 -11.67 -36.39 20.24
CA GLY A 253 -11.84 -37.80 19.89
C GLY A 253 -13.25 -38.26 20.18
N LYS A 254 -13.78 -39.24 19.38
CA LYS A 254 -15.16 -39.77 19.54
C LYS A 254 -15.53 -40.14 20.98
N ASP A 255 -14.57 -40.74 21.70
CA ASP A 255 -14.66 -41.21 23.08
C ASP A 255 -14.61 -40.09 24.13
N HIS A 256 -14.31 -38.85 23.73
CA HIS A 256 -14.17 -37.74 24.67
C HIS A 256 -15.10 -36.57 24.37
N GLU A 257 -16.30 -36.87 23.79
CA GLU A 257 -17.34 -35.86 23.50
C GLU A 257 -17.83 -35.21 24.80
N LYS A 258 -17.64 -35.88 25.94
CA LYS A 258 -18.01 -35.39 27.28
C LYS A 258 -17.00 -34.35 27.76
N ASP A 259 -15.70 -34.64 27.60
CA ASP A 259 -14.60 -33.78 28.03
C ASP A 259 -14.56 -32.49 27.23
N ALA A 260 -14.95 -32.57 25.92
CA ALA A 260 -15.06 -31.41 25.03
C ALA A 260 -16.12 -30.50 25.62
N PHE A 261 -17.32 -31.06 25.88
CA PHE A 261 -18.47 -30.35 26.44
C PHE A 261 -18.15 -29.77 27.82
N GLU A 262 -17.42 -30.53 28.64
CA GLU A 262 -17.03 -30.18 30.02
C GLU A 262 -16.10 -28.97 30.05
N HIS A 263 -15.07 -28.97 29.19
CA HIS A 263 -14.07 -27.92 29.08
C HIS A 263 -14.69 -26.65 28.55
N ILE A 264 -15.52 -26.77 27.47
CA ILE A 264 -16.17 -25.64 26.80
C ILE A 264 -17.11 -24.88 27.73
N VAL A 265 -17.98 -25.60 28.46
CA VAL A 265 -18.95 -24.96 29.37
C VAL A 265 -18.23 -24.32 30.58
N THR A 266 -17.07 -24.88 30.98
CA THR A 266 -16.28 -24.36 32.10
C THR A 266 -15.51 -23.08 31.68
N GLN A 267 -14.94 -23.07 30.45
CA GLN A 267 -14.20 -21.90 29.94
C GLN A 267 -15.12 -20.70 29.86
N PHE A 268 -16.37 -20.92 29.39
CA PHE A 268 -17.38 -19.87 29.21
C PHE A 268 -18.54 -20.13 30.17
N SER A 269 -18.27 -20.04 31.48
CA SER A 269 -19.28 -20.28 32.51
C SER A 269 -20.04 -19.01 32.96
N SER A 270 -19.44 -17.81 32.75
CA SER A 270 -20.00 -16.49 33.10
C SER A 270 -20.73 -15.81 31.91
N VAL A 271 -20.74 -16.47 30.73
CA VAL A 271 -21.38 -15.95 29.51
C VAL A 271 -22.22 -17.05 28.83
N PRO A 272 -23.25 -16.71 28.00
CA PRO A 272 -23.97 -17.80 27.30
C PRO A 272 -23.03 -18.50 26.31
N VAL A 273 -23.18 -19.82 26.13
CA VAL A 273 -22.31 -20.58 25.24
C VAL A 273 -23.14 -21.55 24.39
N SER A 274 -22.90 -21.55 23.06
CA SER A 274 -23.61 -22.43 22.14
C SER A 274 -22.75 -23.63 21.88
N VAL A 275 -23.21 -24.78 22.26
CA VAL A 275 -22.40 -25.98 22.07
C VAL A 275 -23.11 -26.88 21.10
N VAL A 276 -22.55 -27.00 19.87
CA VAL A 276 -23.06 -27.89 18.83
C VAL A 276 -23.02 -29.32 19.45
N SER A 277 -24.13 -30.08 19.36
CA SER A 277 -24.24 -31.37 20.06
C SER A 277 -24.60 -32.60 19.19
N ASP A 278 -24.55 -32.45 17.85
CA ASP A 278 -24.90 -33.47 16.86
C ASP A 278 -23.67 -34.17 16.25
N SER A 279 -22.46 -33.90 16.77
CA SER A 279 -21.20 -34.41 16.24
C SER A 279 -21.24 -35.91 15.87
N TYR A 280 -21.89 -36.77 16.71
CA TYR A 280 -22.05 -38.21 16.47
C TYR A 280 -23.50 -38.71 16.71
N ASP A 281 -24.17 -38.21 17.77
CA ASP A 281 -25.54 -38.54 18.14
C ASP A 281 -26.10 -37.48 19.07
N ILE A 282 -26.95 -36.62 18.51
CA ILE A 282 -27.61 -35.50 19.18
C ILE A 282 -28.49 -35.95 20.36
N TYR A 283 -29.31 -36.99 20.19
CA TYR A 283 -30.24 -37.47 21.19
C TYR A 283 -29.52 -38.03 22.39
N ASN A 284 -28.41 -38.73 22.13
CA ASN A 284 -27.53 -39.29 23.15
C ASN A 284 -26.83 -38.17 23.94
N ALA A 285 -26.36 -37.11 23.24
CA ALA A 285 -25.70 -35.94 23.86
C ALA A 285 -26.64 -35.21 24.85
N CYS A 286 -27.93 -35.11 24.48
CA CYS A 286 -28.91 -34.44 25.31
C CYS A 286 -29.35 -35.25 26.50
N GLU A 287 -29.54 -36.57 26.32
CA GLU A 287 -29.99 -37.46 27.38
C GLU A 287 -28.91 -37.89 28.37
N LYS A 288 -27.72 -38.30 27.87
CA LYS A 288 -26.65 -38.83 28.72
C LYS A 288 -25.62 -37.78 29.14
N ILE A 289 -25.09 -37.00 28.18
CA ILE A 289 -24.05 -36.01 28.51
C ILE A 289 -24.65 -34.82 29.28
N TRP A 290 -25.53 -34.01 28.63
CA TRP A 290 -26.13 -32.83 29.27
C TRP A 290 -27.10 -33.19 30.42
N GLY A 291 -28.01 -34.12 30.15
CA GLY A 291 -29.07 -34.53 31.08
C GLY A 291 -28.64 -35.33 32.29
N GLU A 292 -27.41 -35.88 32.28
CA GLU A 292 -26.94 -36.71 33.39
C GLU A 292 -25.50 -36.43 33.83
N ASP A 293 -24.51 -36.72 32.97
CA ASP A 293 -23.09 -36.63 33.30
C ASP A 293 -22.58 -35.22 33.61
N LEU A 294 -23.10 -34.21 32.91
CA LEU A 294 -22.66 -32.82 33.11
C LEU A 294 -23.79 -31.90 33.60
N ARG A 295 -24.89 -32.50 34.11
CA ARG A 295 -26.08 -31.81 34.61
C ARG A 295 -25.75 -30.78 35.70
N HIS A 296 -24.81 -31.12 36.62
CA HIS A 296 -24.34 -30.28 37.73
C HIS A 296 -23.65 -29.00 37.25
N LEU A 297 -23.12 -29.04 36.00
CA LEU A 297 -22.47 -27.90 35.37
C LEU A 297 -23.50 -27.02 34.66
N ILE A 298 -24.74 -27.55 34.44
CA ILE A 298 -25.85 -26.86 33.74
C ILE A 298 -26.78 -26.12 34.71
N VAL A 299 -27.28 -26.82 35.74
CA VAL A 299 -28.23 -26.27 36.71
C VAL A 299 -27.66 -25.11 37.53
N SER A 300 -26.32 -25.04 37.64
CA SER A 300 -25.58 -24.00 38.35
C SER A 300 -25.50 -22.68 37.56
N ARG A 301 -25.58 -22.77 36.22
CA ARG A 301 -25.43 -21.64 35.30
C ARG A 301 -26.43 -20.50 35.51
N SER A 302 -25.98 -19.27 35.23
CA SER A 302 -26.71 -18.02 35.38
C SER A 302 -27.82 -17.83 34.33
N THR A 303 -28.78 -16.95 34.64
CA THR A 303 -29.90 -16.56 33.76
C THR A 303 -29.31 -15.68 32.65
N GLN A 304 -28.16 -15.03 32.94
CA GLN A 304 -27.41 -14.18 32.02
C GLN A 304 -26.31 -14.99 31.27
N ALA A 305 -26.12 -16.27 31.64
CA ALA A 305 -25.10 -17.18 31.07
C ALA A 305 -25.64 -18.61 30.79
N PRO A 306 -26.75 -18.79 30.03
CA PRO A 306 -27.27 -20.15 29.81
C PRO A 306 -26.50 -21.01 28.82
N LEU A 307 -26.75 -22.33 28.86
CA LEU A 307 -26.18 -23.24 27.89
C LEU A 307 -27.16 -23.28 26.70
N ILE A 308 -26.65 -23.02 25.48
CA ILE A 308 -27.48 -23.04 24.28
C ILE A 308 -27.11 -24.30 23.49
N ILE A 309 -27.95 -25.34 23.57
CA ILE A 309 -27.73 -26.60 22.84
C ILE A 309 -27.98 -26.41 21.35
N ARG A 310 -27.05 -26.88 20.51
CA ARG A 310 -27.23 -26.73 19.08
C ARG A 310 -27.28 -28.04 18.26
N PRO A 311 -28.49 -28.47 17.81
CA PRO A 311 -28.54 -29.54 16.79
C PRO A 311 -28.18 -28.90 15.44
N ASP A 312 -27.55 -29.65 14.52
CA ASP A 312 -27.15 -29.07 13.23
C ASP A 312 -27.36 -30.00 12.04
N SER A 313 -28.19 -31.01 12.21
CA SER A 313 -28.47 -32.04 11.21
C SER A 313 -29.86 -32.65 11.46
N GLY A 314 -30.37 -33.35 10.44
CA GLY A 314 -31.69 -33.98 10.44
C GLY A 314 -32.77 -33.00 10.03
N ASN A 315 -34.05 -33.42 10.18
CA ASN A 315 -35.21 -32.58 9.83
C ASN A 315 -35.30 -31.47 10.87
N PRO A 316 -35.21 -30.17 10.45
CA PRO A 316 -35.18 -29.08 11.43
C PRO A 316 -36.28 -29.09 12.49
N LEU A 317 -37.58 -29.25 12.09
CA LEU A 317 -38.72 -29.30 13.01
C LEU A 317 -38.72 -30.59 13.83
N ASP A 318 -38.48 -31.74 13.19
CA ASP A 318 -38.44 -33.03 13.90
C ASP A 318 -37.35 -33.04 14.98
N THR A 319 -36.10 -32.67 14.60
CA THR A 319 -34.93 -32.65 15.50
C THR A 319 -35.15 -31.73 16.69
N VAL A 320 -35.70 -30.53 16.43
CA VAL A 320 -36.03 -29.51 17.44
C VAL A 320 -36.95 -30.10 18.54
N LEU A 321 -38.05 -30.79 18.14
CA LEU A 321 -39.02 -31.38 19.06
C LEU A 321 -38.49 -32.54 19.89
N LYS A 322 -37.70 -33.44 19.28
CA LYS A 322 -37.10 -34.59 19.96
C LYS A 322 -36.13 -34.12 21.05
N VAL A 323 -35.34 -33.08 20.74
CA VAL A 323 -34.37 -32.46 21.63
C VAL A 323 -35.07 -31.90 22.88
N LEU A 324 -36.05 -30.99 22.66
CA LEU A 324 -36.84 -30.29 23.69
C LEU A 324 -37.49 -31.25 24.68
N GLU A 325 -38.14 -32.33 24.18
CA GLU A 325 -38.80 -33.26 25.10
C GLU A 325 -37.81 -34.03 25.94
N ILE A 326 -36.65 -34.44 25.35
CA ILE A 326 -35.59 -35.12 26.10
C ILE A 326 -35.19 -34.22 27.27
N LEU A 327 -34.98 -32.93 26.99
CA LEU A 327 -34.65 -31.93 28.00
C LEU A 327 -35.78 -31.72 29.03
N GLY A 328 -37.02 -31.98 28.62
CA GLY A 328 -38.20 -31.87 29.49
C GLY A 328 -38.22 -32.95 30.54
N LYS A 329 -37.65 -34.14 30.21
CA LYS A 329 -37.53 -35.31 31.09
C LYS A 329 -36.39 -35.11 32.08
N LYS A 330 -35.20 -34.73 31.57
CA LYS A 330 -33.95 -34.56 32.29
C LYS A 330 -33.79 -33.22 33.04
N PHE A 331 -34.65 -32.23 32.76
CA PHE A 331 -34.60 -30.92 33.41
C PHE A 331 -36.03 -30.46 33.74
N PRO A 332 -36.24 -29.68 34.83
CA PRO A 332 -37.62 -29.24 35.15
C PRO A 332 -38.20 -28.19 34.20
N VAL A 333 -39.25 -28.59 33.45
CA VAL A 333 -39.97 -27.75 32.49
C VAL A 333 -41.24 -27.17 33.13
N THR A 334 -41.34 -25.83 33.13
CA THR A 334 -42.41 -25.02 33.72
C THR A 334 -43.46 -24.63 32.68
N GLU A 335 -44.73 -24.49 33.10
CA GLU A 335 -45.79 -24.02 32.21
C GLU A 335 -45.91 -22.51 32.41
N ASN A 336 -45.94 -21.74 31.31
CA ASN A 336 -46.03 -20.29 31.40
C ASN A 336 -47.47 -19.77 31.49
N SER A 337 -47.63 -18.44 31.36
CA SER A 337 -48.90 -17.72 31.42
C SER A 337 -49.86 -18.13 30.29
N LYS A 338 -49.32 -18.57 29.15
CA LYS A 338 -50.16 -18.95 28.01
C LYS A 338 -50.45 -20.47 27.95
N GLY A 339 -49.75 -21.25 28.77
CA GLY A 339 -49.92 -22.69 28.84
C GLY A 339 -48.84 -23.47 28.10
N TYR A 340 -47.83 -22.75 27.59
CA TYR A 340 -46.71 -23.27 26.83
C TYR A 340 -45.52 -23.67 27.71
N LYS A 341 -44.94 -24.85 27.41
CA LYS A 341 -43.81 -25.45 28.11
C LYS A 341 -42.54 -24.60 27.96
N LEU A 342 -41.85 -24.36 29.08
CA LEU A 342 -40.66 -23.51 29.17
C LEU A 342 -39.52 -24.19 29.94
N LEU A 343 -38.38 -24.38 29.25
CA LEU A 343 -37.15 -24.96 29.80
C LEU A 343 -36.58 -24.03 30.89
N PRO A 344 -35.76 -24.54 31.84
CA PRO A 344 -35.18 -23.64 32.86
C PRO A 344 -34.31 -22.51 32.26
N PRO A 345 -34.19 -21.33 32.94
CA PRO A 345 -33.48 -20.18 32.33
C PRO A 345 -32.04 -20.43 31.92
N TYR A 346 -31.35 -21.36 32.61
CA TYR A 346 -29.98 -21.73 32.29
C TYR A 346 -29.90 -22.66 31.06
N LEU A 347 -31.06 -23.08 30.50
CA LEU A 347 -31.05 -23.98 29.36
C LEU A 347 -31.89 -23.50 28.20
N ARG A 348 -31.21 -23.21 27.07
CA ARG A 348 -31.85 -22.78 25.81
C ARG A 348 -31.39 -23.65 24.65
N VAL A 349 -31.98 -23.44 23.47
CA VAL A 349 -31.67 -24.18 22.24
C VAL A 349 -31.50 -23.19 21.04
N ILE A 350 -30.70 -23.58 20.03
CA ILE A 350 -30.50 -22.85 18.78
C ILE A 350 -30.67 -23.82 17.61
N GLN A 351 -31.52 -23.48 16.65
CA GLN A 351 -31.67 -24.29 15.45
C GLN A 351 -30.99 -23.46 14.35
N GLY A 352 -29.77 -23.88 14.00
CA GLY A 352 -28.92 -23.21 13.03
C GLY A 352 -28.70 -23.98 11.73
N ASP A 353 -29.64 -24.84 11.39
CA ASP A 353 -29.50 -25.60 10.17
C ASP A 353 -30.82 -25.70 9.42
N GLY A 354 -30.72 -25.55 8.10
CA GLY A 354 -31.83 -25.60 7.15
C GLY A 354 -32.88 -24.54 7.39
N VAL A 355 -32.46 -23.40 8.01
CA VAL A 355 -33.36 -22.32 8.37
C VAL A 355 -33.39 -21.23 7.30
N ASP A 356 -34.61 -20.99 6.80
CA ASP A 356 -35.01 -19.91 5.93
C ASP A 356 -36.41 -19.45 6.42
N ILE A 357 -37.03 -18.48 5.73
CA ILE A 357 -38.33 -17.88 6.03
C ILE A 357 -39.45 -18.93 6.11
N ASN A 358 -39.41 -19.95 5.23
CA ASN A 358 -40.39 -21.04 5.14
C ASN A 358 -40.28 -22.03 6.28
N THR A 359 -39.09 -22.62 6.47
CA THR A 359 -38.81 -23.60 7.51
C THR A 359 -38.91 -22.96 8.90
N LEU A 360 -38.55 -21.67 9.03
CA LEU A 360 -38.66 -20.90 10.28
C LEU A 360 -40.14 -20.95 10.73
N GLN A 361 -41.05 -20.64 9.79
CA GLN A 361 -42.50 -20.67 9.94
C GLN A 361 -42.99 -22.09 10.40
N GLU A 362 -42.48 -23.15 9.74
CA GLU A 362 -42.82 -24.53 10.05
C GLU A 362 -42.38 -24.96 11.45
N ILE A 363 -41.22 -24.45 11.94
CA ILE A 363 -40.68 -24.80 13.26
C ILE A 363 -41.50 -24.13 14.37
N VAL A 364 -41.66 -22.79 14.28
CA VAL A 364 -42.42 -22.03 15.29
C VAL A 364 -43.89 -22.51 15.36
N GLU A 365 -44.52 -22.89 14.22
CA GLU A 365 -45.89 -23.44 14.13
C GLU A 365 -45.95 -24.80 14.84
N GLY A 366 -44.93 -25.63 14.61
CA GLY A 366 -44.79 -26.96 15.20
C GLY A 366 -44.59 -26.87 16.70
N MET A 367 -43.71 -25.93 17.14
CA MET A 367 -43.43 -25.68 18.56
C MET A 367 -44.74 -25.26 19.26
N LYS A 368 -45.56 -24.41 18.58
CA LYS A 368 -46.87 -23.93 19.07
C LYS A 368 -47.86 -25.10 19.20
N GLN A 369 -47.95 -25.97 18.17
CA GLN A 369 -48.79 -27.18 18.10
C GLN A 369 -48.44 -28.25 19.17
N LYS A 370 -47.17 -28.30 19.62
CA LYS A 370 -46.69 -29.24 20.63
C LYS A 370 -46.52 -28.54 21.97
N MET A 371 -47.17 -27.36 22.11
CA MET A 371 -47.24 -26.49 23.29
C MET A 371 -45.85 -26.11 23.90
N TRP A 372 -44.86 -25.70 23.08
CA TRP A 372 -43.55 -25.26 23.57
C TRP A 372 -43.41 -23.75 23.33
N SER A 373 -42.96 -22.98 24.35
CA SER A 373 -42.79 -21.52 24.20
C SER A 373 -41.60 -21.18 23.29
N ILE A 374 -41.72 -20.12 22.49
CA ILE A 374 -40.68 -19.66 21.55
C ILE A 374 -39.55 -18.95 22.32
N GLU A 375 -39.75 -18.71 23.65
CA GLU A 375 -38.74 -18.17 24.58
C GLU A 375 -37.56 -19.14 24.65
N ASN A 376 -37.84 -20.44 24.48
CA ASN A 376 -36.92 -21.58 24.56
C ASN A 376 -35.87 -21.64 23.47
N ILE A 377 -36.15 -20.99 22.33
CA ILE A 377 -35.29 -21.12 21.15
C ILE A 377 -34.91 -19.79 20.51
N ALA A 378 -33.89 -19.87 19.65
CA ALA A 378 -33.37 -18.84 18.78
C ALA A 378 -33.12 -19.56 17.44
N PHE A 379 -32.86 -18.80 16.37
CA PHE A 379 -32.60 -19.35 15.06
C PHE A 379 -31.32 -18.83 14.48
N GLY A 380 -30.63 -19.72 13.78
CA GLY A 380 -29.38 -19.47 13.08
C GLY A 380 -29.61 -19.70 11.61
N SER A 381 -29.43 -18.63 10.83
CA SER A 381 -29.64 -18.68 9.39
C SER A 381 -28.48 -18.08 8.66
N GLY A 382 -27.96 -18.81 7.70
CA GLY A 382 -26.83 -18.45 6.86
C GLY A 382 -27.23 -18.16 5.44
N GLY A 383 -27.02 -19.14 4.57
CA GLY A 383 -27.37 -19.10 3.15
C GLY A 383 -28.80 -18.66 2.86
N GLY A 384 -29.75 -19.11 3.68
CA GLY A 384 -31.17 -18.75 3.51
C GLY A 384 -31.44 -17.29 3.77
N LEU A 385 -30.62 -16.71 4.68
CA LEU A 385 -30.68 -15.33 5.12
C LEU A 385 -29.98 -14.35 4.19
N LEU A 386 -28.79 -14.69 3.69
CA LEU A 386 -27.99 -13.76 2.92
C LEU A 386 -27.67 -14.17 1.50
N GLN A 387 -28.01 -15.40 1.06
CA GLN A 387 -27.60 -15.80 -0.28
C GLN A 387 -28.72 -16.29 -1.19
N LYS A 388 -29.66 -17.06 -0.63
CA LYS A 388 -30.76 -17.65 -1.39
C LYS A 388 -31.84 -16.58 -1.61
N LEU A 389 -31.42 -15.46 -2.25
CA LEU A 389 -32.23 -14.27 -2.57
C LEU A 389 -31.81 -13.74 -3.96
N THR A 390 -32.75 -13.31 -4.81
CA THR A 390 -32.54 -12.78 -6.16
C THR A 390 -33.23 -11.44 -6.36
N ARG A 391 -32.91 -10.76 -7.46
CA ARG A 391 -33.45 -9.45 -7.82
C ARG A 391 -34.92 -9.50 -8.16
N ASP A 392 -35.39 -10.71 -8.54
CA ASP A 392 -36.76 -11.02 -8.91
C ASP A 392 -37.69 -11.22 -7.73
N LEU A 393 -37.14 -11.55 -6.54
CA LEU A 393 -37.98 -11.77 -5.39
C LEU A 393 -38.90 -10.57 -5.19
N LEU A 394 -38.35 -9.33 -5.31
CA LEU A 394 -39.10 -8.10 -5.14
C LEU A 394 -39.27 -7.31 -6.42
N ASN A 395 -38.92 -7.91 -7.60
CA ASN A 395 -38.90 -7.25 -8.92
C ASN A 395 -38.25 -5.90 -8.83
N CYS A 396 -37.05 -5.85 -8.27
CA CYS A 396 -36.26 -4.63 -8.13
C CYS A 396 -35.81 -4.20 -9.51
N SER A 397 -36.25 -3.00 -9.94
CA SER A 397 -36.03 -2.59 -11.32
C SER A 397 -35.77 -1.11 -11.46
N PHE A 398 -34.88 -0.75 -12.40
CA PHE A 398 -34.50 0.62 -12.74
C PHE A 398 -34.95 0.96 -14.17
N LYS A 399 -35.76 2.02 -14.35
CA LYS A 399 -36.25 2.33 -15.69
C LYS A 399 -36.27 3.80 -15.95
N CYS A 400 -36.21 4.16 -17.23
CA CYS A 400 -36.32 5.53 -17.68
C CYS A 400 -37.80 5.84 -17.82
N SER A 401 -38.24 6.93 -17.17
CA SER A 401 -39.61 7.39 -17.18
C SER A 401 -39.79 8.73 -17.87
N TYR A 402 -38.73 9.48 -18.03
CA TYR A 402 -38.84 10.83 -18.58
C TYR A 402 -37.59 11.25 -19.32
N VAL A 403 -37.77 12.01 -20.40
CA VAL A 403 -36.68 12.41 -21.27
C VAL A 403 -36.88 13.82 -21.81
N VAL A 404 -35.81 14.60 -21.99
CA VAL A 404 -35.89 15.91 -22.65
C VAL A 404 -34.99 15.80 -23.85
N THR A 405 -35.60 15.94 -25.04
CA THR A 405 -34.95 15.89 -26.33
C THR A 405 -35.35 17.17 -27.05
N ASN A 406 -34.34 18.04 -27.33
CA ASN A 406 -34.49 19.32 -28.07
C ASN A 406 -35.61 20.18 -27.51
N GLY A 407 -35.58 20.34 -26.20
CA GLY A 407 -36.51 21.18 -25.46
C GLY A 407 -37.86 20.60 -25.09
N LEU A 408 -38.19 19.41 -25.60
CA LEU A 408 -39.46 18.72 -25.35
C LEU A 408 -39.29 17.55 -24.37
N GLY A 409 -39.94 17.67 -23.21
CA GLY A 409 -39.98 16.63 -22.21
C GLY A 409 -41.07 15.63 -22.57
N ILE A 410 -40.74 14.33 -22.57
CA ILE A 410 -41.72 13.31 -22.88
C ILE A 410 -41.71 12.25 -21.80
N ASN A 411 -42.90 11.76 -21.47
CA ASN A 411 -43.12 10.72 -20.50
C ASN A 411 -42.96 9.42 -21.23
N VAL A 412 -41.97 8.63 -20.82
CA VAL A 412 -41.63 7.37 -21.47
C VAL A 412 -41.76 6.20 -20.49
N PHE A 413 -42.02 5.03 -21.04
CA PHE A 413 -42.25 3.78 -20.31
C PHE A 413 -42.24 2.61 -21.30
N LYS A 414 -42.06 1.39 -20.80
CA LYS A 414 -42.19 0.13 -21.53
C LYS A 414 -43.53 -0.47 -21.14
N ASP A 415 -44.15 -1.23 -22.08
CA ASP A 415 -45.44 -1.86 -21.90
C ASP A 415 -45.47 -3.11 -22.78
N PRO A 416 -44.70 -4.16 -22.40
CA PRO A 416 -44.66 -5.39 -23.23
C PRO A 416 -46.01 -6.08 -23.27
N VAL A 417 -46.48 -6.46 -24.47
CA VAL A 417 -47.77 -7.12 -24.73
C VAL A 417 -47.97 -8.43 -23.93
N ALA A 418 -46.94 -9.28 -23.85
CA ALA A 418 -47.03 -10.59 -23.18
C ALA A 418 -46.76 -10.57 -21.66
N ASP A 419 -46.52 -9.38 -21.11
CA ASP A 419 -46.27 -9.22 -19.68
C ASP A 419 -46.62 -7.81 -19.19
N PRO A 420 -47.90 -7.62 -18.77
CA PRO A 420 -48.33 -6.31 -18.27
C PRO A 420 -47.70 -5.92 -16.92
N ASN A 421 -47.11 -6.89 -16.21
CA ASN A 421 -46.43 -6.64 -14.95
C ASN A 421 -45.07 -6.02 -15.18
N LYS A 422 -44.59 -6.02 -16.43
CA LYS A 422 -43.34 -5.41 -16.80
C LYS A 422 -43.56 -3.92 -17.19
N ARG A 423 -44.83 -3.46 -17.26
CA ARG A 423 -45.14 -2.05 -17.54
C ARG A 423 -44.50 -1.15 -16.45
N SER A 424 -43.77 -0.09 -16.88
CA SER A 424 -43.11 0.86 -15.99
C SER A 424 -43.93 2.20 -15.90
N LYS A 425 -43.66 3.04 -14.90
CA LYS A 425 -44.29 4.35 -14.64
C LYS A 425 -43.83 5.43 -15.63
N LYS A 426 -44.64 6.48 -15.82
CA LYS A 426 -44.37 7.57 -16.78
C LYS A 426 -44.11 8.93 -16.14
N GLY A 427 -43.22 9.69 -16.77
CA GLY A 427 -42.92 11.06 -16.40
C GLY A 427 -42.18 11.21 -15.10
N ARG A 428 -42.09 12.47 -14.64
CA ARG A 428 -41.40 12.84 -13.44
C ARG A 428 -42.20 12.30 -12.28
N LEU A 429 -41.53 11.68 -11.30
CA LEU A 429 -42.24 10.96 -10.24
C LEU A 429 -42.04 11.54 -8.85
N SER A 430 -42.97 11.24 -7.93
CA SER A 430 -42.86 11.66 -6.55
C SER A 430 -43.65 10.77 -5.63
N LEU A 431 -43.23 10.67 -4.34
CA LEU A 431 -43.88 9.85 -3.31
C LEU A 431 -44.55 10.71 -2.27
N HIS A 432 -45.80 10.42 -1.95
CA HIS A 432 -46.48 11.28 -0.98
C HIS A 432 -47.15 10.52 0.09
N ARG A 433 -47.30 11.16 1.26
CA ARG A 433 -48.06 10.61 2.38
C ARG A 433 -49.52 10.99 2.09
N THR A 434 -50.40 10.00 2.07
CA THR A 434 -51.82 10.20 1.80
C THR A 434 -52.52 10.66 3.07
N PRO A 435 -53.69 11.33 2.99
CA PRO A 435 -54.42 11.73 4.21
C PRO A 435 -54.77 10.61 5.20
N ALA A 436 -54.74 9.33 4.74
CA ALA A 436 -55.02 8.19 5.61
C ALA A 436 -53.75 7.56 6.16
N GLY A 437 -52.61 8.25 5.99
CA GLY A 437 -51.32 7.78 6.47
C GLY A 437 -50.65 6.72 5.65
N ASN A 438 -51.03 6.58 4.38
CA ASN A 438 -50.41 5.62 3.46
C ASN A 438 -49.53 6.37 2.45
N PHE A 439 -49.01 5.66 1.43
CA PHE A 439 -48.12 6.20 0.40
C PHE A 439 -48.76 6.05 -0.97
N VAL A 440 -48.47 6.99 -1.86
CA VAL A 440 -48.90 6.99 -3.25
C VAL A 440 -47.77 7.56 -4.11
N THR A 441 -47.55 6.97 -5.29
CA THR A 441 -46.55 7.48 -6.24
C THR A 441 -47.34 8.28 -7.28
N LEU A 442 -46.98 9.53 -7.49
CA LEU A 442 -47.59 10.35 -8.51
C LEU A 442 -46.70 10.36 -9.71
N GLU A 443 -47.31 10.22 -10.87
CA GLU A 443 -46.62 10.18 -12.14
C GLU A 443 -46.88 11.46 -12.93
N GLU A 444 -46.14 11.62 -14.04
CA GLU A 444 -46.26 12.72 -14.98
C GLU A 444 -46.09 14.11 -14.35
N GLY A 445 -45.31 14.18 -13.28
CA GLY A 445 -45.05 15.46 -12.62
C GLY A 445 -46.21 16.03 -11.85
N LYS A 446 -47.21 15.20 -11.55
CA LYS A 446 -48.37 15.64 -10.80
C LYS A 446 -48.05 15.99 -9.34
N GLY A 447 -46.94 15.48 -8.83
CA GLY A 447 -46.50 15.74 -7.47
C GLY A 447 -46.13 17.19 -7.25
N ASP A 448 -45.95 17.97 -8.33
CA ASP A 448 -45.64 19.42 -8.28
C ASP A 448 -46.81 20.22 -7.71
N LEU A 449 -48.03 19.71 -7.91
CA LEU A 449 -49.27 20.32 -7.43
C LEU A 449 -49.45 20.20 -5.91
N GLU A 450 -48.74 19.25 -5.28
CA GLU A 450 -48.72 18.97 -3.84
C GLU A 450 -50.13 18.79 -3.24
N GLU A 451 -51.03 18.09 -3.96
CA GLU A 451 -52.37 17.74 -3.48
C GLU A 451 -52.30 16.98 -2.12
N TYR A 452 -51.30 16.07 -1.98
CA TYR A 452 -51.04 15.25 -0.78
C TYR A 452 -49.71 15.68 -0.16
N GLY A 453 -49.48 16.98 -0.14
CA GLY A 453 -48.28 17.58 0.42
C GLY A 453 -46.99 17.31 -0.32
N GLN A 454 -45.88 17.61 0.34
CA GLN A 454 -44.53 17.47 -0.17
C GLN A 454 -44.14 16.04 -0.52
N ASP A 455 -43.27 15.94 -1.53
CA ASP A 455 -42.61 14.74 -1.97
C ASP A 455 -41.78 14.19 -0.78
N LEU A 456 -41.87 12.89 -0.52
CA LEU A 456 -41.17 12.18 0.56
C LEU A 456 -39.75 11.76 0.13
N LEU A 457 -39.40 11.92 -1.13
CA LEU A 457 -38.04 11.66 -1.62
C LEU A 457 -37.21 12.91 -1.29
N HIS A 458 -35.97 12.71 -0.87
CA HIS A 458 -35.04 13.79 -0.59
C HIS A 458 -33.82 13.64 -1.43
N THR A 459 -33.15 14.76 -1.73
CA THR A 459 -31.88 14.73 -2.45
C THR A 459 -30.81 14.12 -1.54
N VAL A 460 -30.23 13.00 -1.96
CA VAL A 460 -29.22 12.27 -1.18
C VAL A 460 -27.86 12.40 -1.82
N PHE A 461 -27.85 12.71 -3.12
CA PHE A 461 -26.66 12.88 -3.94
C PHE A 461 -26.88 13.97 -4.98
N LYS A 462 -25.92 14.91 -5.07
CA LYS A 462 -25.94 15.99 -6.06
C LYS A 462 -24.52 16.39 -6.45
N ASN A 463 -24.20 16.27 -7.76
CA ASN A 463 -22.91 16.65 -8.37
C ASN A 463 -21.68 16.18 -7.62
N GLY A 464 -21.61 14.90 -7.30
CA GLY A 464 -20.45 14.31 -6.63
C GLY A 464 -20.44 14.38 -5.11
N LYS A 465 -21.51 14.95 -4.53
CA LYS A 465 -21.63 15.17 -3.09
C LYS A 465 -22.86 14.47 -2.48
N VAL A 466 -22.66 13.79 -1.34
CA VAL A 466 -23.70 13.14 -0.55
C VAL A 466 -24.26 14.28 0.27
N THR A 467 -25.46 14.72 -0.08
CA THR A 467 -26.19 15.87 0.46
C THR A 467 -27.01 15.55 1.70
N LYS A 468 -27.37 14.29 1.89
CA LYS A 468 -28.17 13.84 3.03
C LYS A 468 -27.70 12.41 3.40
N SER A 469 -27.43 12.17 4.71
CA SER A 469 -26.97 10.90 5.28
C SER A 469 -27.81 10.54 6.47
N TYR A 470 -27.98 9.26 6.68
CA TYR A 470 -28.78 8.70 7.75
C TYR A 470 -27.92 7.90 8.68
N SER A 471 -28.24 7.97 9.95
CA SER A 471 -27.52 7.18 10.93
C SER A 471 -28.15 5.80 10.91
N PHE A 472 -27.40 4.77 11.25
CA PHE A 472 -27.95 3.41 11.30
C PHE A 472 -29.03 3.32 12.41
N ASP A 473 -28.95 4.25 13.38
CA ASP A 473 -29.92 4.37 14.47
C ASP A 473 -31.29 4.81 13.97
N GLU A 474 -31.35 5.84 13.08
CA GLU A 474 -32.63 6.29 12.52
C GLU A 474 -33.17 5.30 11.49
N ILE A 475 -32.26 4.55 10.81
CA ILE A 475 -32.66 3.48 9.90
C ILE A 475 -33.43 2.41 10.71
N ARG A 476 -32.84 1.94 11.80
CA ARG A 476 -33.43 0.96 12.72
C ARG A 476 -34.80 1.41 13.23
N LYS A 477 -34.92 2.67 13.65
CA LYS A 477 -36.17 3.25 14.14
C LYS A 477 -37.19 3.29 13.03
N ASN A 478 -36.75 3.60 11.80
CA ASN A 478 -37.63 3.67 10.65
C ASN A 478 -38.20 2.31 10.21
N ALA A 479 -37.39 1.24 10.34
CA ALA A 479 -37.74 -0.16 9.98
C ALA A 479 -38.47 -0.96 11.07
N GLN A 480 -38.75 -0.35 12.20
CA GLN A 480 -39.48 -0.99 13.29
C GLN A 480 -40.85 -1.60 12.88
N LEU A 481 -41.22 -2.72 13.52
CA LEU A 481 -42.52 -3.36 13.24
C LEU A 481 -43.61 -2.52 13.86
N ASN A 482 -44.74 -2.38 13.17
CA ASN A 482 -45.87 -1.62 13.75
C ASN A 482 -46.39 -2.37 14.97
N ILE A 483 -46.51 -3.72 14.83
CA ILE A 483 -46.91 -4.70 15.84
C ILE A 483 -48.22 -4.29 16.56
N ALA B 6 -10.56 2.39 5.91
CA ALA B 6 -10.95 1.17 5.19
C ALA B 6 -9.91 0.08 5.41
N GLU B 7 -9.54 -0.65 4.32
CA GLU B 7 -8.55 -1.73 4.25
C GLU B 7 -9.02 -2.99 4.99
N PHE B 8 -8.78 -4.14 4.35
CA PHE B 8 -9.16 -5.45 4.83
C PHE B 8 -8.32 -5.87 6.05
N ASN B 9 -8.98 -6.40 7.08
CA ASN B 9 -8.36 -6.90 8.28
C ASN B 9 -8.81 -8.35 8.48
N ILE B 10 -7.88 -9.31 8.28
CA ILE B 10 -8.12 -10.77 8.41
C ILE B 10 -8.61 -11.17 9.82
N LEU B 11 -8.26 -10.40 10.84
CA LEU B 11 -8.68 -10.67 12.23
C LEU B 11 -10.18 -10.40 12.38
N LEU B 12 -10.72 -9.58 11.49
CA LEU B 12 -12.11 -9.20 11.45
C LEU B 12 -12.86 -9.95 10.34
N ALA B 13 -12.18 -10.95 9.72
CA ALA B 13 -12.69 -11.69 8.57
C ALA B 13 -12.98 -13.16 8.84
N THR B 14 -13.60 -13.44 9.99
CA THR B 14 -14.00 -14.80 10.36
C THR B 14 -15.40 -14.77 11.00
N ASP B 15 -16.02 -15.93 11.25
CA ASP B 15 -17.31 -16.00 11.98
C ASP B 15 -16.96 -15.73 13.44
N SER B 16 -17.70 -14.81 14.09
CA SER B 16 -17.50 -14.39 15.49
C SER B 16 -17.11 -15.49 16.45
N TYR B 17 -17.74 -16.69 16.35
CA TYR B 17 -17.48 -17.78 17.27
C TYR B 17 -16.05 -18.30 17.17
N LYS B 18 -15.43 -18.20 15.98
CA LYS B 18 -14.08 -18.70 15.79
C LYS B 18 -13.05 -17.95 16.66
N VAL B 19 -13.32 -16.66 17.02
CA VAL B 19 -12.51 -15.83 17.93
C VAL B 19 -12.38 -16.55 19.30
N THR B 20 -13.37 -17.43 19.64
CA THR B 20 -13.43 -18.12 20.93
C THR B 20 -12.85 -19.58 20.96
N HIS B 21 -12.54 -20.16 19.78
CA HIS B 21 -12.11 -21.53 19.61
C HIS B 21 -10.71 -21.88 20.17
N TYR B 22 -9.77 -20.91 20.20
CA TYR B 22 -8.45 -21.16 20.75
C TYR B 22 -8.49 -21.68 22.20
N LYS B 23 -9.58 -21.33 22.93
CA LYS B 23 -9.88 -21.73 24.30
C LYS B 23 -10.76 -22.98 24.39
N GLN B 24 -11.03 -23.66 23.25
CA GLN B 24 -11.94 -24.82 23.20
C GLN B 24 -11.28 -26.13 22.78
N TYR B 25 -10.21 -26.05 21.96
CA TYR B 25 -9.43 -27.20 21.49
C TYR B 25 -8.82 -27.93 22.68
N PRO B 26 -8.52 -29.27 22.56
CA PRO B 26 -7.93 -29.98 23.71
C PRO B 26 -6.59 -29.38 24.17
N PRO B 27 -6.28 -29.46 25.49
CA PRO B 27 -4.98 -28.97 25.96
C PRO B 27 -3.85 -29.65 25.20
N ASN B 28 -2.83 -28.86 24.80
CA ASN B 28 -1.64 -29.29 24.07
C ASN B 28 -1.96 -29.75 22.64
N THR B 29 -2.74 -28.95 21.90
CA THR B 29 -3.02 -29.21 20.49
C THR B 29 -1.94 -28.43 19.71
N SER B 30 -1.26 -29.10 18.77
CA SER B 30 -0.16 -28.51 18.00
C SER B 30 -0.43 -28.45 16.48
N LYS B 31 -1.43 -29.22 15.99
CA LYS B 31 -1.84 -29.29 14.60
C LYS B 31 -3.33 -29.57 14.46
N VAL B 32 -3.99 -28.76 13.65
CA VAL B 32 -5.38 -28.83 13.23
C VAL B 32 -5.28 -28.87 11.68
N TYR B 33 -5.67 -30.02 11.12
CA TYR B 33 -5.63 -30.27 9.69
C TYR B 33 -7.06 -30.41 9.21
N SER B 34 -7.39 -29.64 8.19
CA SER B 34 -8.75 -29.59 7.67
C SER B 34 -8.75 -29.65 6.17
N TYR B 35 -9.90 -30.03 5.60
CA TYR B 35 -10.04 -30.13 4.17
C TYR B 35 -11.35 -29.56 3.65
N PHE B 36 -11.35 -29.31 2.33
CA PHE B 36 -12.52 -28.89 1.60
C PHE B 36 -12.92 -29.92 0.54
N GLU B 37 -14.22 -30.11 0.40
CA GLU B 37 -14.85 -30.97 -0.60
C GLU B 37 -16.24 -30.46 -1.00
N CYS B 38 -16.69 -30.90 -2.17
CA CYS B 38 -18.05 -30.73 -2.65
C CYS B 38 -18.65 -32.13 -2.38
N ARG B 39 -19.33 -32.33 -1.23
CA ARG B 39 -19.91 -33.62 -0.83
C ARG B 39 -20.96 -34.16 -1.78
N GLU B 40 -21.00 -35.49 -1.95
CA GLU B 40 -21.98 -36.17 -2.83
C GLU B 40 -23.39 -36.32 -2.20
N LYS B 41 -24.45 -36.34 -3.06
CA LYS B 41 -25.88 -36.48 -2.71
C LYS B 41 -26.36 -35.47 -1.65
N LYS B 52 -28.00 -32.40 -11.61
CA LYS B 52 -27.28 -33.43 -10.88
C LYS B 52 -25.91 -32.98 -10.33
N TYR B 53 -25.00 -32.48 -11.24
CA TYR B 53 -23.62 -31.99 -10.94
C TYR B 53 -22.70 -33.08 -10.37
N GLU B 54 -22.32 -34.03 -11.22
CA GLU B 54 -21.46 -35.14 -10.80
C GLU B 54 -20.00 -34.70 -10.70
N GLU B 55 -19.59 -33.72 -11.51
CA GLU B 55 -18.22 -33.20 -11.50
C GLU B 55 -18.14 -31.68 -11.28
N THR B 56 -17.25 -31.28 -10.36
CA THR B 56 -17.07 -29.86 -10.01
C THR B 56 -15.75 -29.29 -10.56
N VAL B 57 -15.80 -28.04 -11.09
CA VAL B 57 -14.66 -27.32 -11.65
C VAL B 57 -13.96 -26.65 -10.48
N PHE B 58 -12.69 -26.96 -10.23
CA PHE B 58 -12.02 -26.26 -9.13
C PHE B 58 -11.50 -24.94 -9.64
N TYR B 59 -11.99 -23.82 -9.08
CA TYR B 59 -11.59 -22.48 -9.50
C TYR B 59 -11.84 -21.44 -8.45
N GLY B 60 -10.96 -20.44 -8.36
CA GLY B 60 -11.11 -19.31 -7.46
C GLY B 60 -10.28 -19.21 -6.21
N LEU B 61 -9.59 -20.28 -5.79
CA LEU B 61 -8.75 -20.23 -4.58
C LEU B 61 -7.55 -19.23 -4.67
N GLN B 62 -6.92 -19.11 -5.85
CA GLN B 62 -5.77 -18.22 -6.15
C GLN B 62 -6.13 -16.77 -5.87
N TYR B 63 -7.37 -16.39 -6.24
CA TYR B 63 -7.92 -15.06 -5.97
C TYR B 63 -7.93 -14.75 -4.46
N ILE B 64 -8.42 -15.71 -3.65
CA ILE B 64 -8.48 -15.60 -2.17
C ILE B 64 -7.05 -15.49 -1.60
N LEU B 65 -6.14 -16.41 -2.01
CA LEU B 65 -4.74 -16.48 -1.57
C LEU B 65 -4.02 -15.18 -1.71
N ASN B 66 -4.04 -14.59 -2.92
CA ASN B 66 -3.37 -13.33 -3.27
C ASN B 66 -4.01 -12.10 -2.68
N LYS B 67 -5.35 -12.05 -2.68
CA LYS B 67 -6.08 -10.89 -2.20
C LYS B 67 -6.13 -10.77 -0.68
N TYR B 68 -6.37 -11.90 0.02
CA TYR B 68 -6.59 -11.84 1.45
C TYR B 68 -5.59 -12.57 2.33
N LEU B 69 -4.85 -13.59 1.83
CA LEU B 69 -3.95 -14.32 2.72
C LEU B 69 -2.44 -14.06 2.58
N LYS B 70 -1.90 -13.75 1.38
CA LYS B 70 -0.44 -13.57 1.23
C LYS B 70 0.13 -12.26 1.87
N GLY B 71 1.38 -12.32 2.30
CA GLY B 71 2.10 -11.20 2.87
C GLY B 71 1.83 -10.88 4.33
N LYS B 72 2.12 -9.63 4.72
CA LYS B 72 1.92 -9.10 6.07
C LYS B 72 0.45 -8.73 6.20
N VAL B 73 -0.33 -9.70 6.68
CA VAL B 73 -1.77 -9.61 6.87
C VAL B 73 -2.10 -9.25 8.32
N VAL B 74 -1.07 -9.19 9.20
CA VAL B 74 -1.20 -8.87 10.63
C VAL B 74 -0.38 -7.61 10.95
N THR B 75 -1.00 -6.57 11.55
CA THR B 75 -0.28 -5.35 11.98
C THR B 75 -0.71 -4.99 13.41
N LYS B 76 0.11 -4.18 14.11
CA LYS B 76 -0.17 -3.71 15.47
C LYS B 76 -1.55 -3.01 15.51
N GLU B 77 -1.84 -2.22 14.46
CA GLU B 77 -3.09 -1.46 14.32
C GLU B 77 -4.29 -2.36 14.13
N LYS B 78 -4.15 -3.40 13.27
CA LYS B 78 -5.15 -4.43 12.97
C LYS B 78 -5.49 -5.30 14.18
N ILE B 79 -4.48 -5.60 15.03
CA ILE B 79 -4.68 -6.36 16.28
C ILE B 79 -5.51 -5.49 17.24
N GLN B 80 -5.10 -4.23 17.42
CA GLN B 80 -5.82 -3.28 18.26
C GLN B 80 -7.25 -2.98 17.72
N GLU B 81 -7.44 -3.00 16.37
CA GLU B 81 -8.74 -2.76 15.74
C GLU B 81 -9.66 -3.91 16.14
N ALA B 82 -9.18 -5.17 16.00
CA ALA B 82 -9.91 -6.39 16.33
C ALA B 82 -10.24 -6.43 17.82
N LYS B 83 -9.24 -6.24 18.69
CA LYS B 83 -9.39 -6.23 20.14
C LYS B 83 -10.50 -5.26 20.62
N ASP B 84 -10.50 -3.99 20.14
CA ASP B 84 -11.50 -3.01 20.56
C ASP B 84 -12.92 -3.44 20.17
N VAL B 85 -13.06 -3.97 18.94
CA VAL B 85 -14.31 -4.42 18.35
C VAL B 85 -14.87 -5.60 19.12
N TYR B 86 -14.07 -6.69 19.24
CA TYR B 86 -14.52 -7.90 19.91
C TYR B 86 -14.88 -7.69 21.40
N LYS B 87 -14.20 -6.76 22.08
CA LYS B 87 -14.51 -6.43 23.47
C LYS B 87 -15.98 -6.01 23.56
N GLU B 88 -16.45 -5.17 22.61
CA GLU B 88 -17.84 -4.70 22.54
C GLU B 88 -18.79 -5.74 21.98
N HIS B 89 -18.37 -6.41 20.89
CA HIS B 89 -19.11 -7.45 20.19
C HIS B 89 -19.49 -8.62 21.11
N PHE B 90 -18.52 -9.12 21.92
CA PHE B 90 -18.74 -10.24 22.84
C PHE B 90 -19.16 -9.87 24.26
N GLN B 91 -19.01 -8.61 24.67
CA GLN B 91 -19.31 -8.10 26.02
C GLN B 91 -18.32 -8.76 27.03
N ASP B 92 -17.16 -9.13 26.49
CA ASP B 92 -16.07 -9.82 27.15
C ASP B 92 -14.80 -9.76 26.31
N ASP B 93 -13.65 -9.84 27.00
CA ASP B 93 -12.31 -9.83 26.45
C ASP B 93 -11.87 -11.29 26.23
N VAL B 94 -12.42 -11.93 25.18
CA VAL B 94 -12.19 -13.33 24.80
C VAL B 94 -11.20 -13.45 23.63
N PHE B 95 -10.76 -12.33 23.04
CA PHE B 95 -9.85 -12.26 21.89
C PHE B 95 -8.41 -12.72 22.16
N ASN B 96 -7.87 -13.58 21.27
CA ASN B 96 -6.49 -14.10 21.32
C ASN B 96 -5.47 -13.05 20.82
N GLU B 97 -5.37 -11.94 21.56
CA GLU B 97 -4.42 -10.86 21.28
C GLU B 97 -3.02 -11.44 21.22
N LYS B 98 -2.63 -12.24 22.25
CA LYS B 98 -1.31 -12.90 22.40
C LYS B 98 -0.95 -13.84 21.25
N GLY B 99 -1.94 -14.54 20.71
CA GLY B 99 -1.75 -15.45 19.59
C GLY B 99 -1.49 -14.75 18.28
N TRP B 100 -2.18 -13.61 18.05
CA TRP B 100 -1.99 -12.81 16.84
C TRP B 100 -0.69 -12.03 16.97
N ASN B 101 -0.37 -11.55 18.19
CA ASN B 101 0.89 -10.85 18.47
C ASN B 101 2.11 -11.74 18.17
N TYR B 102 2.00 -13.07 18.44
CA TYR B 102 3.05 -14.06 18.16
C TYR B 102 3.37 -14.13 16.66
N ILE B 103 2.32 -14.21 15.80
CA ILE B 103 2.38 -14.22 14.32
C ILE B 103 3.07 -12.92 13.84
N LEU B 104 2.73 -11.77 14.48
CA LEU B 104 3.32 -10.47 14.14
C LEU B 104 4.81 -10.43 14.51
N GLU B 105 5.16 -10.90 15.71
CA GLU B 105 6.54 -10.91 16.19
C GLU B 105 7.44 -11.92 15.44
N LYS B 106 7.09 -13.22 15.50
CA LYS B 106 7.85 -14.32 14.90
C LYS B 106 7.91 -14.32 13.37
N TYR B 107 6.77 -14.13 12.69
CA TYR B 107 6.66 -14.24 11.24
C TYR B 107 6.44 -12.93 10.48
N ASP B 108 6.60 -11.78 11.16
CA ASP B 108 6.38 -10.46 10.60
C ASP B 108 4.98 -10.36 9.96
N GLY B 109 3.99 -10.88 10.67
CA GLY B 109 2.60 -10.87 10.22
C GLY B 109 2.24 -11.73 9.01
N HIS B 110 3.08 -12.73 8.68
CA HIS B 110 2.85 -13.71 7.61
C HIS B 110 2.16 -14.92 8.24
N LEU B 111 1.22 -15.56 7.51
CA LEU B 111 0.48 -16.68 8.08
C LEU B 111 1.24 -17.99 8.07
N PRO B 112 1.50 -18.60 9.25
CA PRO B 112 2.21 -19.89 9.25
C PRO B 112 1.18 -20.97 8.99
N ILE B 113 0.86 -21.15 7.70
CA ILE B 113 -0.18 -22.05 7.18
C ILE B 113 0.32 -22.71 5.88
N GLU B 114 -0.14 -23.92 5.60
CA GLU B 114 0.13 -24.59 4.35
C GLU B 114 -1.18 -25.10 3.71
N ILE B 115 -1.42 -24.64 2.48
CA ILE B 115 -2.56 -24.99 1.65
C ILE B 115 -2.02 -25.67 0.43
N LYS B 116 -2.55 -26.87 0.19
CA LYS B 116 -2.26 -27.76 -0.93
C LYS B 116 -3.59 -27.88 -1.68
N ALA B 117 -3.58 -27.68 -2.99
CA ALA B 117 -4.82 -27.78 -3.74
C ALA B 117 -4.65 -28.47 -5.07
N VAL B 118 -5.76 -29.07 -5.58
CA VAL B 118 -5.87 -29.70 -6.90
C VAL B 118 -5.71 -28.53 -7.90
N PRO B 119 -5.00 -28.69 -9.05
CA PRO B 119 -4.81 -27.52 -9.94
C PRO B 119 -6.12 -26.89 -10.39
N GLU B 120 -6.10 -25.55 -10.54
CA GLU B 120 -7.29 -24.81 -10.96
C GLU B 120 -7.69 -25.18 -12.40
N GLY B 121 -9.00 -25.29 -12.63
CA GLY B 121 -9.57 -25.75 -13.87
C GLY B 121 -9.89 -27.24 -13.85
N PHE B 122 -9.27 -28.01 -12.92
CA PHE B 122 -9.52 -29.46 -12.82
C PHE B 122 -10.97 -29.79 -12.55
N VAL B 123 -11.46 -30.85 -13.21
CA VAL B 123 -12.84 -31.32 -13.14
C VAL B 123 -12.86 -32.62 -12.29
N ILE B 124 -13.18 -32.46 -11.00
CA ILE B 124 -13.16 -33.54 -10.02
C ILE B 124 -14.55 -33.97 -9.57
N PRO B 125 -14.83 -35.29 -9.54
CA PRO B 125 -16.13 -35.74 -9.02
C PRO B 125 -16.35 -35.34 -7.56
N ARG B 126 -17.61 -35.38 -7.13
CA ARG B 126 -18.04 -35.10 -5.77
C ARG B 126 -17.38 -36.05 -4.73
N GLY B 127 -17.35 -35.62 -3.46
CA GLY B 127 -16.79 -36.35 -2.32
C GLY B 127 -15.30 -36.60 -2.45
N ASN B 128 -14.56 -35.56 -2.87
CA ASN B 128 -13.13 -35.60 -3.13
C ASN B 128 -12.44 -34.40 -2.55
N VAL B 129 -11.27 -34.62 -1.94
CA VAL B 129 -10.46 -33.53 -1.37
C VAL B 129 -10.08 -32.54 -2.48
N LEU B 130 -10.41 -31.25 -2.29
CA LEU B 130 -10.04 -30.26 -3.30
C LEU B 130 -8.84 -29.48 -2.81
N PHE B 131 -8.82 -29.19 -1.50
CA PHE B 131 -7.72 -28.50 -0.88
C PHE B 131 -7.60 -28.82 0.60
N THR B 132 -6.40 -28.67 1.19
CA THR B 132 -6.18 -28.94 2.62
C THR B 132 -5.51 -27.75 3.28
N VAL B 133 -5.79 -27.55 4.57
CA VAL B 133 -5.17 -26.47 5.33
C VAL B 133 -4.62 -27.07 6.62
N GLU B 134 -3.43 -26.60 7.04
CA GLU B 134 -2.74 -26.96 8.28
C GLU B 134 -1.79 -25.85 8.69
N ASN B 135 -1.58 -25.70 9.99
CA ASN B 135 -0.69 -24.70 10.57
C ASN B 135 0.73 -25.26 10.58
N THR B 136 1.73 -24.44 10.21
CA THR B 136 3.13 -24.87 10.15
C THR B 136 3.87 -24.60 11.50
N ASP B 137 3.22 -23.87 12.44
CA ASP B 137 3.74 -23.57 13.77
C ASP B 137 2.75 -24.12 14.83
N PRO B 138 3.24 -24.90 15.85
CA PRO B 138 2.34 -25.45 16.88
C PRO B 138 1.60 -24.42 17.77
N GLU B 139 2.14 -23.19 17.87
CA GLU B 139 1.53 -22.10 18.64
C GLU B 139 0.27 -21.55 17.91
N CYS B 140 0.14 -21.85 16.60
CA CYS B 140 -0.90 -21.39 15.69
C CYS B 140 -1.88 -22.49 15.25
N TYR B 141 -2.07 -23.53 16.10
CA TYR B 141 -3.02 -24.65 15.84
C TYR B 141 -4.46 -24.13 15.47
N TRP B 142 -4.89 -23.00 16.10
CA TRP B 142 -6.15 -22.27 16.00
C TRP B 142 -6.36 -21.52 14.66
N LEU B 143 -5.25 -21.16 13.99
CA LEU B 143 -5.25 -20.42 12.74
C LEU B 143 -5.91 -21.16 11.59
N THR B 144 -5.70 -22.49 11.47
CA THR B 144 -6.28 -23.33 10.42
C THR B 144 -7.79 -23.12 10.17
N ASN B 145 -8.61 -23.18 11.22
CA ASN B 145 -10.05 -23.04 11.09
C ASN B 145 -10.51 -21.59 11.25
N TRP B 146 -9.60 -20.65 11.63
CA TRP B 146 -9.93 -19.23 11.69
C TRP B 146 -10.23 -18.80 10.27
N ILE B 147 -9.44 -19.33 9.31
CA ILE B 147 -9.55 -18.95 7.91
C ILE B 147 -10.53 -19.85 7.11
N GLU B 148 -11.30 -20.70 7.80
CA GLU B 148 -12.32 -21.55 7.16
C GLU B 148 -13.34 -20.66 6.42
N THR B 149 -13.86 -19.61 7.08
CA THR B 149 -14.85 -18.69 6.53
C THR B 149 -14.43 -18.05 5.20
N ILE B 150 -13.18 -17.52 5.12
CA ILE B 150 -12.61 -16.89 3.92
C ILE B 150 -12.43 -17.94 2.77
N LEU B 151 -11.95 -19.16 3.12
CA LEU B 151 -11.69 -20.24 2.17
C LEU B 151 -12.95 -20.90 1.65
N VAL B 152 -13.96 -21.14 2.51
CA VAL B 152 -15.25 -21.75 2.14
C VAL B 152 -15.97 -20.93 1.07
N GLN B 153 -15.72 -19.61 1.03
CA GLN B 153 -16.30 -18.72 0.03
C GLN B 153 -15.86 -19.09 -1.40
N SER B 154 -14.87 -20.01 -1.52
CA SER B 154 -14.40 -20.53 -2.81
C SER B 154 -15.52 -21.34 -3.44
N TRP B 155 -16.59 -21.65 -2.67
CA TRP B 155 -17.78 -22.38 -3.14
C TRP B 155 -18.37 -21.61 -4.33
N TYR B 156 -18.40 -20.26 -4.25
CA TYR B 156 -19.00 -19.39 -5.25
C TYR B 156 -18.31 -19.51 -6.61
N PRO B 157 -16.98 -19.21 -6.78
CA PRO B 157 -16.36 -19.44 -8.11
C PRO B 157 -16.43 -20.91 -8.59
N ILE B 158 -16.40 -21.90 -7.67
CA ILE B 158 -16.52 -23.33 -8.02
C ILE B 158 -17.91 -23.60 -8.60
N THR B 159 -18.97 -23.19 -7.89
CA THR B 159 -20.36 -23.41 -8.32
C THR B 159 -20.69 -22.68 -9.64
N VAL B 160 -20.25 -21.42 -9.82
CA VAL B 160 -20.48 -20.65 -11.06
C VAL B 160 -19.73 -21.31 -12.23
N ALA B 161 -18.47 -21.72 -12.02
CA ALA B 161 -17.74 -22.40 -13.10
C ALA B 161 -18.37 -23.75 -13.46
N THR B 162 -18.84 -24.53 -12.45
CA THR B 162 -19.50 -25.83 -12.64
C THR B 162 -20.86 -25.71 -13.34
N ASN B 163 -21.72 -24.81 -12.85
CA ASN B 163 -23.07 -24.62 -13.41
C ASN B 163 -23.02 -24.07 -14.87
N SER B 164 -22.03 -23.22 -15.15
CA SER B 164 -21.77 -22.63 -16.45
C SER B 164 -21.29 -23.74 -17.44
N ARG B 165 -20.39 -24.64 -16.97
CA ARG B 165 -19.87 -25.76 -17.76
C ARG B 165 -21.01 -26.74 -18.12
N GLU B 166 -21.94 -26.94 -17.17
CA GLU B 166 -23.11 -27.79 -17.38
C GLU B 166 -23.98 -27.28 -18.51
N GLN B 167 -24.14 -25.96 -18.56
CA GLN B 167 -24.90 -25.29 -19.61
C GLN B 167 -24.18 -25.36 -20.96
N LYS B 168 -22.82 -25.32 -20.95
CA LYS B 168 -21.99 -25.48 -22.14
C LYS B 168 -22.19 -26.89 -22.68
N LYS B 169 -22.37 -27.89 -21.78
CA LYS B 169 -22.61 -29.30 -22.13
C LYS B 169 -23.92 -29.46 -22.90
N ILE B 170 -25.02 -28.83 -22.38
CA ILE B 170 -26.37 -28.84 -22.97
C ILE B 170 -26.33 -28.19 -24.35
N LEU B 171 -25.74 -27.00 -24.41
CA LEU B 171 -25.57 -26.23 -25.62
C LEU B 171 -24.74 -26.98 -26.64
N ALA B 172 -23.64 -27.66 -26.22
CA ALA B 172 -22.82 -28.42 -27.17
C ALA B 172 -23.59 -29.59 -27.78
N LYS B 173 -24.28 -30.40 -26.94
CA LYS B 173 -25.11 -31.54 -27.35
C LYS B 173 -26.17 -31.15 -28.37
N TYR B 174 -26.95 -30.10 -28.06
CA TYR B 174 -28.03 -29.65 -28.95
C TYR B 174 -27.50 -28.94 -30.18
N LEU B 175 -26.41 -28.16 -30.07
CA LEU B 175 -25.82 -27.53 -31.26
C LEU B 175 -25.24 -28.63 -32.20
N LEU B 176 -24.61 -29.68 -31.63
CA LEU B 176 -24.07 -30.80 -32.41
C LEU B 176 -25.16 -31.57 -33.18
N GLU B 177 -26.29 -31.93 -32.51
CA GLU B 177 -27.43 -32.65 -33.11
C GLU B 177 -28.19 -31.87 -34.19
N THR B 178 -28.14 -30.52 -34.15
CA THR B 178 -28.90 -29.67 -35.08
C THR B 178 -28.05 -29.00 -36.17
N SER B 179 -26.70 -28.92 -35.98
CA SER B 179 -25.79 -28.29 -36.95
C SER B 179 -24.63 -29.20 -37.40
N GLY B 180 -24.27 -30.19 -36.59
CA GLY B 180 -23.20 -31.12 -36.92
C GLY B 180 -21.82 -30.75 -36.40
N ASN B 181 -21.65 -29.48 -36.03
CA ASN B 181 -20.41 -28.89 -35.51
C ASN B 181 -20.69 -28.10 -34.21
N LEU B 182 -19.60 -27.74 -33.50
CA LEU B 182 -19.58 -27.01 -32.24
C LEU B 182 -19.04 -25.59 -32.43
N ASP B 183 -19.22 -25.04 -33.65
CA ASP B 183 -18.75 -23.69 -34.00
C ASP B 183 -19.54 -22.60 -33.32
N GLY B 184 -18.81 -21.70 -32.65
CA GLY B 184 -19.38 -20.56 -31.96
C GLY B 184 -20.05 -20.84 -30.63
N LEU B 185 -19.77 -22.03 -30.05
CA LEU B 185 -20.25 -22.51 -28.77
C LEU B 185 -19.88 -21.54 -27.61
N GLU B 186 -18.61 -21.05 -27.60
CA GLU B 186 -18.04 -20.10 -26.62
C GLU B 186 -18.76 -18.74 -26.54
N TYR B 187 -19.63 -18.46 -27.52
CA TYR B 187 -20.43 -17.25 -27.59
C TYR B 187 -21.93 -17.55 -27.52
N LYS B 188 -22.33 -18.78 -27.07
CA LYS B 188 -23.76 -19.11 -26.98
C LYS B 188 -24.43 -18.79 -25.64
N LEU B 189 -23.63 -18.56 -24.58
CA LEU B 189 -24.16 -18.19 -23.27
C LEU B 189 -23.46 -16.93 -22.78
N HIS B 190 -24.17 -15.81 -22.86
CA HIS B 190 -23.65 -14.49 -22.52
C HIS B 190 -24.07 -14.09 -21.10
N ASP B 191 -23.10 -13.59 -20.30
CA ASP B 191 -23.30 -13.12 -18.93
C ASP B 191 -24.01 -11.73 -18.95
N PHE B 192 -25.16 -11.65 -18.27
CA PHE B 192 -26.02 -10.48 -18.10
C PHE B 192 -26.23 -10.18 -16.59
N GLY B 193 -25.50 -10.87 -15.71
CA GLY B 193 -25.65 -10.82 -14.27
C GLY B 193 -25.11 -9.68 -13.44
N TYR B 194 -24.39 -8.72 -14.03
CA TYR B 194 -23.77 -7.63 -13.27
C TYR B 194 -24.77 -6.95 -12.27
N ARG B 195 -25.94 -6.47 -12.74
CA ARG B 195 -26.95 -5.81 -11.89
C ARG B 195 -27.66 -6.78 -10.89
N GLY B 196 -27.71 -8.08 -11.26
CA GLY B 196 -28.42 -9.12 -10.53
C GLY B 196 -27.67 -9.80 -9.42
N VAL B 197 -26.41 -9.40 -9.20
CA VAL B 197 -25.56 -9.95 -8.14
C VAL B 197 -25.61 -9.07 -6.87
N SER B 198 -25.02 -9.56 -5.78
CA SER B 198 -25.08 -8.92 -4.48
C SER B 198 -24.11 -7.79 -4.24
N SER B 199 -23.00 -7.77 -5.00
CA SER B 199 -21.96 -6.74 -4.86
C SER B 199 -21.10 -6.64 -6.08
N GLN B 200 -20.25 -5.59 -6.10
CA GLN B 200 -19.23 -5.36 -7.13
C GLN B 200 -18.20 -6.48 -7.13
N GLU B 201 -17.78 -6.95 -5.96
CA GLU B 201 -16.82 -8.03 -5.82
C GLU B 201 -17.34 -9.35 -6.32
N THR B 202 -18.59 -9.74 -5.95
CA THR B 202 -19.25 -10.97 -6.42
C THR B 202 -19.30 -10.96 -7.96
N ALA B 203 -19.62 -9.80 -8.56
CA ALA B 203 -19.71 -9.64 -10.02
C ALA B 203 -18.38 -10.03 -10.68
N GLY B 204 -17.26 -9.46 -10.20
CA GLY B 204 -15.91 -9.81 -10.67
C GLY B 204 -15.60 -11.29 -10.54
N ILE B 205 -15.82 -11.87 -9.34
CA ILE B 205 -15.60 -13.30 -9.07
C ILE B 205 -16.43 -14.18 -9.98
N GLY B 206 -17.74 -13.98 -9.96
CA GLY B 206 -18.69 -14.71 -10.77
C GLY B 206 -18.44 -14.60 -12.26
N ALA B 207 -18.34 -13.38 -12.81
CA ALA B 207 -18.08 -13.19 -14.24
C ALA B 207 -16.83 -13.92 -14.71
N SER B 208 -15.76 -13.94 -13.90
CA SER B 208 -14.50 -14.64 -14.20
C SER B 208 -14.70 -16.15 -14.25
N ALA B 209 -15.58 -16.69 -13.36
CA ALA B 209 -15.91 -18.12 -13.30
C ALA B 209 -16.70 -18.62 -14.55
N HIS B 210 -17.58 -17.78 -15.12
CA HIS B 210 -18.31 -18.10 -16.35
C HIS B 210 -17.32 -18.09 -17.52
N LEU B 211 -16.33 -17.18 -17.45
CA LEU B 211 -15.31 -16.97 -18.47
C LEU B 211 -14.31 -18.10 -18.58
N VAL B 212 -14.40 -19.10 -17.69
CA VAL B 212 -13.57 -20.31 -17.73
C VAL B 212 -14.11 -21.18 -18.87
N ASN B 213 -15.45 -21.08 -19.14
CA ASN B 213 -16.18 -21.86 -20.15
C ASN B 213 -16.57 -21.06 -21.40
N PHE B 214 -16.94 -19.81 -21.24
CA PHE B 214 -17.38 -18.97 -22.36
C PHE B 214 -16.51 -17.72 -22.51
N LYS B 215 -16.77 -16.95 -23.57
CA LYS B 215 -16.02 -15.74 -23.94
C LYS B 215 -16.92 -14.52 -24.01
N GLY B 216 -18.23 -14.72 -23.86
CA GLY B 216 -19.21 -13.66 -23.91
C GLY B 216 -19.64 -13.16 -22.56
N THR B 217 -19.33 -11.89 -22.28
CA THR B 217 -19.71 -11.26 -21.02
C THR B 217 -19.99 -9.75 -21.18
N ASP B 218 -20.95 -9.26 -20.38
CA ASP B 218 -21.34 -7.86 -20.20
C ASP B 218 -20.94 -7.39 -18.78
N THR B 219 -20.54 -8.32 -17.91
CA THR B 219 -20.08 -8.07 -16.55
C THR B 219 -18.59 -7.74 -16.62
N VAL B 220 -18.26 -6.49 -16.98
CA VAL B 220 -16.92 -5.94 -17.19
C VAL B 220 -15.94 -6.22 -16.01
N ALA B 221 -16.47 -6.33 -14.76
CA ALA B 221 -15.69 -6.58 -13.53
C ALA B 221 -14.86 -7.87 -13.57
N GLY B 222 -15.28 -8.82 -14.39
CA GLY B 222 -14.62 -10.08 -14.58
C GLY B 222 -13.28 -10.00 -15.27
N LEU B 223 -13.11 -9.02 -16.19
CA LEU B 223 -11.88 -8.86 -16.97
C LEU B 223 -10.66 -8.47 -16.13
N ALA B 224 -10.86 -7.49 -15.23
CA ALA B 224 -9.88 -6.92 -14.34
C ALA B 224 -9.45 -7.95 -13.32
N LEU B 225 -10.32 -8.85 -12.93
CA LEU B 225 -9.98 -9.91 -11.98
C LEU B 225 -9.01 -10.94 -12.62
N ILE B 226 -9.32 -11.37 -13.85
CA ILE B 226 -8.54 -12.34 -14.61
C ILE B 226 -7.16 -11.74 -14.91
N LYS B 227 -7.12 -10.49 -15.44
CA LYS B 227 -5.87 -9.78 -15.75
C LYS B 227 -4.95 -9.74 -14.53
N LYS B 228 -5.51 -9.37 -13.37
CA LYS B 228 -4.83 -9.19 -12.09
C LYS B 228 -4.43 -10.49 -11.38
N TYR B 229 -5.28 -11.53 -11.36
CA TYR B 229 -4.96 -12.72 -10.57
C TYR B 229 -4.57 -13.98 -11.37
N TYR B 230 -4.95 -14.08 -12.67
CA TYR B 230 -4.67 -15.28 -13.46
C TYR B 230 -3.85 -15.02 -14.74
N GLY B 231 -4.33 -14.12 -15.58
CA GLY B 231 -3.66 -13.71 -16.81
C GLY B 231 -4.01 -14.54 -18.02
N THR B 232 -4.09 -13.87 -19.19
CA THR B 232 -4.32 -14.50 -20.48
C THR B 232 -3.26 -14.07 -21.53
N LYS B 233 -3.04 -14.95 -22.53
CA LYS B 233 -2.16 -14.70 -23.67
C LYS B 233 -2.83 -13.56 -24.45
N ASP B 234 -4.18 -13.67 -24.63
CA ASP B 234 -5.05 -12.68 -25.30
C ASP B 234 -5.13 -11.38 -24.50
N PRO B 235 -5.30 -10.22 -25.16
CA PRO B 235 -5.45 -8.94 -24.43
C PRO B 235 -6.62 -8.93 -23.45
N VAL B 236 -7.79 -9.50 -23.83
CA VAL B 236 -8.96 -9.61 -22.95
C VAL B 236 -9.53 -11.03 -22.91
N PRO B 237 -10.04 -11.52 -21.76
CA PRO B 237 -10.66 -12.87 -21.76
C PRO B 237 -12.11 -12.89 -22.29
N GLY B 238 -12.76 -11.74 -22.28
CA GLY B 238 -14.18 -11.64 -22.62
C GLY B 238 -14.51 -10.54 -23.58
N TYR B 239 -15.52 -10.81 -24.41
CA TYR B 239 -15.95 -9.96 -25.50
C TYR B 239 -17.42 -9.64 -25.41
N SER B 240 -17.79 -8.50 -26.00
CA SER B 240 -19.18 -8.07 -26.03
C SER B 240 -19.47 -7.41 -27.35
N VAL B 241 -20.74 -7.19 -27.62
CA VAL B 241 -21.27 -6.53 -28.81
C VAL B 241 -22.17 -5.32 -28.40
N PRO B 242 -22.25 -4.26 -29.26
CA PRO B 242 -23.22 -3.19 -29.00
C PRO B 242 -24.62 -3.78 -28.93
N ALA B 243 -25.44 -3.28 -27.98
CA ALA B 243 -26.80 -3.75 -27.74
C ALA B 243 -27.64 -2.60 -27.20
N ALA B 244 -28.94 -2.62 -27.49
CA ALA B 244 -29.86 -1.59 -27.05
C ALA B 244 -30.50 -1.97 -25.70
N GLU B 245 -31.08 -0.99 -25.01
CA GLU B 245 -31.86 -1.27 -23.80
C GLU B 245 -33.24 -0.61 -23.96
N HIS B 246 -34.21 -0.91 -23.10
CA HIS B 246 -35.54 -0.30 -23.22
C HIS B 246 -35.48 1.22 -23.22
N SER B 247 -34.53 1.83 -22.48
CA SER B 247 -34.43 3.29 -22.41
C SER B 247 -33.92 3.92 -23.70
N THR B 248 -33.08 3.20 -24.45
CA THR B 248 -32.57 3.78 -25.69
C THR B 248 -33.64 3.66 -26.78
N ILE B 249 -34.62 2.76 -26.58
CA ILE B 249 -35.76 2.59 -27.46
C ILE B 249 -36.85 3.60 -27.11
N THR B 250 -37.39 3.49 -25.88
CA THR B 250 -38.52 4.22 -25.36
C THR B 250 -38.32 5.73 -25.34
N ALA B 251 -37.05 6.19 -25.18
CA ALA B 251 -36.69 7.62 -25.18
C ALA B 251 -37.17 8.36 -26.41
N TRP B 252 -37.43 7.64 -27.50
CA TRP B 252 -37.87 8.14 -28.80
C TRP B 252 -39.38 8.39 -28.83
N GLY B 253 -40.10 7.77 -27.90
CA GLY B 253 -41.55 7.84 -27.83
C GLY B 253 -42.17 6.60 -28.42
N LYS B 254 -43.30 6.16 -27.87
CA LYS B 254 -44.06 4.97 -28.29
C LYS B 254 -44.32 4.87 -29.80
N ASP B 255 -44.58 6.01 -30.45
CA ASP B 255 -44.86 6.03 -31.89
C ASP B 255 -43.62 6.04 -32.75
N HIS B 256 -42.42 6.07 -32.14
CA HIS B 256 -41.17 6.19 -32.90
C HIS B 256 -40.23 5.05 -32.73
N GLU B 257 -40.75 3.84 -32.40
CA GLU B 257 -39.98 2.60 -32.24
C GLU B 257 -39.19 2.25 -33.52
N LYS B 258 -39.76 2.49 -34.72
CA LYS B 258 -39.13 2.28 -36.03
C LYS B 258 -37.92 3.23 -36.21
N ASP B 259 -38.07 4.49 -35.73
CA ASP B 259 -37.02 5.52 -35.78
C ASP B 259 -35.85 5.18 -34.89
N ALA B 260 -36.13 4.58 -33.72
CA ALA B 260 -35.11 4.19 -32.75
C ALA B 260 -34.31 3.08 -33.35
N PHE B 261 -35.00 2.06 -33.89
CA PHE B 261 -34.44 0.87 -34.52
C PHE B 261 -33.51 1.26 -35.70
N GLU B 262 -34.03 2.05 -36.64
CA GLU B 262 -33.34 2.54 -37.81
C GLU B 262 -32.04 3.20 -37.40
N HIS B 263 -32.12 4.12 -36.44
CA HIS B 263 -30.98 4.85 -35.90
C HIS B 263 -29.88 3.92 -35.39
N ILE B 264 -30.26 2.97 -34.53
CA ILE B 264 -29.34 2.04 -33.85
C ILE B 264 -28.71 1.04 -34.83
N VAL B 265 -29.46 0.53 -35.82
CA VAL B 265 -28.91 -0.41 -36.80
C VAL B 265 -28.06 0.32 -37.84
N THR B 266 -28.27 1.64 -38.00
CA THR B 266 -27.47 2.41 -38.92
C THR B 266 -26.16 2.80 -38.20
N GLN B 267 -26.23 3.21 -36.90
CA GLN B 267 -25.03 3.55 -36.11
C GLN B 267 -24.09 2.35 -35.98
N PHE B 268 -24.64 1.14 -35.81
CA PHE B 268 -23.83 -0.09 -35.71
C PHE B 268 -24.07 -0.91 -36.96
N SER B 269 -23.74 -0.29 -38.09
CA SER B 269 -23.94 -0.83 -39.44
C SER B 269 -23.03 -2.00 -39.80
N SER B 270 -21.78 -2.00 -39.30
CA SER B 270 -20.78 -2.99 -39.71
C SER B 270 -20.23 -3.84 -38.57
N VAL B 271 -20.98 -3.95 -37.46
CA VAL B 271 -20.66 -4.79 -36.30
C VAL B 271 -21.97 -5.48 -35.89
N PRO B 272 -21.97 -6.65 -35.18
CA PRO B 272 -23.25 -7.22 -34.72
C PRO B 272 -23.90 -6.27 -33.71
N VAL B 273 -25.24 -6.20 -33.73
CA VAL B 273 -26.04 -5.33 -32.87
C VAL B 273 -27.28 -6.04 -32.38
N SER B 274 -27.45 -6.03 -31.07
CA SER B 274 -28.58 -6.64 -30.38
C SER B 274 -29.62 -5.53 -30.13
N VAL B 275 -30.85 -5.71 -30.59
CA VAL B 275 -31.87 -4.69 -30.41
C VAL B 275 -33.05 -5.30 -29.68
N VAL B 276 -33.30 -4.82 -28.43
CA VAL B 276 -34.43 -5.28 -27.62
C VAL B 276 -35.74 -4.83 -28.37
N SER B 277 -36.64 -5.78 -28.66
CA SER B 277 -37.81 -5.53 -29.53
C SER B 277 -39.18 -5.73 -28.87
N ASP B 278 -39.22 -5.95 -27.54
CA ASP B 278 -40.49 -6.18 -26.85
C ASP B 278 -41.02 -4.97 -26.06
N SER B 279 -40.51 -3.76 -26.34
CA SER B 279 -40.93 -2.57 -25.62
C SER B 279 -42.42 -2.40 -25.55
N TYR B 280 -43.12 -2.70 -26.67
CA TYR B 280 -44.57 -2.58 -26.81
C TYR B 280 -45.19 -3.86 -27.33
N ASP B 281 -44.66 -4.41 -28.41
CA ASP B 281 -45.18 -5.64 -29.01
C ASP B 281 -44.08 -6.30 -29.82
N ILE B 282 -43.53 -7.40 -29.26
CA ILE B 282 -42.44 -8.16 -29.86
C ILE B 282 -42.77 -8.66 -31.27
N TYR B 283 -43.93 -9.32 -31.39
CA TYR B 283 -44.44 -9.91 -32.61
C TYR B 283 -44.67 -8.86 -33.69
N ASN B 284 -45.21 -7.69 -33.29
CA ASN B 284 -45.40 -6.57 -34.21
C ASN B 284 -44.05 -6.04 -34.71
N ALA B 285 -43.05 -5.87 -33.79
CA ALA B 285 -41.70 -5.40 -34.09
C ALA B 285 -41.01 -6.34 -35.09
N CYS B 286 -41.20 -7.67 -34.93
CA CYS B 286 -40.68 -8.72 -35.81
C CYS B 286 -41.37 -8.71 -37.14
N GLU B 287 -42.70 -8.82 -37.15
CA GLU B 287 -43.45 -8.89 -38.41
C GLU B 287 -43.51 -7.58 -39.24
N LYS B 288 -43.83 -6.42 -38.63
CA LYS B 288 -43.97 -5.16 -39.36
C LYS B 288 -42.71 -4.31 -39.41
N ILE B 289 -42.09 -4.03 -38.26
CA ILE B 289 -40.91 -3.15 -38.24
C ILE B 289 -39.71 -3.83 -38.88
N TRP B 290 -39.23 -4.96 -38.34
CA TRP B 290 -38.07 -5.66 -38.92
C TRP B 290 -38.43 -6.40 -40.20
N GLY B 291 -39.62 -6.99 -40.22
CA GLY B 291 -40.10 -7.81 -41.32
C GLY B 291 -40.45 -7.09 -42.59
N GLU B 292 -40.86 -5.80 -42.51
CA GLU B 292 -41.27 -5.07 -43.71
C GLU B 292 -40.56 -3.74 -43.88
N ASP B 293 -40.85 -2.80 -42.97
CA ASP B 293 -40.41 -1.42 -43.01
C ASP B 293 -38.89 -1.26 -42.97
N LEU B 294 -38.21 -2.02 -42.09
CA LEU B 294 -36.75 -1.90 -41.99
C LEU B 294 -36.02 -3.11 -42.57
N ARG B 295 -36.77 -4.02 -43.22
CA ARG B 295 -36.25 -5.23 -43.88
C ARG B 295 -35.05 -4.97 -44.79
N HIS B 296 -35.09 -3.89 -45.58
CA HIS B 296 -34.02 -3.53 -46.51
C HIS B 296 -32.71 -3.24 -45.84
N LEU B 297 -32.77 -2.79 -44.57
CA LEU B 297 -31.63 -2.45 -43.71
C LEU B 297 -31.08 -3.67 -43.00
N ILE B 298 -31.80 -4.81 -43.07
CA ILE B 298 -31.39 -6.07 -42.44
C ILE B 298 -30.79 -7.02 -43.49
N VAL B 299 -31.46 -7.18 -44.64
CA VAL B 299 -31.01 -8.09 -45.72
C VAL B 299 -29.69 -7.63 -46.37
N SER B 300 -29.26 -6.37 -46.11
CA SER B 300 -28.02 -5.81 -46.65
C SER B 300 -26.82 -6.00 -45.69
N ARG B 301 -27.05 -6.61 -44.50
CA ARG B 301 -26.02 -6.76 -43.49
C ARG B 301 -25.04 -7.93 -43.74
N SER B 302 -23.79 -7.74 -43.31
CA SER B 302 -22.67 -8.69 -43.34
C SER B 302 -22.93 -9.88 -42.41
N THR B 303 -22.30 -11.02 -42.71
CA THR B 303 -22.43 -12.26 -41.92
C THR B 303 -21.77 -12.11 -40.53
N GLN B 304 -20.77 -11.20 -40.43
CA GLN B 304 -20.04 -10.88 -39.19
C GLN B 304 -20.60 -9.67 -38.48
N ALA B 305 -21.69 -9.09 -39.02
CA ALA B 305 -22.39 -7.91 -38.50
C ALA B 305 -23.93 -8.11 -38.60
N PRO B 306 -24.52 -9.18 -38.00
CA PRO B 306 -25.95 -9.38 -38.16
C PRO B 306 -26.82 -8.60 -37.17
N LEU B 307 -28.13 -8.56 -37.45
CA LEU B 307 -29.11 -8.01 -36.53
C LEU B 307 -29.47 -9.17 -35.60
N ILE B 308 -29.30 -8.95 -34.28
CA ILE B 308 -29.64 -9.92 -33.24
C ILE B 308 -30.87 -9.37 -32.58
N ILE B 309 -32.02 -10.01 -32.80
CA ILE B 309 -33.31 -9.60 -32.25
C ILE B 309 -33.41 -10.13 -30.84
N ARG B 310 -33.73 -9.21 -29.91
CA ARG B 310 -33.87 -9.58 -28.52
C ARG B 310 -35.30 -9.47 -27.99
N PRO B 311 -35.97 -10.63 -27.86
CA PRO B 311 -37.21 -10.64 -27.08
C PRO B 311 -36.76 -10.61 -25.57
N ASP B 312 -37.61 -10.10 -24.65
CA ASP B 312 -37.20 -10.02 -23.25
C ASP B 312 -38.36 -10.16 -22.24
N SER B 313 -39.49 -10.74 -22.65
CA SER B 313 -40.67 -10.97 -21.80
C SER B 313 -41.50 -12.10 -22.41
N GLY B 314 -42.46 -12.59 -21.63
CA GLY B 314 -43.36 -13.67 -22.02
C GLY B 314 -42.75 -15.01 -21.68
N ASN B 315 -43.42 -16.13 -22.07
CA ASN B 315 -42.86 -17.44 -21.84
C ASN B 315 -41.58 -17.59 -22.73
N PRO B 316 -40.40 -17.90 -22.12
CA PRO B 316 -39.16 -17.98 -22.91
C PRO B 316 -39.18 -18.91 -24.10
N LEU B 317 -39.81 -20.08 -23.99
CA LEU B 317 -39.89 -20.99 -25.14
C LEU B 317 -40.90 -20.51 -26.17
N ASP B 318 -42.17 -20.30 -25.74
CA ASP B 318 -43.25 -19.83 -26.63
C ASP B 318 -42.88 -18.60 -27.42
N THR B 319 -42.19 -17.63 -26.78
CA THR B 319 -41.74 -16.37 -27.39
C THR B 319 -40.69 -16.61 -28.46
N VAL B 320 -39.71 -17.49 -28.21
CA VAL B 320 -38.64 -17.83 -29.16
C VAL B 320 -39.26 -18.48 -30.40
N LEU B 321 -40.10 -19.52 -30.20
CA LEU B 321 -40.78 -20.26 -31.26
C LEU B 321 -41.70 -19.38 -32.08
N LYS B 322 -42.43 -18.45 -31.43
CA LYS B 322 -43.30 -17.55 -32.17
C LYS B 322 -42.47 -16.51 -32.95
N VAL B 323 -41.34 -16.04 -32.38
CA VAL B 323 -40.45 -15.07 -33.03
C VAL B 323 -39.83 -15.69 -34.29
N LEU B 324 -39.24 -16.90 -34.16
CA LEU B 324 -38.62 -17.68 -35.23
C LEU B 324 -39.62 -17.96 -36.35
N GLU B 325 -40.90 -18.18 -35.99
CA GLU B 325 -41.97 -18.44 -36.96
C GLU B 325 -42.25 -17.22 -37.82
N ILE B 326 -42.30 -16.03 -37.20
CA ILE B 326 -42.54 -14.73 -37.85
C ILE B 326 -41.38 -14.35 -38.81
N LEU B 327 -40.15 -14.53 -38.33
CA LEU B 327 -38.93 -14.23 -39.09
C LEU B 327 -38.80 -15.15 -40.27
N GLY B 328 -39.20 -16.41 -40.09
CA GLY B 328 -39.21 -17.44 -41.11
C GLY B 328 -40.20 -17.19 -42.23
N LYS B 329 -41.18 -16.28 -41.99
CA LYS B 329 -42.22 -15.90 -42.97
C LYS B 329 -41.87 -14.60 -43.71
N LYS B 330 -40.84 -13.88 -43.25
CA LYS B 330 -40.42 -12.58 -43.77
C LYS B 330 -39.01 -12.57 -44.36
N PHE B 331 -38.22 -13.62 -44.05
CA PHE B 331 -36.83 -13.78 -44.47
C PHE B 331 -36.66 -15.20 -44.99
N PRO B 332 -35.70 -15.45 -45.92
CA PRO B 332 -35.51 -16.81 -46.43
C PRO B 332 -34.82 -17.77 -45.45
N VAL B 333 -35.51 -18.87 -45.08
CA VAL B 333 -35.01 -19.93 -44.19
C VAL B 333 -34.53 -21.15 -45.02
N THR B 334 -33.33 -21.66 -44.71
CA THR B 334 -32.74 -22.81 -45.40
C THR B 334 -32.72 -24.06 -44.49
N GLU B 335 -32.44 -25.22 -45.08
CA GLU B 335 -32.33 -26.47 -44.35
C GLU B 335 -30.86 -26.86 -44.36
N ASN B 336 -30.20 -26.87 -43.17
CA ASN B 336 -28.78 -27.19 -43.08
C ASN B 336 -28.47 -28.67 -43.39
N SER B 337 -27.18 -29.09 -43.27
CA SER B 337 -26.75 -30.48 -43.52
C SER B 337 -27.44 -31.50 -42.59
N LYS B 338 -27.92 -31.05 -41.41
CA LYS B 338 -28.62 -31.86 -40.40
C LYS B 338 -30.14 -31.92 -40.61
N GLY B 339 -30.64 -31.08 -41.53
CA GLY B 339 -32.05 -30.99 -41.88
C GLY B 339 -32.82 -30.13 -40.90
N TYR B 340 -32.15 -29.10 -40.36
CA TYR B 340 -32.69 -28.17 -39.38
C TYR B 340 -32.75 -26.77 -39.98
N LYS B 341 -33.88 -26.06 -39.72
CA LYS B 341 -34.17 -24.72 -40.19
C LYS B 341 -33.12 -23.70 -39.72
N LEU B 342 -32.52 -23.01 -40.70
CA LEU B 342 -31.50 -22.00 -40.49
C LEU B 342 -31.97 -20.66 -41.03
N LEU B 343 -31.79 -19.59 -40.22
CA LEU B 343 -32.11 -18.22 -40.57
C LEU B 343 -31.01 -17.70 -41.54
N PRO B 344 -31.23 -16.57 -42.27
CA PRO B 344 -30.14 -16.04 -43.10
C PRO B 344 -28.98 -15.52 -42.21
N PRO B 345 -27.72 -15.54 -42.72
CA PRO B 345 -26.58 -15.15 -41.87
C PRO B 345 -26.59 -13.75 -41.25
N TYR B 346 -27.42 -12.83 -41.76
CA TYR B 346 -27.50 -11.46 -41.27
C TYR B 346 -28.55 -11.28 -40.16
N LEU B 347 -29.19 -12.38 -39.75
CA LEU B 347 -30.22 -12.34 -38.74
C LEU B 347 -30.07 -13.41 -37.67
N ARG B 348 -30.07 -12.99 -36.39
CA ARG B 348 -30.02 -13.86 -35.22
C ARG B 348 -30.97 -13.44 -34.09
N VAL B 349 -31.11 -14.32 -33.08
CA VAL B 349 -31.94 -14.12 -31.90
C VAL B 349 -31.10 -14.36 -30.62
N ILE B 350 -31.46 -13.64 -29.54
CA ILE B 350 -30.90 -13.77 -28.20
C ILE B 350 -32.05 -13.88 -27.23
N GLN B 351 -32.12 -14.98 -26.45
CA GLN B 351 -33.14 -15.12 -25.42
C GLN B 351 -32.41 -14.79 -24.13
N GLY B 352 -32.59 -13.55 -23.69
CA GLY B 352 -31.92 -13.10 -22.49
C GLY B 352 -32.76 -13.05 -21.23
N ASP B 353 -34.03 -13.48 -21.29
CA ASP B 353 -34.90 -13.41 -20.13
C ASP B 353 -35.31 -14.75 -19.60
N GLY B 354 -35.21 -14.90 -18.28
CA GLY B 354 -35.62 -16.12 -17.59
C GLY B 354 -34.75 -17.33 -17.86
N VAL B 355 -33.53 -17.11 -18.36
CA VAL B 355 -32.58 -18.14 -18.65
C VAL B 355 -31.77 -18.57 -17.43
N ASP B 356 -31.90 -19.87 -17.08
CA ASP B 356 -31.11 -20.59 -16.09
C ASP B 356 -30.87 -21.99 -16.69
N ILE B 357 -30.12 -22.87 -16.00
CA ILE B 357 -29.78 -24.21 -16.51
C ILE B 357 -31.02 -25.01 -16.98
N ASN B 358 -32.11 -24.97 -16.22
CA ASN B 358 -33.34 -25.68 -16.54
C ASN B 358 -34.09 -25.12 -17.74
N THR B 359 -34.21 -23.79 -17.85
CA THR B 359 -34.97 -23.18 -18.95
C THR B 359 -34.23 -23.24 -20.27
N LEU B 360 -32.90 -23.13 -20.24
CA LEU B 360 -32.03 -23.22 -21.42
C LEU B 360 -32.24 -24.60 -22.03
N GLN B 361 -32.25 -25.65 -21.18
CA GLN B 361 -32.47 -27.04 -21.54
C GLN B 361 -33.82 -27.22 -22.26
N GLU B 362 -34.91 -26.64 -21.68
CA GLU B 362 -36.26 -26.64 -22.21
C GLU B 362 -36.35 -25.93 -23.59
N ILE B 363 -35.58 -24.82 -23.78
CA ILE B 363 -35.59 -24.01 -25.01
C ILE B 363 -34.80 -24.69 -26.13
N VAL B 364 -33.65 -25.31 -25.83
CA VAL B 364 -32.91 -26.04 -26.87
C VAL B 364 -33.70 -27.30 -27.28
N GLU B 365 -34.44 -27.94 -26.32
CA GLU B 365 -35.33 -29.11 -26.50
C GLU B 365 -36.50 -28.75 -27.43
N GLY B 366 -37.17 -27.63 -27.10
CA GLY B 366 -38.34 -27.12 -27.80
C GLY B 366 -38.07 -26.73 -29.23
N MET B 367 -36.90 -26.11 -29.46
CA MET B 367 -36.46 -25.70 -30.79
C MET B 367 -36.15 -26.93 -31.65
N LYS B 368 -35.39 -27.91 -31.11
CA LYS B 368 -35.08 -29.17 -31.80
C LYS B 368 -36.37 -29.86 -32.21
N GLN B 369 -37.39 -29.93 -31.29
CA GLN B 369 -38.70 -30.53 -31.55
C GLN B 369 -39.51 -29.75 -32.62
N LYS B 370 -39.20 -28.45 -32.83
CA LYS B 370 -39.84 -27.59 -33.86
C LYS B 370 -38.91 -27.40 -35.09
N MET B 371 -37.86 -28.23 -35.17
CA MET B 371 -36.87 -28.37 -36.25
C MET B 371 -36.04 -27.10 -36.51
N TRP B 372 -35.77 -26.33 -35.44
CA TRP B 372 -34.94 -25.12 -35.51
C TRP B 372 -33.53 -25.43 -35.06
N SER B 373 -32.53 -24.97 -35.83
CA SER B 373 -31.13 -25.15 -35.47
C SER B 373 -30.78 -24.18 -34.34
N ILE B 374 -29.86 -24.61 -33.45
CA ILE B 374 -29.44 -23.79 -32.30
C ILE B 374 -28.41 -22.74 -32.79
N GLU B 375 -28.06 -22.80 -34.10
CA GLU B 375 -27.17 -21.83 -34.76
C GLU B 375 -27.86 -20.47 -34.72
N ASN B 376 -29.20 -20.49 -34.76
CA ASN B 376 -30.12 -19.34 -34.78
C ASN B 376 -30.18 -18.50 -33.50
N ILE B 377 -29.82 -19.09 -32.36
CA ILE B 377 -30.00 -18.44 -31.09
C ILE B 377 -28.79 -18.48 -30.16
N ALA B 378 -28.69 -17.46 -29.30
CA ALA B 378 -27.72 -17.38 -28.22
C ALA B 378 -28.57 -17.04 -26.99
N PHE B 379 -28.03 -17.28 -25.79
CA PHE B 379 -28.75 -17.01 -24.54
C PHE B 379 -27.98 -16.04 -23.68
N GLY B 380 -28.73 -15.25 -22.93
CA GLY B 380 -28.21 -14.30 -21.96
C GLY B 380 -28.77 -14.70 -20.62
N SER B 381 -27.88 -14.85 -19.65
CA SER B 381 -28.30 -15.26 -18.32
C SER B 381 -27.66 -14.36 -17.29
N GLY B 382 -28.51 -13.83 -16.41
CA GLY B 382 -28.12 -12.90 -15.36
C GLY B 382 -28.08 -13.52 -14.01
N GLY B 383 -29.19 -13.42 -13.29
CA GLY B 383 -29.39 -14.00 -11.96
C GLY B 383 -29.35 -15.51 -11.92
N GLY B 384 -29.79 -16.17 -13.01
CA GLY B 384 -29.71 -17.62 -13.10
C GLY B 384 -28.27 -18.10 -13.17
N LEU B 385 -27.39 -17.29 -13.78
CA LEU B 385 -25.97 -17.60 -13.99
C LEU B 385 -25.09 -17.26 -12.78
N LEU B 386 -25.28 -16.07 -12.17
CA LEU B 386 -24.41 -15.60 -11.11
C LEU B 386 -25.02 -15.41 -9.73
N GLN B 387 -26.37 -15.41 -9.61
CA GLN B 387 -26.94 -15.15 -8.30
C GLN B 387 -27.76 -16.33 -7.70
N LYS B 388 -28.56 -17.03 -8.49
CA LYS B 388 -29.44 -18.11 -7.99
C LYS B 388 -28.67 -19.42 -7.82
N LEU B 389 -27.67 -19.39 -6.94
CA LEU B 389 -26.75 -20.49 -6.62
C LEU B 389 -26.36 -20.35 -5.17
N THR B 390 -26.24 -21.50 -4.46
CA THR B 390 -25.86 -21.54 -3.03
C THR B 390 -24.81 -22.60 -2.80
N ARG B 391 -24.15 -22.52 -1.62
CA ARG B 391 -23.14 -23.44 -1.12
C ARG B 391 -23.69 -24.87 -1.02
N ASP B 392 -25.00 -25.01 -0.85
CA ASP B 392 -25.73 -26.27 -0.71
C ASP B 392 -25.98 -26.96 -2.05
N LEU B 393 -25.66 -26.30 -3.18
CA LEU B 393 -25.84 -26.91 -4.50
C LEU B 393 -24.85 -28.05 -4.69
N LEU B 394 -23.58 -27.80 -4.38
CA LEU B 394 -22.52 -28.79 -4.51
C LEU B 394 -22.08 -29.33 -3.15
N ASN B 395 -22.76 -28.91 -2.07
CA ASN B 395 -22.45 -29.29 -0.68
C ASN B 395 -20.97 -29.00 -0.29
N CYS B 396 -20.52 -27.77 -0.60
CA CYS B 396 -19.15 -27.32 -0.35
C CYS B 396 -18.92 -27.15 1.15
N SER B 397 -18.01 -27.93 1.74
CA SER B 397 -17.75 -27.84 3.18
C SER B 397 -16.30 -28.08 3.58
N PHE B 398 -15.88 -27.39 4.64
CA PHE B 398 -14.57 -27.42 5.26
C PHE B 398 -14.69 -28.16 6.60
N LYS B 399 -13.93 -29.25 6.73
CA LYS B 399 -13.98 -30.08 7.95
C LYS B 399 -12.61 -30.45 8.43
N CYS B 400 -12.44 -30.56 9.75
CA CYS B 400 -11.17 -31.00 10.36
C CYS B 400 -11.13 -32.53 10.29
N SER B 401 -10.06 -33.08 9.70
CA SER B 401 -9.93 -34.53 9.56
C SER B 401 -8.83 -35.12 10.42
N TYR B 402 -7.85 -34.28 10.78
CA TYR B 402 -6.68 -34.74 11.52
C TYR B 402 -6.21 -33.72 12.55
N VAL B 403 -5.83 -34.18 13.75
CA VAL B 403 -5.28 -33.33 14.81
C VAL B 403 -4.02 -33.96 15.45
N VAL B 404 -3.16 -33.11 16.05
CA VAL B 404 -2.02 -33.56 16.83
C VAL B 404 -2.19 -33.00 18.24
N THR B 405 -2.36 -33.88 19.22
CA THR B 405 -2.55 -33.50 20.62
C THR B 405 -1.56 -34.32 21.45
N ASN B 406 -0.76 -33.64 22.29
CA ASN B 406 0.30 -34.21 23.15
C ASN B 406 1.12 -35.29 22.40
N GLY B 407 1.68 -34.89 21.26
CA GLY B 407 2.49 -35.73 20.40
C GLY B 407 1.77 -36.82 19.61
N LEU B 408 0.49 -37.10 19.97
CA LEU B 408 -0.35 -38.11 19.30
C LEU B 408 -1.12 -37.51 18.15
N GLY B 409 -1.06 -38.19 17.01
CA GLY B 409 -1.78 -37.81 15.81
C GLY B 409 -3.00 -38.69 15.65
N ILE B 410 -4.20 -38.08 15.62
CA ILE B 410 -5.44 -38.85 15.54
C ILE B 410 -6.38 -38.37 14.45
N ASN B 411 -7.08 -39.33 13.85
CA ASN B 411 -8.03 -39.09 12.81
C ASN B 411 -9.34 -38.70 13.45
N VAL B 412 -9.83 -37.50 13.10
CA VAL B 412 -11.08 -36.94 13.61
C VAL B 412 -12.08 -36.73 12.50
N PHE B 413 -13.36 -36.94 12.80
CA PHE B 413 -14.46 -36.81 11.85
C PHE B 413 -15.79 -36.59 12.58
N LYS B 414 -16.79 -36.11 11.82
CA LYS B 414 -18.14 -35.93 12.30
C LYS B 414 -18.99 -36.98 11.59
N ASP B 415 -19.95 -37.56 12.31
CA ASP B 415 -20.81 -38.59 11.76
C ASP B 415 -22.20 -38.38 12.39
N PRO B 416 -23.05 -37.45 11.85
CA PRO B 416 -24.36 -37.21 12.47
C PRO B 416 -25.30 -38.43 12.37
N VAL B 417 -25.99 -38.73 13.47
CA VAL B 417 -26.86 -39.90 13.62
C VAL B 417 -28.04 -39.88 12.61
N ALA B 418 -28.58 -38.67 12.31
CA ALA B 418 -29.73 -38.46 11.43
C ALA B 418 -29.37 -38.12 9.99
N ASP B 419 -28.10 -37.82 9.73
CA ASP B 419 -27.66 -37.48 8.38
C ASP B 419 -26.34 -38.16 8.04
N PRO B 420 -26.38 -39.29 7.29
CA PRO B 420 -25.14 -39.97 6.93
C PRO B 420 -24.36 -39.24 5.82
N ASN B 421 -25.05 -38.38 5.05
CA ASN B 421 -24.43 -37.58 3.98
C ASN B 421 -23.42 -36.60 4.55
N LYS B 422 -23.66 -36.11 5.80
CA LYS B 422 -22.86 -35.15 6.55
C LYS B 422 -21.59 -35.73 7.22
N ARG B 423 -21.32 -37.03 7.01
CA ARG B 423 -20.12 -37.70 7.53
C ARG B 423 -18.90 -37.21 6.73
N SER B 424 -17.86 -36.76 7.45
CA SER B 424 -16.62 -36.24 6.87
C SER B 424 -15.51 -37.28 6.85
N LYS B 425 -14.52 -37.08 5.97
CA LYS B 425 -13.37 -37.95 5.80
C LYS B 425 -12.45 -37.95 7.04
N LYS B 426 -11.68 -39.02 7.25
CA LYS B 426 -10.80 -39.12 8.42
C LYS B 426 -9.29 -39.12 8.08
N GLY B 427 -8.53 -38.38 8.90
CA GLY B 427 -7.08 -38.26 8.81
C GLY B 427 -6.53 -37.48 7.65
N ARG B 428 -5.21 -37.62 7.42
CA ARG B 428 -4.45 -36.98 6.35
C ARG B 428 -4.88 -37.51 4.98
N LEU B 429 -5.28 -36.59 4.11
CA LEU B 429 -5.85 -36.88 2.80
C LEU B 429 -4.91 -36.61 1.65
N SER B 430 -5.24 -37.21 0.50
CA SER B 430 -4.52 -37.07 -0.77
C SER B 430 -5.47 -37.51 -1.89
N LEU B 431 -5.35 -36.86 -3.06
CA LEU B 431 -6.20 -37.16 -4.22
C LEU B 431 -5.35 -37.76 -5.29
N HIS B 432 -5.77 -38.94 -5.76
CA HIS B 432 -5.05 -39.75 -6.74
C HIS B 432 -5.95 -40.16 -7.87
N ARG B 433 -5.32 -40.46 -9.00
CA ARG B 433 -6.00 -40.97 -10.17
C ARG B 433 -5.60 -42.42 -10.34
N THR B 434 -6.58 -43.29 -10.57
CA THR B 434 -6.31 -44.71 -10.83
C THR B 434 -5.78 -44.81 -12.28
N PRO B 435 -5.19 -45.93 -12.74
CA PRO B 435 -4.76 -46.00 -14.16
C PRO B 435 -5.95 -46.04 -15.13
N ALA B 436 -7.18 -46.24 -14.60
CA ALA B 436 -8.42 -46.24 -15.35
C ALA B 436 -8.80 -44.80 -15.69
N GLY B 437 -8.30 -43.87 -14.87
CA GLY B 437 -8.49 -42.44 -15.03
C GLY B 437 -9.31 -41.77 -13.95
N ASN B 438 -10.09 -42.55 -13.18
CA ASN B 438 -10.98 -41.98 -12.15
C ASN B 438 -10.22 -41.55 -10.88
N PHE B 439 -10.73 -40.51 -10.24
CA PHE B 439 -10.15 -39.96 -9.01
C PHE B 439 -10.59 -40.77 -7.80
N VAL B 440 -9.81 -40.67 -6.72
CA VAL B 440 -10.04 -41.38 -5.46
C VAL B 440 -9.30 -40.61 -4.37
N THR B 441 -9.92 -40.48 -3.18
CA THR B 441 -9.34 -39.78 -2.04
C THR B 441 -8.84 -40.75 -1.00
N LEU B 442 -7.55 -40.73 -0.75
CA LEU B 442 -6.96 -41.60 0.26
C LEU B 442 -7.09 -40.96 1.64
N GLU B 443 -7.72 -41.70 2.56
CA GLU B 443 -7.94 -41.25 3.93
C GLU B 443 -6.95 -41.95 4.84
N GLU B 444 -6.84 -41.51 6.12
CA GLU B 444 -6.02 -42.08 7.19
C GLU B 444 -4.49 -42.14 6.90
N GLY B 445 -4.02 -41.19 6.08
CA GLY B 445 -2.62 -41.10 5.67
C GLY B 445 -2.15 -42.18 4.71
N LYS B 446 -3.08 -42.94 4.13
CA LYS B 446 -2.81 -44.03 3.18
C LYS B 446 -2.06 -43.61 1.91
N GLY B 447 -2.05 -42.30 1.61
CA GLY B 447 -1.36 -41.71 0.48
C GLY B 447 0.14 -41.93 0.52
N ASP B 448 0.70 -41.97 1.75
CA ASP B 448 2.12 -42.19 2.05
C ASP B 448 2.64 -43.50 1.49
N LEU B 449 1.75 -44.49 1.28
CA LEU B 449 2.07 -45.80 0.71
C LEU B 449 2.34 -45.75 -0.81
N GLU B 450 2.19 -44.54 -1.44
CA GLU B 450 2.36 -44.24 -2.87
C GLU B 450 1.96 -45.43 -3.78
N GLU B 451 0.73 -45.91 -3.52
CA GLU B 451 0.05 -47.03 -4.18
C GLU B 451 -0.09 -46.82 -5.70
N TYR B 452 -0.31 -45.55 -6.13
CA TYR B 452 -0.48 -45.16 -7.53
C TYR B 452 -0.22 -43.69 -7.77
N GLY B 453 0.86 -43.43 -8.50
CA GLY B 453 1.31 -42.10 -8.89
C GLY B 453 1.47 -41.10 -7.77
N GLN B 454 1.51 -39.82 -8.12
CA GLN B 454 1.68 -38.76 -7.15
C GLN B 454 0.35 -38.19 -6.72
N ASP B 455 0.36 -37.51 -5.57
CA ASP B 455 -0.79 -36.79 -5.03
C ASP B 455 -1.07 -35.61 -5.97
N LEU B 456 -2.34 -35.43 -6.35
CA LEU B 456 -2.71 -34.33 -7.25
C LEU B 456 -2.79 -32.99 -6.54
N LEU B 457 -2.69 -32.98 -5.19
CA LEU B 457 -2.71 -31.75 -4.41
C LEU B 457 -1.27 -31.21 -4.32
N HIS B 458 -1.06 -29.99 -4.83
CA HIS B 458 0.21 -29.31 -4.86
C HIS B 458 0.14 -28.12 -3.96
N THR B 459 1.22 -27.81 -3.24
CA THR B 459 1.31 -26.66 -2.35
C THR B 459 1.06 -25.38 -3.15
N VAL B 460 0.06 -24.60 -2.75
CA VAL B 460 -0.31 -23.36 -3.43
C VAL B 460 -0.01 -22.16 -2.54
N PHE B 461 0.03 -22.40 -1.22
CA PHE B 461 0.27 -21.39 -0.20
C PHE B 461 1.06 -22.01 0.92
N LYS B 462 2.13 -21.32 1.35
CA LYS B 462 2.96 -21.73 2.46
C LYS B 462 3.62 -20.52 3.12
N ASN B 463 3.31 -20.31 4.41
CA ASN B 463 3.89 -19.29 5.29
C ASN B 463 3.86 -17.88 4.68
N GLY B 464 2.65 -17.44 4.34
CA GLY B 464 2.39 -16.11 3.81
C GLY B 464 2.82 -15.91 2.36
N LYS B 465 3.26 -17.00 1.73
CA LYS B 465 3.74 -16.98 0.34
C LYS B 465 2.91 -17.89 -0.56
N VAL B 466 2.55 -17.39 -1.78
CA VAL B 466 1.83 -18.14 -2.81
C VAL B 466 2.92 -18.92 -3.58
N THR B 467 2.95 -20.25 -3.39
CA THR B 467 3.97 -21.16 -3.92
C THR B 467 3.74 -21.67 -5.36
N LYS B 468 2.49 -21.73 -5.85
CA LYS B 468 2.20 -22.19 -7.22
C LYS B 468 1.01 -21.41 -7.75
N SER B 469 1.10 -20.96 -9.01
CA SER B 469 0.10 -20.16 -9.69
C SER B 469 -0.27 -20.73 -11.04
N TYR B 470 -1.55 -20.58 -11.43
CA TYR B 470 -2.02 -21.02 -12.76
C TYR B 470 -2.51 -19.83 -13.54
N SER B 471 -2.27 -19.82 -14.86
CA SER B 471 -2.76 -18.77 -15.77
C SER B 471 -4.23 -19.09 -16.08
N PHE B 472 -4.99 -18.10 -16.57
CA PHE B 472 -6.40 -18.35 -16.92
C PHE B 472 -6.54 -19.26 -18.17
N ASP B 473 -5.52 -19.28 -19.04
CA ASP B 473 -5.45 -20.13 -20.23
C ASP B 473 -5.27 -21.60 -19.85
N GLU B 474 -4.49 -21.88 -18.78
CA GLU B 474 -4.23 -23.21 -18.20
C GLU B 474 -5.57 -23.76 -17.64
N ILE B 475 -6.27 -22.90 -16.87
CA ILE B 475 -7.55 -23.16 -16.23
C ILE B 475 -8.58 -23.48 -17.29
N ARG B 476 -8.59 -22.70 -18.39
CA ARG B 476 -9.50 -22.92 -19.52
C ARG B 476 -9.26 -24.30 -20.16
N LYS B 477 -7.98 -24.71 -20.30
CA LYS B 477 -7.60 -26.00 -20.86
C LYS B 477 -8.03 -27.14 -19.94
N ASN B 478 -7.71 -27.05 -18.64
CA ASN B 478 -8.13 -28.07 -17.69
C ASN B 478 -9.64 -28.24 -17.63
N ALA B 479 -10.38 -27.14 -17.85
CA ALA B 479 -11.85 -27.05 -17.81
C ALA B 479 -12.58 -27.51 -19.06
N GLN B 480 -11.88 -27.70 -20.20
CA GLN B 480 -12.45 -28.13 -21.47
C GLN B 480 -13.43 -29.32 -21.37
N LEU B 481 -14.50 -29.26 -22.18
CA LEU B 481 -15.53 -30.31 -22.29
C LEU B 481 -14.91 -31.58 -22.87
N ASN B 482 -15.45 -32.75 -22.51
CA ASN B 482 -14.97 -34.06 -22.99
C ASN B 482 -14.84 -34.11 -24.52
N ILE B 483 -15.92 -33.72 -25.24
CA ILE B 483 -15.98 -33.71 -26.71
C ILE B 483 -15.09 -32.62 -27.34
N GLU C 7 39.62 25.36 -6.41
CA GLU C 7 39.54 24.43 -7.54
C GLU C 7 38.10 23.85 -7.77
N PHE C 8 37.03 24.51 -7.22
CA PHE C 8 35.63 24.16 -7.52
C PHE C 8 35.33 24.80 -8.88
N ASN C 9 34.78 24.00 -9.81
CA ASN C 9 34.47 24.42 -11.17
C ASN C 9 32.97 24.22 -11.38
N ILE C 10 32.23 25.35 -11.62
CA ILE C 10 30.77 25.37 -11.83
C ILE C 10 30.37 24.63 -13.10
N LEU C 11 31.31 24.52 -14.05
CA LEU C 11 31.10 23.82 -15.33
C LEU C 11 31.05 22.31 -15.14
N LEU C 12 31.52 21.84 -13.95
CA LEU C 12 31.48 20.44 -13.54
C LEU C 12 30.50 20.20 -12.35
N ALA C 13 29.77 21.24 -11.91
CA ALA C 13 28.84 21.15 -10.74
C ALA C 13 27.35 20.89 -11.10
N THR C 14 27.13 20.13 -12.17
CA THR C 14 25.79 19.81 -12.65
C THR C 14 25.66 18.31 -12.93
N ASP C 15 24.41 17.88 -13.11
CA ASP C 15 24.05 16.53 -13.52
C ASP C 15 24.46 16.46 -15.00
N SER C 16 25.23 15.43 -15.37
CA SER C 16 25.75 15.21 -16.73
C SER C 16 24.79 15.55 -17.86
N TYR C 17 23.55 15.05 -17.81
CA TYR C 17 22.60 15.29 -18.88
C TYR C 17 22.25 16.76 -19.09
N LYS C 18 22.43 17.63 -18.06
CA LYS C 18 22.13 19.07 -18.16
C LYS C 18 23.01 19.80 -19.18
N VAL C 19 24.22 19.27 -19.42
CA VAL C 19 25.18 19.79 -20.39
C VAL C 19 24.60 19.68 -21.82
N THR C 20 23.78 18.66 -22.08
CA THR C 20 23.19 18.39 -23.42
C THR C 20 21.86 19.13 -23.69
N HIS C 21 21.35 19.88 -22.71
CA HIS C 21 20.06 20.56 -22.75
C HIS C 21 19.99 21.87 -23.56
N TYR C 22 21.12 22.55 -23.81
CA TYR C 22 21.14 23.79 -24.60
C TYR C 22 20.79 23.48 -26.08
N LYS C 23 21.03 22.22 -26.48
CA LYS C 23 20.74 21.65 -27.79
C LYS C 23 19.35 20.97 -27.80
N GLN C 24 18.50 21.22 -26.77
CA GLN C 24 17.18 20.61 -26.59
C GLN C 24 16.01 21.58 -26.47
N TYR C 25 16.24 22.79 -25.91
CA TYR C 25 15.26 23.89 -25.76
C TYR C 25 14.77 24.43 -27.16
N PRO C 26 13.64 25.19 -27.24
CA PRO C 26 13.22 25.71 -28.57
C PRO C 26 14.07 26.90 -28.97
N PRO C 27 14.34 27.13 -30.28
CA PRO C 27 15.15 28.30 -30.66
C PRO C 27 14.33 29.59 -30.50
N ASN C 28 15.05 30.72 -30.24
CA ASN C 28 14.52 32.07 -30.00
C ASN C 28 14.03 32.25 -28.56
N THR C 29 14.56 31.40 -27.65
CA THR C 29 14.31 31.46 -26.22
C THR C 29 15.26 32.50 -25.62
N SER C 30 14.67 33.61 -25.13
CA SER C 30 15.42 34.70 -24.51
C SER C 30 15.44 34.58 -22.99
N LYS C 31 14.43 33.91 -22.42
CA LYS C 31 14.31 33.77 -20.97
C LYS C 31 13.74 32.42 -20.54
N VAL C 32 14.40 31.81 -19.55
CA VAL C 32 14.00 30.58 -18.85
C VAL C 32 13.81 30.94 -17.36
N TYR C 33 12.57 30.80 -16.86
CA TYR C 33 12.19 31.11 -15.47
C TYR C 33 11.87 29.81 -14.81
N SER C 34 12.54 29.58 -13.68
CA SER C 34 12.37 28.38 -12.85
C SER C 34 12.16 28.72 -11.37
N TYR C 35 11.47 27.85 -10.62
CA TYR C 35 11.17 28.08 -9.20
C TYR C 35 11.40 26.86 -8.34
N PHE C 36 11.54 27.12 -7.03
CA PHE C 36 11.70 26.10 -6.00
C PHE C 36 10.56 26.18 -5.01
N GLU C 37 10.10 25.00 -4.57
CA GLU C 37 9.04 24.87 -3.56
C GLU C 37 9.18 23.56 -2.77
N CYS C 38 8.36 23.43 -1.74
CA CYS C 38 8.27 22.19 -0.99
C CYS C 38 6.85 21.76 -1.24
N ARG C 39 6.64 20.80 -2.18
CA ARG C 39 5.31 20.32 -2.60
C ARG C 39 4.45 19.81 -1.45
N GLU C 40 3.10 19.93 -1.61
CA GLU C 40 2.11 19.50 -0.62
C GLU C 40 1.86 17.99 -0.69
N LYS C 50 3.09 9.57 12.39
CA LYS C 50 3.46 10.40 11.24
C LYS C 50 3.58 11.87 11.65
N VAL C 51 4.64 12.56 11.13
CA VAL C 51 4.91 13.98 11.37
C VAL C 51 4.52 14.76 10.13
N LYS C 52 3.70 15.81 10.29
CA LYS C 52 3.18 16.59 9.16
C LYS C 52 4.21 17.36 8.35
N TYR C 53 4.93 18.30 9.00
CA TYR C 53 5.84 19.27 8.37
C TYR C 53 4.97 20.11 7.40
N GLU C 54 4.02 20.83 7.98
CA GLU C 54 3.06 21.70 7.30
C GLU C 54 3.69 23.06 6.90
N GLU C 55 4.84 23.38 7.47
CA GLU C 55 5.61 24.60 7.22
C GLU C 55 7.11 24.30 7.20
N THR C 56 7.87 25.03 6.38
CA THR C 56 9.33 24.84 6.26
C THR C 56 10.06 26.10 6.62
N VAL C 57 11.31 25.99 7.13
CA VAL C 57 12.20 27.11 7.40
C VAL C 57 13.07 27.31 6.15
N PHE C 58 13.03 28.50 5.52
CA PHE C 58 13.88 28.73 4.37
C PHE C 58 15.28 29.08 4.86
N TYR C 59 16.25 28.21 4.60
CA TYR C 59 17.61 28.45 5.06
C TYR C 59 18.63 27.74 4.17
N GLY C 60 19.76 28.41 3.92
CA GLY C 60 20.90 27.84 3.21
C GLY C 60 21.31 28.42 1.87
N LEU C 61 20.39 29.14 1.18
CA LEU C 61 20.71 29.74 -0.14
C LEU C 61 21.94 30.65 -0.08
N GLN C 62 22.03 31.49 0.96
CA GLN C 62 23.10 32.47 1.16
C GLN C 62 24.51 31.85 1.07
N TYR C 63 24.67 30.64 1.62
CA TYR C 63 25.88 29.84 1.61
C TYR C 63 26.19 29.42 0.18
N ILE C 64 25.17 28.97 -0.57
CA ILE C 64 25.35 28.52 -1.96
C ILE C 64 25.75 29.70 -2.86
N LEU C 65 25.06 30.86 -2.69
CA LEU C 65 25.32 32.08 -3.47
C LEU C 65 26.74 32.62 -3.27
N ASN C 66 27.20 32.74 -2.01
CA ASN C 66 28.57 33.22 -1.69
C ASN C 66 29.68 32.25 -2.02
N LYS C 67 29.45 30.94 -1.78
CA LYS C 67 30.48 29.91 -2.02
C LYS C 67 30.63 29.48 -3.47
N TYR C 68 29.51 29.34 -4.20
CA TYR C 68 29.57 28.77 -5.55
C TYR C 68 29.10 29.61 -6.72
N LEU C 69 28.34 30.68 -6.49
CA LEU C 69 27.77 31.40 -7.64
C LEU C 69 28.23 32.80 -7.84
N LYS C 70 28.83 33.44 -6.84
CA LYS C 70 29.25 34.84 -6.97
C LYS C 70 30.64 35.03 -7.62
N GLY C 71 30.85 36.24 -8.17
CA GLY C 71 32.11 36.68 -8.77
C GLY C 71 32.50 35.96 -10.05
N LYS C 72 33.81 35.95 -10.36
CA LYS C 72 34.33 35.27 -11.55
C LYS C 72 34.29 33.73 -11.34
N VAL C 73 33.22 33.10 -11.83
CA VAL C 73 33.05 31.65 -11.68
C VAL C 73 33.52 30.92 -12.95
N VAL C 74 33.80 31.66 -14.01
CA VAL C 74 34.25 31.09 -15.27
C VAL C 74 35.64 31.59 -15.58
N THR C 75 36.54 30.66 -15.97
CA THR C 75 37.90 30.93 -16.44
C THR C 75 38.13 30.08 -17.69
N LYS C 76 39.10 30.48 -18.54
CA LYS C 76 39.49 29.74 -19.76
C LYS C 76 40.00 28.32 -19.40
N GLU C 77 40.56 28.19 -18.18
CA GLU C 77 41.08 26.95 -17.64
C GLU C 77 39.89 26.04 -17.30
N LYS C 78 38.91 26.59 -16.54
CA LYS C 78 37.68 25.91 -16.16
C LYS C 78 36.90 25.43 -17.39
N ILE C 79 36.74 26.28 -18.44
CA ILE C 79 36.08 25.93 -19.72
C ILE C 79 36.81 24.75 -20.40
N GLN C 80 38.17 24.82 -20.50
CA GLN C 80 39.01 23.79 -21.08
C GLN C 80 38.90 22.45 -20.36
N GLU C 81 39.01 22.45 -19.01
CA GLU C 81 38.92 21.22 -18.23
C GLU C 81 37.55 20.56 -18.34
N ALA C 82 36.47 21.34 -18.34
CA ALA C 82 35.11 20.80 -18.51
C ALA C 82 34.95 20.09 -19.88
N LYS C 83 35.48 20.71 -20.97
CA LYS C 83 35.49 20.20 -22.34
C LYS C 83 36.21 18.84 -22.46
N ASP C 84 37.40 18.73 -21.86
CA ASP C 84 38.22 17.52 -21.89
C ASP C 84 37.55 16.37 -21.16
N VAL C 85 36.95 16.68 -20.00
CA VAL C 85 36.22 15.73 -19.14
C VAL C 85 34.97 15.22 -19.87
N TYR C 86 34.15 16.14 -20.40
CA TYR C 86 32.89 15.80 -21.07
C TYR C 86 33.10 15.07 -22.40
N LYS C 87 34.27 15.23 -23.06
CA LYS C 87 34.54 14.47 -24.28
C LYS C 87 34.69 12.97 -23.94
N GLU C 88 35.26 12.66 -22.77
CA GLU C 88 35.45 11.30 -22.29
C GLU C 88 34.22 10.73 -21.58
N HIS C 89 33.53 11.54 -20.75
CA HIS C 89 32.33 11.13 -19.99
C HIS C 89 31.20 10.62 -20.90
N PHE C 90 30.87 11.43 -21.92
CA PHE C 90 29.84 11.19 -22.91
C PHE C 90 30.32 10.39 -24.13
N GLN C 91 31.64 10.33 -24.35
CA GLN C 91 32.30 9.71 -25.53
C GLN C 91 31.93 10.51 -26.82
N ASP C 92 31.73 11.86 -26.66
CA ASP C 92 31.32 12.81 -27.70
C ASP C 92 31.61 14.27 -27.30
N ASP C 93 31.62 15.19 -28.29
CA ASP C 93 31.85 16.63 -28.12
C ASP C 93 30.52 17.40 -28.05
N VAL C 94 29.79 17.21 -26.94
CA VAL C 94 28.49 17.86 -26.74
C VAL C 94 28.60 19.11 -25.83
N PHE C 95 29.72 19.32 -25.17
CA PHE C 95 29.90 20.47 -24.29
C PHE C 95 29.81 21.86 -25.00
N ASN C 96 28.96 22.76 -24.44
CA ASN C 96 28.75 24.12 -24.94
C ASN C 96 29.92 25.05 -24.58
N GLU C 97 30.99 24.94 -25.36
CA GLU C 97 32.20 25.75 -25.24
C GLU C 97 31.91 27.23 -25.55
N LYS C 98 31.13 27.49 -26.63
CA LYS C 98 30.73 28.83 -27.09
C LYS C 98 29.90 29.57 -26.03
N GLY C 99 28.92 28.86 -25.47
CA GLY C 99 28.02 29.34 -24.43
C GLY C 99 28.75 29.85 -23.21
N TRP C 100 29.70 29.05 -22.72
CA TRP C 100 30.49 29.42 -21.56
C TRP C 100 31.53 30.51 -21.86
N ASN C 101 32.16 30.45 -23.07
CA ASN C 101 33.12 31.45 -23.55
C ASN C 101 32.49 32.83 -23.68
N TYR C 102 31.17 32.87 -23.90
CA TYR C 102 30.41 34.09 -24.01
C TYR C 102 30.26 34.77 -22.62
N ILE C 103 30.07 33.96 -21.57
CA ILE C 103 29.94 34.43 -20.20
C ILE C 103 31.30 35.00 -19.78
N LEU C 104 32.37 34.26 -20.12
CA LEU C 104 33.75 34.62 -19.83
C LEU C 104 34.15 35.93 -20.49
N GLU C 105 33.73 36.13 -21.74
CA GLU C 105 34.06 37.32 -22.53
C GLU C 105 33.24 38.57 -22.16
N LYS C 106 31.89 38.49 -22.22
CA LYS C 106 31.01 39.63 -21.97
C LYS C 106 30.87 40.06 -20.51
N TYR C 107 30.91 39.10 -19.56
CA TYR C 107 30.71 39.38 -18.14
C TYR C 107 31.89 39.01 -17.22
N ASP C 108 33.12 38.84 -17.77
CA ASP C 108 34.35 38.46 -17.03
C ASP C 108 34.04 37.25 -16.12
N GLY C 109 33.35 36.26 -16.70
CA GLY C 109 32.99 35.06 -15.97
C GLY C 109 31.94 35.16 -14.88
N HIS C 110 31.21 36.29 -14.78
CA HIS C 110 30.12 36.45 -13.81
C HIS C 110 28.84 35.92 -14.45
N LEU C 111 28.01 35.23 -13.66
CA LEU C 111 26.79 34.63 -14.17
C LEU C 111 25.64 35.62 -14.40
N PRO C 112 25.18 35.78 -15.68
CA PRO C 112 24.02 36.67 -15.95
C PRO C 112 22.70 36.03 -15.51
N ILE C 113 22.52 35.91 -14.18
CA ILE C 113 21.38 35.27 -13.50
C ILE C 113 20.82 36.21 -12.42
N GLU C 114 19.50 36.11 -12.19
CA GLU C 114 18.76 36.83 -11.16
C GLU C 114 18.07 35.81 -10.29
N ILE C 115 18.37 35.86 -8.98
CA ILE C 115 17.74 34.98 -7.99
C ILE C 115 16.94 35.83 -6.99
N LYS C 116 15.64 35.56 -6.92
CA LYS C 116 14.71 36.21 -5.97
C LYS C 116 14.35 35.13 -4.97
N ALA C 117 14.41 35.47 -3.67
CA ALA C 117 14.11 34.48 -2.63
C ALA C 117 13.40 35.08 -1.46
N VAL C 118 12.59 34.25 -0.79
CA VAL C 118 11.90 34.62 0.45
C VAL C 118 13.04 34.79 1.53
N PRO C 119 12.96 35.76 2.47
CA PRO C 119 14.06 35.91 3.44
C PRO C 119 14.35 34.65 4.27
N GLU C 120 15.65 34.37 4.50
CA GLU C 120 16.15 33.23 5.29
C GLU C 120 15.64 33.25 6.74
N GLY C 121 15.24 32.08 7.21
CA GLY C 121 14.66 31.90 8.52
C GLY C 121 13.16 32.11 8.50
N PHE C 122 12.59 32.50 7.33
CA PHE C 122 11.16 32.69 7.18
C PHE C 122 10.45 31.34 7.19
N VAL C 123 9.34 31.29 7.93
CA VAL C 123 8.60 30.05 8.08
C VAL C 123 7.35 30.16 7.26
N ILE C 124 7.35 29.41 6.13
CA ILE C 124 6.35 29.39 5.06
C ILE C 124 5.65 28.04 4.94
N PRO C 125 4.30 28.00 4.75
CA PRO C 125 3.60 26.71 4.57
C PRO C 125 4.07 25.96 3.33
N ARG C 126 3.74 24.66 3.22
CA ARG C 126 4.10 23.84 2.06
C ARG C 126 3.35 24.31 0.81
N GLY C 127 3.89 23.92 -0.35
CA GLY C 127 3.36 24.19 -1.68
C GLY C 127 3.38 25.63 -2.13
N ASN C 128 4.23 26.48 -1.50
CA ASN C 128 4.43 27.89 -1.87
C ASN C 128 5.81 28.11 -2.48
N VAL C 129 5.99 29.20 -3.27
CA VAL C 129 7.25 29.57 -3.92
C VAL C 129 8.27 30.03 -2.89
N LEU C 130 9.46 29.42 -2.88
CA LEU C 130 10.48 29.80 -1.89
C LEU C 130 11.61 30.64 -2.49
N PHE C 131 11.95 30.36 -3.76
CA PHE C 131 12.92 31.10 -4.57
C PHE C 131 12.67 30.89 -6.06
N THR C 132 13.04 31.88 -6.90
CA THR C 132 12.95 31.86 -8.36
C THR C 132 14.30 32.20 -8.99
N VAL C 133 14.53 31.69 -10.23
CA VAL C 133 15.78 31.90 -10.99
C VAL C 133 15.46 32.23 -12.46
N GLU C 134 16.13 33.28 -13.01
CA GLU C 134 16.00 33.65 -14.41
C GLU C 134 17.30 34.23 -14.98
N ASN C 135 17.57 33.95 -16.25
CA ASN C 135 18.74 34.50 -16.94
C ASN C 135 18.47 35.95 -17.28
N THR C 136 19.53 36.77 -17.24
CA THR C 136 19.45 38.20 -17.56
C THR C 136 19.95 38.44 -19.00
N ASP C 137 20.40 37.37 -19.69
CA ASP C 137 20.88 37.40 -21.08
C ASP C 137 20.24 36.32 -21.97
N PRO C 138 19.58 36.76 -23.08
CA PRO C 138 18.95 35.82 -24.01
C PRO C 138 19.80 34.63 -24.49
N GLU C 139 21.13 34.83 -24.65
CA GLU C 139 22.04 33.77 -25.07
C GLU C 139 22.24 32.69 -24.02
N CYS C 140 21.98 33.02 -22.73
CA CYS C 140 22.18 32.14 -21.58
C CYS C 140 20.87 31.54 -21.03
N TYR C 141 19.93 31.20 -21.95
CA TYR C 141 18.62 30.57 -21.66
C TYR C 141 18.83 29.22 -20.95
N TRP C 142 19.90 28.50 -21.35
CA TRP C 142 20.35 27.20 -20.89
C TRP C 142 20.87 27.21 -19.49
N LEU C 143 21.33 28.40 -19.02
CA LEU C 143 22.02 28.64 -17.73
C LEU C 143 21.12 28.49 -16.48
N THR C 144 19.87 28.97 -16.52
CA THR C 144 18.88 28.90 -15.41
C THR C 144 18.78 27.47 -14.82
N ASN C 145 18.75 26.51 -15.74
CA ASN C 145 18.62 25.08 -15.53
C ASN C 145 19.93 24.39 -15.24
N TRP C 146 21.05 24.95 -15.74
CA TRP C 146 22.35 24.39 -15.44
C TRP C 146 22.56 24.44 -13.91
N ILE C 147 22.30 25.62 -13.26
CA ILE C 147 22.47 25.82 -11.81
C ILE C 147 21.29 25.24 -10.95
N GLU C 148 20.47 24.31 -11.52
CA GLU C 148 19.43 23.64 -10.77
C GLU C 148 20.03 22.75 -9.66
N THR C 149 20.93 21.82 -10.04
CA THR C 149 21.57 20.83 -9.15
C THR C 149 22.16 21.42 -7.87
N ILE C 150 22.93 22.50 -8.01
CA ILE C 150 23.57 23.18 -6.90
C ILE C 150 22.52 23.84 -5.98
N LEU C 151 21.49 24.49 -6.56
CA LEU C 151 20.44 25.16 -5.79
C LEU C 151 19.49 24.20 -5.12
N VAL C 152 19.17 23.06 -5.74
CA VAL C 152 18.22 22.06 -5.19
C VAL C 152 18.76 21.43 -3.88
N GLN C 153 20.11 21.37 -3.74
CA GLN C 153 20.79 20.87 -2.53
C GLN C 153 20.50 21.76 -1.34
N SER C 154 19.91 22.95 -1.58
CA SER C 154 19.46 23.83 -0.50
C SER C 154 18.32 23.11 0.26
N TRP C 155 17.82 21.94 -0.27
CA TRP C 155 16.83 21.10 0.39
C TRP C 155 17.38 20.73 1.78
N TYR C 156 18.66 20.30 1.81
CA TYR C 156 19.34 19.82 3.01
C TYR C 156 19.28 20.84 4.14
N PRO C 157 19.83 22.08 4.03
CA PRO C 157 19.68 23.01 5.16
C PRO C 157 18.21 23.29 5.50
N ILE C 158 17.30 23.31 4.46
CA ILE C 158 15.86 23.53 4.66
C ILE C 158 15.24 22.42 5.52
N THR C 159 15.50 21.14 5.17
CA THR C 159 14.99 19.96 5.88
C THR C 159 15.54 19.91 7.34
N VAL C 160 16.86 19.96 7.53
CA VAL C 160 17.48 19.98 8.87
C VAL C 160 16.84 21.06 9.74
N ALA C 161 16.81 22.32 9.26
CA ALA C 161 16.26 23.46 9.99
C ALA C 161 14.80 23.26 10.36
N THR C 162 14.03 22.59 9.49
CA THR C 162 12.61 22.33 9.67
C THR C 162 12.40 21.20 10.71
N ASN C 163 13.08 20.05 10.54
CA ASN C 163 12.96 18.94 11.49
C ASN C 163 13.40 19.33 12.92
N SER C 164 14.39 20.22 13.04
CA SER C 164 14.97 20.73 14.28
C SER C 164 13.99 21.72 14.96
N ARG C 165 13.34 22.59 14.14
CA ARG C 165 12.32 23.53 14.63
C ARG C 165 11.10 22.75 15.10
N GLU C 166 10.78 21.62 14.42
CA GLU C 166 9.66 20.77 14.78
C GLU C 166 9.91 20.09 16.12
N GLN C 167 11.20 19.77 16.45
CA GLN C 167 11.57 19.17 17.74
C GLN C 167 11.54 20.21 18.85
N LYS C 168 11.90 21.46 18.50
CA LYS C 168 11.83 22.63 19.37
C LYS C 168 10.37 22.86 19.79
N LYS C 169 9.41 22.67 18.87
CA LYS C 169 7.97 22.81 19.12
C LYS C 169 7.49 21.81 20.16
N ILE C 170 7.91 20.53 20.02
CA ILE C 170 7.56 19.45 20.96
C ILE C 170 8.13 19.78 22.33
N LEU C 171 9.41 20.17 22.36
CA LEU C 171 10.13 20.51 23.58
C LEU C 171 9.55 21.71 24.29
N ALA C 172 9.14 22.71 23.51
CA ALA C 172 8.54 23.95 23.99
C ALA C 172 7.19 23.68 24.68
N LYS C 173 6.36 22.82 24.05
CA LYS C 173 5.05 22.42 24.54
C LYS C 173 5.18 21.77 25.91
N TYR C 174 6.00 20.71 26.04
CA TYR C 174 6.20 19.93 27.25
C TYR C 174 6.97 20.68 28.31
N LEU C 175 7.91 21.56 27.92
CA LEU C 175 8.62 22.37 28.91
C LEU C 175 7.68 23.39 29.51
N LEU C 176 6.84 24.02 28.69
CA LEU C 176 5.86 24.96 29.20
C LEU C 176 4.77 24.25 30.04
N GLU C 177 4.35 23.01 29.66
CA GLU C 177 3.33 22.24 30.40
C GLU C 177 3.80 21.73 31.75
N THR C 178 5.04 21.27 31.83
CA THR C 178 5.56 20.69 33.05
C THR C 178 6.24 21.70 33.97
N SER C 179 6.58 22.90 33.47
CA SER C 179 7.34 23.86 34.27
C SER C 179 6.82 25.31 34.27
N GLY C 180 5.97 25.67 33.31
CA GLY C 180 5.42 27.03 33.21
C GLY C 180 6.33 28.04 32.55
N ASN C 181 7.50 27.61 32.06
CA ASN C 181 8.42 28.51 31.39
C ASN C 181 9.18 27.80 30.32
N LEU C 182 9.95 28.55 29.53
CA LEU C 182 10.76 28.04 28.44
C LEU C 182 12.26 28.25 28.68
N ASP C 183 12.70 28.40 29.94
CA ASP C 183 14.11 28.61 30.27
C ASP C 183 14.94 27.41 29.85
N GLY C 184 16.02 27.71 29.16
CA GLY C 184 16.96 26.71 28.68
C GLY C 184 16.51 25.82 27.54
N LEU C 185 15.37 26.18 26.89
CA LEU C 185 14.84 25.47 25.72
C LEU C 185 15.91 25.34 24.61
N GLU C 186 16.76 26.37 24.45
CA GLU C 186 17.81 26.42 23.41
C GLU C 186 18.99 25.45 23.64
N TYR C 187 18.99 24.73 24.77
CA TYR C 187 20.04 23.77 25.08
C TYR C 187 19.44 22.38 25.33
N LYS C 188 18.17 22.19 24.98
CA LYS C 188 17.44 20.93 25.18
C LYS C 188 17.69 19.87 24.10
N LEU C 189 18.18 20.27 22.94
CA LEU C 189 18.49 19.36 21.85
C LEU C 189 19.88 19.73 21.37
N HIS C 190 20.78 18.78 21.56
CA HIS C 190 22.20 18.91 21.28
C HIS C 190 22.54 18.10 20.07
N ASP C 191 23.36 18.70 19.21
CA ASP C 191 23.85 18.10 17.96
C ASP C 191 24.97 17.12 18.23
N PHE C 192 24.75 15.81 17.94
CA PHE C 192 25.71 14.70 18.11
C PHE C 192 26.04 14.05 16.76
N GLY C 193 25.71 14.74 15.65
CA GLY C 193 25.82 14.17 14.32
C GLY C 193 27.07 14.38 13.50
N TYR C 194 28.17 14.84 14.07
CA TYR C 194 29.38 15.06 13.27
C TYR C 194 29.89 13.73 12.61
N ARG C 195 29.86 12.59 13.34
CA ARG C 195 30.36 11.28 12.85
C ARG C 195 29.32 10.54 12.00
N GLY C 196 28.04 10.88 12.16
CA GLY C 196 26.93 10.21 11.51
C GLY C 196 26.51 10.79 10.18
N VAL C 197 27.12 11.94 9.77
CA VAL C 197 26.83 12.56 8.48
C VAL C 197 27.78 11.98 7.40
N SER C 198 27.45 12.22 6.13
CA SER C 198 28.13 11.72 4.94
C SER C 198 29.49 12.37 4.63
N SER C 199 29.73 13.62 5.12
CA SER C 199 30.98 14.36 4.87
C SER C 199 31.14 15.56 5.78
N GLN C 200 32.34 16.16 5.71
CA GLN C 200 32.75 17.36 6.42
C GLN C 200 31.89 18.55 6.00
N GLU C 201 31.70 18.78 4.71
CA GLU C 201 30.86 19.88 4.24
C GLU C 201 29.38 19.70 4.71
N THR C 202 28.82 18.47 4.67
CA THR C 202 27.47 18.21 5.17
C THR C 202 27.38 18.60 6.66
N ALA C 203 28.40 18.20 7.48
CA ALA C 203 28.54 18.51 8.90
C ALA C 203 28.39 19.99 9.19
N GLY C 204 29.13 20.82 8.48
CA GLY C 204 29.03 22.26 8.65
C GLY C 204 27.66 22.78 8.26
N ILE C 205 27.15 22.34 7.08
CA ILE C 205 25.83 22.79 6.58
C ILE C 205 24.73 22.41 7.57
N GLY C 206 24.62 21.11 7.88
CA GLY C 206 23.66 20.54 8.81
C GLY C 206 23.66 21.20 10.17
N ALA C 207 24.84 21.29 10.81
CA ALA C 207 25.00 21.91 12.13
C ALA C 207 24.60 23.37 12.14
N SER C 208 24.85 24.09 11.02
CA SER C 208 24.46 25.49 10.92
C SER C 208 22.93 25.62 10.89
N ALA C 209 22.22 24.65 10.26
CA ALA C 209 20.76 24.61 10.18
C ALA C 209 20.11 24.29 11.51
N HIS C 210 20.72 23.39 12.31
CA HIS C 210 20.24 23.04 13.65
C HIS C 210 20.43 24.26 14.58
N LEU C 211 21.52 25.03 14.36
CA LEU C 211 21.82 26.18 15.17
C LEU C 211 20.88 27.37 14.94
N VAL C 212 19.97 27.27 13.94
CA VAL C 212 18.96 28.30 13.67
C VAL C 212 17.92 28.27 14.80
N ASN C 213 17.73 27.08 15.37
CA ASN C 213 16.72 26.78 16.38
C ASN C 213 17.28 26.59 17.79
N PHE C 214 18.47 26.01 17.91
CA PHE C 214 19.14 25.70 19.17
C PHE C 214 20.53 26.34 19.28
N LYS C 215 21.13 26.29 20.50
CA LYS C 215 22.45 26.86 20.77
C LYS C 215 23.50 25.82 21.17
N GLY C 216 23.11 24.54 21.20
CA GLY C 216 23.99 23.45 21.60
C GLY C 216 24.44 22.59 20.45
N THR C 217 25.75 22.43 20.30
CA THR C 217 26.33 21.62 19.22
C THR C 217 27.70 21.02 19.55
N ASP C 218 27.94 19.80 19.08
CA ASP C 218 29.25 19.14 19.18
C ASP C 218 29.89 19.05 17.79
N THR C 219 29.12 19.43 16.73
CA THR C 219 29.57 19.49 15.32
C THR C 219 30.19 20.88 15.11
N VAL C 220 31.44 21.04 15.57
CA VAL C 220 32.28 22.24 15.53
C VAL C 220 32.23 22.92 14.14
N ALA C 221 32.21 22.09 13.05
CA ALA C 221 32.16 22.54 11.65
C ALA C 221 31.12 23.64 11.35
N GLY C 222 30.00 23.60 12.07
CA GLY C 222 28.94 24.58 11.96
C GLY C 222 29.28 26.01 12.37
N LEU C 223 30.27 26.19 13.25
CA LEU C 223 30.67 27.51 13.75
C LEU C 223 31.38 28.33 12.69
N ALA C 224 32.33 27.71 11.97
CA ALA C 224 33.08 28.36 10.91
C ALA C 224 32.15 28.83 9.78
N LEU C 225 31.15 27.99 9.39
CA LEU C 225 30.19 28.30 8.31
C LEU C 225 29.40 29.58 8.65
N ILE C 226 28.85 29.64 9.87
CA ILE C 226 28.07 30.78 10.35
C ILE C 226 28.93 32.08 10.35
N LYS C 227 30.12 32.09 11.01
CA LYS C 227 31.00 33.27 11.04
C LYS C 227 31.36 33.83 9.64
N LYS C 228 31.59 32.96 8.67
CA LYS C 228 31.96 33.32 7.31
C LYS C 228 30.82 33.82 6.42
N TYR C 229 29.70 33.03 6.33
CA TYR C 229 28.60 33.29 5.40
C TYR C 229 27.44 34.09 5.97
N TYR C 230 27.32 34.15 7.31
CA TYR C 230 26.20 34.83 7.94
C TYR C 230 26.61 35.84 8.99
N GLY C 231 27.24 35.36 10.06
CA GLY C 231 27.74 36.19 11.15
C GLY C 231 26.75 36.41 12.28
N THR C 232 27.29 36.51 13.50
CA THR C 232 26.52 36.76 14.72
C THR C 232 27.14 37.91 15.49
N LYS C 233 26.30 38.66 16.24
CA LYS C 233 26.72 39.69 17.18
C LYS C 233 27.54 38.92 18.27
N ASP C 234 27.00 37.76 18.71
CA ASP C 234 27.54 36.78 19.69
C ASP C 234 28.93 36.29 19.26
N PRO C 235 29.83 35.93 20.21
CA PRO C 235 31.18 35.47 19.81
C PRO C 235 31.20 34.19 18.98
N VAL C 236 30.37 33.21 19.37
CA VAL C 236 30.19 31.92 18.68
C VAL C 236 28.69 31.64 18.53
N PRO C 237 28.26 31.01 17.42
CA PRO C 237 26.82 30.67 17.30
C PRO C 237 26.37 29.49 18.21
N GLY C 238 27.29 28.58 18.53
CA GLY C 238 26.99 27.40 19.34
C GLY C 238 27.94 27.14 20.50
N TYR C 239 27.42 26.44 21.51
CA TYR C 239 28.11 26.09 22.75
C TYR C 239 28.07 24.61 23.02
N SER C 240 29.02 24.15 23.83
CA SER C 240 29.14 22.76 24.26
C SER C 240 29.62 22.68 25.70
N VAL C 241 29.48 21.51 26.31
CA VAL C 241 29.93 21.28 27.68
C VAL C 241 30.96 20.16 27.70
N PRO C 242 31.94 20.15 28.66
CA PRO C 242 32.83 18.98 28.77
C PRO C 242 32.00 17.70 29.00
N ALA C 243 32.38 16.62 28.30
CA ALA C 243 31.64 15.38 28.34
C ALA C 243 32.56 14.17 28.17
N ALA C 244 32.18 13.02 28.77
CA ALA C 244 32.92 11.75 28.63
C ALA C 244 32.40 10.88 27.47
N GLU C 245 33.23 9.93 27.03
CA GLU C 245 32.88 8.92 26.04
C GLU C 245 33.23 7.56 26.61
N HIS C 246 32.83 6.49 25.93
CA HIS C 246 33.14 5.12 26.36
C HIS C 246 34.63 4.88 26.50
N SER C 247 35.46 5.44 25.64
CA SER C 247 36.92 5.24 25.76
C SER C 247 37.50 5.80 27.05
N THR C 248 37.09 7.03 27.47
CA THR C 248 37.59 7.65 28.71
C THR C 248 37.09 6.93 29.99
N ILE C 249 35.96 6.18 29.95
CA ILE C 249 35.50 5.37 31.09
C ILE C 249 36.17 4.00 31.06
N THR C 250 36.02 3.28 29.94
CA THR C 250 36.49 1.91 29.78
C THR C 250 38.02 1.79 29.88
N ALA C 251 38.78 2.87 29.59
CA ALA C 251 40.25 2.90 29.68
C ALA C 251 40.80 2.61 31.09
N TRP C 252 40.02 2.87 32.14
CA TRP C 252 40.38 2.65 33.55
C TRP C 252 40.23 1.20 33.99
N GLY C 253 39.49 0.41 33.20
CA GLY C 253 39.19 -0.98 33.51
C GLY C 253 37.81 -1.13 34.09
N LYS C 254 37.22 -2.34 33.93
CA LYS C 254 35.87 -2.73 34.38
C LYS C 254 35.63 -2.47 35.89
N ASP C 255 36.65 -2.83 36.72
CA ASP C 255 36.63 -2.73 38.19
C ASP C 255 36.82 -1.32 38.73
N HIS C 256 37.22 -0.35 37.87
CA HIS C 256 37.53 1.03 38.23
C HIS C 256 36.70 2.10 37.51
N GLU C 257 35.38 1.82 37.30
CA GLU C 257 34.41 2.76 36.73
C GLU C 257 34.19 3.94 37.69
N LYS C 258 34.21 3.64 39.02
CA LYS C 258 34.06 4.65 40.09
C LYS C 258 35.23 5.66 40.02
N ASP C 259 36.45 5.15 39.78
CA ASP C 259 37.69 5.91 39.62
C ASP C 259 37.61 6.80 38.37
N ALA C 260 37.10 6.26 37.25
CA ALA C 260 36.89 7.04 36.00
C ALA C 260 35.96 8.22 36.30
N PHE C 261 34.81 7.94 36.95
CA PHE C 261 33.77 8.94 37.30
C PHE C 261 34.32 9.99 38.27
N GLU C 262 35.00 9.55 39.35
CA GLU C 262 35.56 10.46 40.35
C GLU C 262 36.54 11.43 39.72
N HIS C 263 37.46 10.95 38.89
CA HIS C 263 38.46 11.78 38.23
C HIS C 263 37.83 12.82 37.29
N ILE C 264 36.86 12.38 36.46
CA ILE C 264 36.22 13.22 35.48
C ILE C 264 35.45 14.35 36.15
N VAL C 265 34.62 14.05 37.19
CA VAL C 265 33.83 15.08 37.86
C VAL C 265 34.71 16.05 38.63
N THR C 266 35.86 15.56 39.14
CA THR C 266 36.85 16.36 39.85
C THR C 266 37.58 17.30 38.86
N GLN C 267 37.94 16.83 37.63
CA GLN C 267 38.59 17.69 36.62
C GLN C 267 37.65 18.83 36.13
N PHE C 268 36.34 18.54 36.09
CA PHE C 268 35.31 19.49 35.65
C PHE C 268 34.32 19.71 36.77
N SER C 269 34.82 20.31 37.86
CA SER C 269 34.04 20.56 39.07
C SER C 269 33.27 21.88 39.05
N SER C 270 33.73 22.87 38.28
CA SER C 270 33.11 24.19 38.26
C SER C 270 32.32 24.52 36.97
N VAL C 271 32.21 23.52 36.07
CA VAL C 271 31.49 23.61 34.79
C VAL C 271 30.50 22.42 34.68
N PRO C 272 29.39 22.45 33.88
CA PRO C 272 28.56 21.24 33.75
C PRO C 272 29.39 20.12 33.11
N VAL C 273 29.14 18.86 33.54
CA VAL C 273 29.89 17.74 32.94
C VAL C 273 28.94 16.59 32.62
N SER C 274 29.05 16.06 31.38
CA SER C 274 28.23 14.92 30.97
C SER C 274 29.05 13.65 31.09
N VAL C 275 28.52 12.65 31.76
CA VAL C 275 29.28 11.42 31.95
C VAL C 275 28.46 10.23 31.52
N VAL C 276 28.90 9.58 30.43
CA VAL C 276 28.28 8.37 29.90
C VAL C 276 28.38 7.30 31.03
N SER C 277 27.23 6.77 31.47
CA SER C 277 27.16 5.86 32.60
C SER C 277 26.67 4.44 32.30
N ASP C 278 26.66 4.03 31.03
CA ASP C 278 26.14 2.72 30.62
C ASP C 278 27.20 1.69 30.15
N SER C 279 28.50 1.96 30.31
CA SER C 279 29.55 1.04 29.83
C SER C 279 29.37 -0.42 30.25
N TYR C 280 28.90 -0.63 31.49
CA TYR C 280 28.72 -1.96 32.03
C TYR C 280 27.27 -2.14 32.54
N ASP C 281 26.80 -1.25 33.42
CA ASP C 281 25.43 -1.31 33.93
C ASP C 281 25.00 0.10 34.32
N ILE C 282 24.15 0.72 33.51
CA ILE C 282 23.61 2.06 33.78
C ILE C 282 22.95 2.16 35.17
N TYR C 283 22.21 1.10 35.57
CA TYR C 283 21.44 1.03 36.81
C TYR C 283 22.33 0.97 38.04
N ASN C 284 23.43 0.17 37.97
CA ASN C 284 24.41 0.08 39.04
C ASN C 284 25.12 1.43 39.16
N ALA C 285 25.59 2.00 38.01
CA ALA C 285 26.26 3.30 37.95
C ALA C 285 25.44 4.37 38.68
N CYS C 286 24.12 4.42 38.42
CA CYS C 286 23.21 5.37 39.07
C CYS C 286 22.98 5.08 40.52
N GLU C 287 22.56 3.84 40.85
CA GLU C 287 22.23 3.46 42.22
C GLU C 287 23.41 3.44 43.20
N LYS C 288 24.49 2.72 42.85
CA LYS C 288 25.63 2.53 43.74
C LYS C 288 26.79 3.47 43.54
N ILE C 289 27.11 3.87 42.30
CA ILE C 289 28.29 4.73 42.11
C ILE C 289 27.93 6.19 42.30
N TRP C 290 26.99 6.71 41.50
CA TRP C 290 26.59 8.11 41.62
C TRP C 290 25.80 8.36 42.92
N GLY C 291 24.87 7.46 43.22
CA GLY C 291 23.97 7.52 44.37
C GLY C 291 24.54 7.27 45.75
N GLU C 292 25.64 6.50 45.84
CA GLU C 292 26.25 6.19 47.14
C GLU C 292 27.71 6.59 47.23
N ASP C 293 28.61 5.87 46.52
CA ASP C 293 30.06 6.09 46.57
C ASP C 293 30.49 7.53 46.28
N LEU C 294 29.97 8.11 45.17
CA LEU C 294 30.37 9.45 44.75
C LEU C 294 29.34 10.54 45.02
N ARG C 295 28.30 10.21 45.81
CA ARG C 295 27.19 11.11 46.15
C ARG C 295 27.66 12.47 46.67
N HIS C 296 28.66 12.45 47.56
CA HIS C 296 29.30 13.58 48.22
C HIS C 296 29.99 14.51 47.24
N LEU C 297 30.29 14.01 46.02
CA LEU C 297 30.94 14.80 44.96
C LEU C 297 29.91 15.44 44.01
N ILE C 298 28.62 15.00 44.11
CA ILE C 298 27.47 15.46 43.30
C ILE C 298 26.69 16.57 44.05
N VAL C 299 26.25 16.27 45.29
CA VAL C 299 25.45 17.17 46.14
C VAL C 299 26.19 18.49 46.49
N SER C 300 27.50 18.49 46.29
CA SER C 300 28.39 19.62 46.52
C SER C 300 28.47 20.58 45.29
N ARG C 301 28.18 20.07 44.09
CA ARG C 301 28.23 20.84 42.85
C ARG C 301 27.22 21.99 42.79
N SER C 302 27.60 23.09 42.09
CA SER C 302 26.80 24.31 41.92
C SER C 302 25.72 24.15 40.83
N THR C 303 24.63 24.94 40.95
CA THR C 303 23.48 24.96 40.02
C THR C 303 23.95 25.21 38.55
N GLN C 304 25.08 25.92 38.39
CA GLN C 304 25.69 26.27 37.10
C GLN C 304 26.70 25.22 36.59
N ALA C 305 27.01 24.23 37.42
CA ALA C 305 27.95 23.14 37.10
C ALA C 305 27.40 21.73 37.47
N PRO C 306 26.15 21.37 37.08
CA PRO C 306 25.60 20.05 37.48
C PRO C 306 26.29 18.85 36.85
N LEU C 307 26.07 17.65 37.44
CA LEU C 307 26.48 16.40 36.82
C LEU C 307 25.32 16.02 35.87
N ILE C 308 25.63 15.66 34.63
CA ILE C 308 24.63 15.27 33.63
C ILE C 308 24.89 13.79 33.36
N ILE C 309 24.01 12.92 33.89
CA ILE C 309 24.12 11.48 33.73
C ILE C 309 23.63 11.12 32.34
N ARG C 310 24.46 10.39 31.59
CA ARG C 310 24.14 10.02 30.25
C ARG C 310 23.95 8.49 30.05
N PRO C 311 22.68 7.99 29.97
CA PRO C 311 22.50 6.60 29.51
C PRO C 311 22.76 6.62 27.98
N ASP C 312 23.09 5.48 27.38
CA ASP C 312 23.33 5.51 25.92
C ASP C 312 22.92 4.16 25.22
N SER C 313 22.02 3.40 25.86
CA SER C 313 21.64 2.08 25.35
C SER C 313 20.33 1.63 25.95
N GLY C 314 19.74 0.61 25.32
CA GLY C 314 18.46 0.05 25.73
C GLY C 314 17.33 0.91 25.19
N ASN C 315 16.10 0.65 25.68
CA ASN C 315 14.93 1.42 25.25
C ASN C 315 15.08 2.85 25.75
N PRO C 316 15.04 3.86 24.85
CA PRO C 316 15.21 5.26 25.28
C PRO C 316 14.32 5.71 26.43
N LEU C 317 12.97 5.56 26.32
CA LEU C 317 12.02 5.94 27.34
C LEU C 317 12.14 5.13 28.65
N ASP C 318 12.19 3.80 28.54
CA ASP C 318 12.27 2.92 29.70
C ASP C 318 13.48 3.17 30.57
N THR C 319 14.64 3.41 29.93
CA THR C 319 15.92 3.70 30.55
C THR C 319 15.86 5.04 31.23
N VAL C 320 15.30 6.06 30.56
CA VAL C 320 15.16 7.40 31.15
C VAL C 320 14.31 7.29 32.43
N LEU C 321 13.14 6.60 32.33
CA LEU C 321 12.24 6.42 33.49
C LEU C 321 12.85 5.60 34.59
N LYS C 322 13.57 4.54 34.25
CA LYS C 322 14.21 3.74 35.30
C LYS C 322 15.29 4.54 36.02
N VAL C 323 16.09 5.31 35.27
CA VAL C 323 17.19 6.16 35.78
C VAL C 323 16.68 7.28 36.71
N LEU C 324 15.62 8.00 36.34
CA LEU C 324 15.04 9.06 37.17
C LEU C 324 14.47 8.48 38.46
N GLU C 325 13.86 7.29 38.40
CA GLU C 325 13.29 6.56 39.52
C GLU C 325 14.39 6.19 40.50
N ILE C 326 15.51 5.60 40.02
CA ILE C 326 16.67 5.27 40.85
C ILE C 326 17.22 6.56 41.49
N LEU C 327 17.39 7.62 40.65
CA LEU C 327 17.95 8.89 41.13
C LEU C 327 17.10 9.56 42.21
N GLY C 328 15.77 9.44 42.08
CA GLY C 328 14.81 9.96 43.05
C GLY C 328 14.95 9.39 44.45
N LYS C 329 15.41 8.12 44.52
CA LYS C 329 15.61 7.40 45.78
C LYS C 329 16.84 7.87 46.54
N LYS C 330 17.92 8.21 45.80
CA LYS C 330 19.21 8.61 46.36
C LYS C 330 19.41 10.11 46.51
N PHE C 331 18.65 10.92 45.76
CA PHE C 331 18.79 12.37 45.82
C PHE C 331 17.49 13.05 46.15
N PRO C 332 17.52 14.24 46.81
CA PRO C 332 16.24 14.92 47.13
C PRO C 332 15.51 15.53 45.92
N VAL C 333 14.29 15.02 45.65
CA VAL C 333 13.44 15.48 44.54
C VAL C 333 12.44 16.49 45.10
N THR C 334 12.25 17.61 44.40
CA THR C 334 11.27 18.61 44.85
C THR C 334 10.09 18.59 43.86
N GLU C 335 9.07 19.36 44.17
CA GLU C 335 7.92 19.53 43.29
C GLU C 335 7.94 20.98 42.83
N ASN C 336 7.81 21.19 41.54
CA ASN C 336 7.81 22.54 40.99
C ASN C 336 6.41 23.15 41.08
N SER C 337 6.26 24.43 40.66
CA SER C 337 5.01 25.20 40.68
C SER C 337 3.86 24.58 39.89
N LYS C 338 4.18 23.70 38.91
CA LYS C 338 3.17 23.04 38.09
C LYS C 338 2.82 21.64 38.62
N GLY C 339 3.45 21.22 39.72
CA GLY C 339 3.18 19.92 40.34
C GLY C 339 4.01 18.74 39.88
N TYR C 340 5.06 18.97 39.05
CA TYR C 340 5.95 17.94 38.47
C TYR C 340 7.21 17.78 39.28
N LYS C 341 7.70 16.53 39.35
CA LYS C 341 8.90 16.13 40.11
C LYS C 341 10.12 16.79 39.48
N LEU C 342 10.98 17.36 40.31
CA LEU C 342 12.18 18.06 39.86
C LEU C 342 13.42 17.55 40.62
N LEU C 343 14.46 17.11 39.90
CA LEU C 343 15.73 16.64 40.50
C LEU C 343 16.44 17.80 41.20
N PRO C 344 17.39 17.52 42.13
CA PRO C 344 18.14 18.64 42.73
C PRO C 344 18.94 19.40 41.65
N PRO C 345 19.10 20.73 41.77
CA PRO C 345 19.72 21.52 40.67
C PRO C 345 21.11 21.11 40.16
N TYR C 346 21.87 20.36 40.98
CA TYR C 346 23.22 19.90 40.68
C TYR C 346 23.20 18.55 39.90
N LEU C 347 22.01 18.07 39.53
CA LEU C 347 21.85 16.78 38.88
C LEU C 347 20.88 16.84 37.73
N ARG C 348 21.34 16.43 36.53
CA ARG C 348 20.55 16.36 35.30
C ARG C 348 20.83 15.05 34.53
N VAL C 349 20.00 14.78 33.50
CA VAL C 349 20.05 13.66 32.58
C VAL C 349 20.11 14.17 31.10
N ILE C 350 20.82 13.39 30.25
CA ILE C 350 20.90 13.59 28.80
C ILE C 350 20.63 12.25 28.16
N GLN C 351 19.61 12.20 27.28
CA GLN C 351 19.34 11.01 26.52
C GLN C 351 19.90 11.29 25.12
N GLY C 352 21.00 10.65 24.80
CA GLY C 352 21.65 10.88 23.52
C GLY C 352 21.66 9.71 22.57
N ASP C 353 20.89 8.67 22.86
CA ASP C 353 20.82 7.52 22.00
C ASP C 353 19.41 7.26 21.45
N GLY C 354 19.34 7.06 20.13
CA GLY C 354 18.12 6.75 19.39
C GLY C 354 17.07 7.85 19.49
N VAL C 355 17.52 9.12 19.43
CA VAL C 355 16.61 10.25 19.50
C VAL C 355 16.36 10.77 18.10
N ASP C 356 15.07 10.82 17.72
CA ASP C 356 14.62 11.42 16.47
C ASP C 356 13.33 12.15 16.83
N ILE C 357 12.68 12.84 15.89
CA ILE C 357 11.44 13.56 16.12
C ILE C 357 10.33 12.65 16.72
N ASN C 358 10.28 11.37 16.32
CA ASN C 358 9.29 10.40 16.79
C ASN C 358 9.54 9.96 18.22
N THR C 359 10.73 9.45 18.53
CA THR C 359 11.12 8.96 19.84
C THR C 359 11.19 10.07 20.89
N LEU C 360 11.60 11.30 20.50
CA LEU C 360 11.64 12.45 21.40
C LEU C 360 10.27 12.70 22.05
N GLN C 361 9.24 12.70 21.21
CA GLN C 361 7.83 12.91 21.52
C GLN C 361 7.37 11.87 22.51
N GLU C 362 7.78 10.60 22.27
CA GLU C 362 7.52 9.44 23.13
C GLU C 362 8.12 9.58 24.51
N ILE C 363 9.35 10.11 24.60
CA ILE C 363 10.07 10.29 25.88
C ILE C 363 9.46 11.41 26.74
N VAL C 364 9.21 12.59 26.16
CA VAL C 364 8.65 13.76 26.85
C VAL C 364 7.22 13.46 27.32
N GLU C 365 6.46 12.68 26.51
CA GLU C 365 5.11 12.23 26.84
C GLU C 365 5.13 11.17 27.98
N GLY C 366 6.06 10.22 27.88
CA GLY C 366 6.22 9.17 28.88
C GLY C 366 6.65 9.73 30.22
N MET C 367 7.49 10.78 30.20
CA MET C 367 7.97 11.43 31.41
C MET C 367 6.83 12.23 32.03
N LYS C 368 6.01 12.86 31.17
CA LYS C 368 4.88 13.67 31.59
C LYS C 368 3.89 12.82 32.32
N GLN C 369 3.55 11.64 31.75
CA GLN C 369 2.67 10.64 32.35
C GLN C 369 3.19 10.17 33.71
N LYS C 370 4.53 10.16 33.90
CA LYS C 370 5.18 9.80 35.15
C LYS C 370 5.38 10.99 36.12
N MET C 371 4.87 12.17 35.75
CA MET C 371 4.92 13.41 36.53
C MET C 371 6.35 13.93 36.73
N TRP C 372 7.24 13.71 35.74
CA TRP C 372 8.63 14.21 35.72
C TRP C 372 8.68 15.44 34.86
N SER C 373 9.22 16.53 35.38
CA SER C 373 9.32 17.77 34.62
C SER C 373 10.36 17.61 33.51
N ILE C 374 10.18 18.29 32.38
CA ILE C 374 11.11 18.24 31.27
C ILE C 374 12.34 19.11 31.58
N GLU C 375 12.30 19.87 32.69
CA GLU C 375 13.46 20.61 33.21
C GLU C 375 14.59 19.62 33.52
N ASN C 376 14.25 18.36 33.82
CA ASN C 376 15.16 17.28 34.19
C ASN C 376 16.06 16.74 33.09
N ILE C 377 15.62 16.81 31.82
CA ILE C 377 16.29 16.17 30.71
C ILE C 377 16.65 17.09 29.56
N ALA C 378 17.68 16.68 28.81
CA ALA C 378 18.13 17.26 27.56
C ALA C 378 18.30 16.09 26.60
N PHE C 379 18.40 16.36 25.32
CA PHE C 379 18.53 15.29 24.36
C PHE C 379 19.69 15.50 23.43
N GLY C 380 20.25 14.38 22.98
CA GLY C 380 21.30 14.34 22.00
C GLY C 380 20.79 13.58 20.80
N SER C 381 20.93 14.15 19.62
CA SER C 381 20.47 13.49 18.39
C SER C 381 21.55 13.67 17.33
N GLY C 382 21.95 12.57 16.74
CA GLY C 382 23.00 12.56 15.74
C GLY C 382 22.46 12.29 14.36
N GLY C 383 22.55 11.02 13.96
CA GLY C 383 22.06 10.55 12.68
C GLY C 383 20.62 10.92 12.41
N GLY C 384 19.80 10.95 13.47
CA GLY C 384 18.40 11.35 13.37
C GLY C 384 18.25 12.82 13.04
N LEU C 385 19.18 13.66 13.55
CA LEU C 385 19.18 15.11 13.38
C LEU C 385 19.74 15.62 12.06
N LEU C 386 20.88 15.06 11.61
CA LEU C 386 21.52 15.59 10.41
C LEU C 386 21.68 14.63 9.21
N GLN C 387 21.37 13.33 9.34
CA GLN C 387 21.57 12.35 8.26
C GLN C 387 20.31 11.58 7.79
N LYS C 388 19.42 11.18 8.71
CA LYS C 388 18.23 10.40 8.41
C LYS C 388 17.13 11.28 7.79
N LEU C 389 17.50 12.02 6.74
CA LEU C 389 16.64 12.95 6.02
C LEU C 389 16.90 12.79 4.54
N THR C 390 15.83 13.01 3.72
CA THR C 390 15.82 12.95 2.24
C THR C 390 15.10 14.14 1.61
N ARG C 391 15.35 14.35 0.30
CA ARG C 391 14.74 15.40 -0.52
C ARG C 391 13.24 15.15 -0.66
N ASP C 392 12.83 13.86 -0.60
CA ASP C 392 11.45 13.37 -0.67
C ASP C 392 10.62 13.68 0.58
N LEU C 393 11.28 13.95 1.74
CA LEU C 393 10.55 14.27 2.98
C LEU C 393 9.70 15.54 2.88
N LEU C 394 10.26 16.63 2.34
CA LEU C 394 9.56 17.90 2.16
C LEU C 394 9.20 18.16 0.69
N ASN C 395 9.48 17.18 -0.21
CA ASN C 395 9.26 17.27 -1.68
C ASN C 395 9.97 18.48 -2.33
N CYS C 396 11.23 18.67 -1.95
CA CYS C 396 12.01 19.78 -2.48
C CYS C 396 12.28 19.62 -3.97
N SER C 397 11.64 20.50 -4.74
CA SER C 397 11.63 20.44 -6.19
C SER C 397 11.88 21.78 -6.86
N PHE C 398 12.64 21.74 -7.95
CA PHE C 398 12.91 22.89 -8.79
C PHE C 398 12.28 22.50 -10.16
N LYS C 399 11.46 23.38 -10.74
CA LYS C 399 10.82 23.09 -12.05
C LYS C 399 10.75 24.32 -12.94
N CYS C 400 10.69 24.11 -14.27
CA CYS C 400 10.53 25.23 -15.18
C CYS C 400 9.04 25.55 -15.30
N SER C 401 8.65 26.81 -14.97
CA SER C 401 7.25 27.25 -15.04
C SER C 401 6.94 28.30 -16.16
N TYR C 402 7.94 29.11 -16.56
CA TYR C 402 7.80 30.18 -17.56
C TYR C 402 9.00 30.26 -18.53
N VAL C 403 8.71 30.45 -19.83
CA VAL C 403 9.68 30.56 -20.94
C VAL C 403 9.29 31.70 -21.89
N VAL C 404 10.28 32.32 -22.57
CA VAL C 404 10.07 33.37 -23.59
C VAL C 404 10.65 32.88 -24.93
N THR C 405 9.78 32.53 -25.89
CA THR C 405 10.19 32.01 -27.21
C THR C 405 9.63 32.85 -28.35
N ASN C 406 10.52 33.32 -29.25
CA ASN C 406 10.19 34.18 -30.40
C ASN C 406 9.52 35.51 -29.97
N GLY C 407 9.92 35.99 -28.77
CA GLY C 407 9.46 37.23 -28.18
C GLY C 407 8.15 37.17 -27.42
N LEU C 408 7.55 35.97 -27.29
CA LEU C 408 6.30 35.79 -26.54
C LEU C 408 6.52 34.88 -25.32
N GLY C 409 5.96 35.28 -24.19
CA GLY C 409 6.05 34.52 -22.96
C GLY C 409 4.99 33.43 -22.86
N ILE C 410 5.36 32.24 -22.35
CA ILE C 410 4.46 31.09 -22.20
C ILE C 410 4.58 30.40 -20.83
N ASN C 411 3.41 29.99 -20.32
CA ASN C 411 3.24 29.30 -19.06
C ASN C 411 3.26 27.79 -19.30
N VAL C 412 4.34 27.15 -18.82
CA VAL C 412 4.65 25.71 -18.95
C VAL C 412 4.60 24.99 -17.57
N PHE C 413 4.46 23.64 -17.58
CA PHE C 413 4.36 22.78 -16.39
C PHE C 413 4.19 21.30 -16.78
N LYS C 414 4.53 20.39 -15.85
CA LYS C 414 4.35 18.94 -15.99
C LYS C 414 3.07 18.47 -15.23
N ASP C 415 2.40 17.41 -15.75
CA ASP C 415 1.20 16.79 -15.15
C ASP C 415 1.11 15.29 -15.56
N PRO C 416 1.87 14.38 -14.88
CA PRO C 416 1.81 12.94 -15.26
C PRO C 416 0.46 12.27 -14.95
N VAL C 417 -0.05 11.45 -15.91
CA VAL C 417 -1.33 10.71 -15.84
C VAL C 417 -1.46 9.76 -14.63
N ALA C 418 -0.34 9.16 -14.18
CA ALA C 418 -0.33 8.20 -13.08
C ALA C 418 -0.02 8.82 -11.73
N ASP C 419 0.61 10.02 -11.72
CA ASP C 419 1.03 10.68 -10.49
C ASP C 419 0.66 12.19 -10.45
N PRO C 420 -0.62 12.57 -10.17
CA PRO C 420 -0.96 14.01 -10.10
C PRO C 420 -0.34 14.79 -8.93
N ASN C 421 0.47 14.13 -8.08
CA ASN C 421 1.15 14.80 -6.98
C ASN C 421 2.39 15.59 -7.46
N LYS C 422 2.81 15.32 -8.72
CA LYS C 422 3.97 15.89 -9.41
C LYS C 422 3.62 17.06 -10.39
N ARG C 423 2.45 17.73 -10.19
CA ARG C 423 2.01 18.88 -11.00
C ARG C 423 2.69 20.18 -10.54
N SER C 424 3.36 20.90 -11.46
CA SER C 424 4.05 22.16 -11.14
C SER C 424 3.20 23.40 -11.47
N LYS C 425 3.54 24.55 -10.85
CA LYS C 425 2.89 25.85 -11.04
C LYS C 425 3.12 26.46 -12.46
N LYS C 426 2.50 27.63 -12.77
CA LYS C 426 2.61 28.28 -14.10
C LYS C 426 2.89 29.78 -14.07
N GLY C 427 3.80 30.20 -14.94
CA GLY C 427 4.15 31.61 -15.12
C GLY C 427 4.99 32.27 -14.07
N ARG C 428 4.91 33.63 -14.04
CA ARG C 428 5.63 34.50 -13.12
C ARG C 428 5.01 34.37 -11.74
N LEU C 429 5.79 33.80 -10.82
CA LEU C 429 5.37 33.50 -9.46
C LEU C 429 5.80 34.53 -8.44
N SER C 430 4.93 34.79 -7.47
CA SER C 430 5.10 35.71 -6.34
C SER C 430 4.45 35.11 -5.05
N LEU C 431 4.97 35.51 -3.87
CA LEU C 431 4.49 35.09 -2.56
C LEU C 431 3.88 36.27 -1.81
N HIS C 432 2.72 36.06 -1.19
CA HIS C 432 2.02 37.13 -0.48
C HIS C 432 1.46 36.73 0.87
N ARG C 433 1.45 37.70 1.80
CA ARG C 433 0.89 37.57 3.14
C ARG C 433 -0.49 38.21 3.09
N THR C 434 -1.52 37.42 3.40
CA THR C 434 -2.90 37.90 3.37
C THR C 434 -3.17 38.69 4.64
N PRO C 435 -4.18 39.59 4.69
CA PRO C 435 -4.51 40.29 5.96
C PRO C 435 -4.66 39.36 7.19
N ALA C 436 -5.38 38.20 7.05
CA ALA C 436 -5.58 37.22 8.14
C ALA C 436 -4.28 36.56 8.64
N GLY C 437 -3.21 36.64 7.84
CA GLY C 437 -1.92 36.06 8.20
C GLY C 437 -1.56 34.80 7.45
N ASN C 438 -2.31 34.47 6.39
CA ASN C 438 -2.04 33.30 5.57
C ASN C 438 -1.01 33.63 4.46
N PHE C 439 -0.53 32.60 3.73
CA PHE C 439 0.41 32.79 2.60
C PHE C 439 -0.14 32.12 1.34
N VAL C 440 -0.17 32.88 0.24
CA VAL C 440 -0.64 32.41 -1.08
C VAL C 440 0.45 32.63 -2.15
N THR C 441 0.54 31.70 -3.11
CA THR C 441 1.48 31.80 -4.25
C THR C 441 0.68 32.21 -5.48
N LEU C 442 0.80 33.50 -5.86
CA LEU C 442 0.14 34.07 -7.05
C LEU C 442 0.96 33.73 -8.30
N GLU C 443 0.36 32.88 -9.15
CA GLU C 443 0.89 32.36 -10.42
C GLU C 443 0.50 33.27 -11.62
N GLU C 444 1.01 32.96 -12.85
CA GLU C 444 0.69 33.63 -14.14
C GLU C 444 0.94 35.16 -14.15
N GLY C 445 1.87 35.63 -13.33
CA GLY C 445 2.17 37.05 -13.20
C GLY C 445 1.08 37.88 -12.55
N LYS C 446 0.12 37.22 -11.85
CA LYS C 446 -1.03 37.86 -11.20
C LYS C 446 -0.67 38.63 -9.92
N GLY C 447 0.60 38.58 -9.53
CA GLY C 447 1.13 39.31 -8.38
C GLY C 447 1.47 40.76 -8.67
N ASP C 448 1.74 41.09 -9.97
CA ASP C 448 2.06 42.45 -10.45
C ASP C 448 0.92 43.46 -10.20
N LEU C 449 -0.24 42.94 -9.77
CA LEU C 449 -1.47 43.64 -9.41
C LEU C 449 -1.35 44.31 -8.02
N GLU C 450 -0.44 43.79 -7.15
CA GLU C 450 -0.10 44.26 -5.80
C GLU C 450 -1.32 44.30 -4.81
N GLU C 451 -2.47 43.76 -5.25
CA GLU C 451 -3.72 43.65 -4.49
C GLU C 451 -3.59 42.86 -3.18
N TYR C 452 -2.59 41.94 -3.09
CA TYR C 452 -2.35 41.11 -1.91
C TYR C 452 -1.09 41.52 -1.12
N GLY C 453 -0.70 42.78 -1.29
CA GLY C 453 0.47 43.36 -0.62
C GLY C 453 1.75 43.20 -1.42
N GLN C 454 2.88 43.62 -0.81
CA GLN C 454 4.22 43.52 -1.41
C GLN C 454 4.62 42.06 -1.55
N ASP C 455 5.41 41.74 -2.59
CA ASP C 455 5.94 40.39 -2.84
C ASP C 455 6.96 40.10 -1.73
N LEU C 456 6.88 38.90 -1.15
CA LEU C 456 7.80 38.47 -0.07
C LEU C 456 9.21 38.15 -0.59
N LEU C 457 9.31 37.80 -1.89
CA LEU C 457 10.55 37.51 -2.58
C LEU C 457 11.33 38.80 -2.90
N HIS C 458 12.58 38.88 -2.41
CA HIS C 458 13.50 39.99 -2.66
C HIS C 458 14.63 39.45 -3.54
N THR C 459 15.23 40.31 -4.40
CA THR C 459 16.37 39.94 -5.24
C THR C 459 17.60 39.71 -4.30
N VAL C 460 18.12 38.47 -4.29
CA VAL C 460 19.26 38.07 -3.46
C VAL C 460 20.55 37.94 -4.29
N PHE C 461 20.41 37.65 -5.59
CA PHE C 461 21.55 37.47 -6.49
C PHE C 461 21.27 38.12 -7.85
N LYS C 462 22.21 38.95 -8.31
CA LYS C 462 22.08 39.62 -9.61
C LYS C 462 23.43 39.85 -10.28
N ASN C 463 23.60 39.22 -11.46
CA ASN C 463 24.77 39.30 -12.35
C ASN C 463 26.09 39.04 -11.64
N GLY C 464 26.17 37.89 -10.98
CA GLY C 464 27.36 37.47 -10.26
C GLY C 464 27.54 38.07 -8.88
N LYS C 465 26.56 38.85 -8.39
CA LYS C 465 26.71 39.46 -7.08
C LYS C 465 25.53 39.28 -6.15
N VAL C 466 25.86 38.97 -4.87
CA VAL C 466 24.86 38.81 -3.82
C VAL C 466 24.37 40.23 -3.49
N THR C 467 23.06 40.51 -3.72
CA THR C 467 22.47 41.85 -3.52
C THR C 467 21.72 42.03 -2.20
N LYS C 468 21.48 40.93 -1.46
CA LYS C 468 20.78 40.95 -0.18
C LYS C 468 21.28 39.83 0.71
N SER C 469 21.79 40.19 1.88
CA SER C 469 22.28 39.22 2.85
C SER C 469 21.66 39.45 4.23
N TYR C 470 21.41 38.33 4.90
CA TYR C 470 20.83 38.26 6.22
C TYR C 470 21.93 37.70 7.16
N SER C 471 22.01 38.28 8.39
CA SER C 471 22.93 37.82 9.42
C SER C 471 22.22 36.65 10.05
N PHE C 472 22.97 35.79 10.74
CA PHE C 472 22.38 34.63 11.40
C PHE C 472 21.43 35.07 12.50
N ASP C 473 21.67 36.23 13.13
CA ASP C 473 20.82 36.77 14.19
C ASP C 473 19.41 37.09 13.64
N GLU C 474 19.33 37.60 12.38
CA GLU C 474 18.06 37.92 11.72
C GLU C 474 17.30 36.63 11.43
N ILE C 475 18.02 35.61 10.92
CA ILE C 475 17.47 34.29 10.56
C ILE C 475 16.78 33.68 11.76
N ARG C 476 17.51 33.61 12.88
CA ARG C 476 17.06 33.09 14.15
C ARG C 476 15.77 33.76 14.58
N LYS C 477 15.71 35.11 14.47
CA LYS C 477 14.54 35.94 14.80
C LYS C 477 13.34 35.57 13.92
N ASN C 478 13.59 35.37 12.62
CA ASN C 478 12.59 35.00 11.64
C ASN C 478 12.06 33.59 11.89
N ALA C 479 12.91 32.67 12.44
CA ALA C 479 12.49 31.28 12.73
C ALA C 479 11.95 31.04 14.17
N GLN C 480 11.85 32.09 15.00
CA GLN C 480 11.29 32.03 16.37
C GLN C 480 9.94 31.32 16.38
N LEU C 481 9.66 30.57 17.45
CA LEU C 481 8.38 29.89 17.55
C LEU C 481 7.27 30.88 17.96
N ASN C 482 6.00 30.61 17.58
CA ASN C 482 4.86 31.44 18.00
C ASN C 482 4.75 31.44 19.53
N ILE C 483 4.92 30.24 20.16
CA ILE C 483 4.92 30.02 21.62
C ILE C 483 5.94 30.93 22.35
N GLU C 484 7.03 31.36 21.64
CA GLU C 484 8.10 32.23 22.16
C GLU C 484 7.72 33.71 22.06
N ALA D 6 46.25 26.03 4.56
CA ALA D 6 44.92 25.46 4.32
C ALA D 6 43.80 26.22 5.05
N GLU D 7 42.53 25.99 4.63
CA GLU D 7 41.34 26.54 5.27
C GLU D 7 40.79 25.50 6.27
N PHE D 8 40.93 24.20 5.94
CA PHE D 8 40.55 23.08 6.82
C PHE D 8 41.54 22.97 7.97
N ASN D 9 40.98 22.97 9.20
CA ASN D 9 41.72 22.86 10.45
C ASN D 9 41.30 21.59 11.16
N ILE D 10 42.15 20.54 11.15
CA ILE D 10 41.90 19.24 11.81
C ILE D 10 41.60 19.39 13.33
N LEU D 11 42.02 20.50 13.95
CA LEU D 11 41.84 20.80 15.37
C LEU D 11 40.38 21.22 15.63
N LEU D 12 39.65 21.56 14.54
CA LEU D 12 38.24 21.97 14.56
C LEU D 12 37.39 20.95 13.83
N ALA D 13 37.91 19.73 13.68
CA ALA D 13 37.27 18.63 12.96
C ALA D 13 37.04 17.37 13.82
N THR D 14 36.60 17.63 15.06
CA THR D 14 36.26 16.58 16.01
C THR D 14 34.95 16.96 16.65
N ASP D 15 34.31 16.03 17.38
CA ASP D 15 33.15 16.38 18.21
C ASP D 15 33.75 17.16 19.38
N SER D 16 33.18 18.34 19.69
CA SER D 16 33.59 19.27 20.75
C SER D 16 34.05 18.60 22.02
N TYR D 17 33.31 17.59 22.51
CA TYR D 17 33.65 16.96 23.80
C TYR D 17 35.00 16.27 23.78
N LYS D 18 35.49 15.90 22.59
CA LYS D 18 36.76 15.22 22.45
C LYS D 18 37.93 16.16 22.77
N VAL D 19 37.66 17.46 22.78
CA VAL D 19 38.60 18.50 23.16
C VAL D 19 38.97 18.37 24.66
N THR D 20 38.04 17.85 25.47
CA THR D 20 38.17 17.70 26.92
C THR D 20 38.70 16.31 27.38
N HIS D 21 38.89 15.34 26.48
CA HIS D 21 39.22 13.96 26.86
C HIS D 21 40.64 13.72 27.35
N TYR D 22 41.61 14.50 26.88
CA TYR D 22 43.01 14.38 27.32
C TYR D 22 43.15 14.44 28.86
N LYS D 23 42.18 15.11 29.54
CA LYS D 23 42.05 15.30 30.98
C LYS D 23 41.19 14.23 31.66
N GLN D 24 40.78 13.19 30.91
CA GLN D 24 39.87 12.16 31.42
C GLN D 24 40.45 10.75 31.43
N TYR D 25 41.46 10.51 30.63
CA TYR D 25 42.06 9.18 30.56
C TYR D 25 42.83 8.90 31.85
N PRO D 26 43.11 7.61 32.16
CA PRO D 26 43.85 7.32 33.38
C PRO D 26 45.22 7.98 33.34
N PRO D 27 45.69 8.61 34.43
CA PRO D 27 47.06 9.19 34.40
C PRO D 27 48.11 8.16 33.93
N ASN D 28 49.15 8.62 33.26
CA ASN D 28 50.25 7.77 32.74
C ASN D 28 49.80 6.76 31.66
N THR D 29 48.88 7.22 30.77
CA THR D 29 48.41 6.44 29.64
C THR D 29 49.32 6.80 28.49
N SER D 30 50.05 5.80 27.99
CA SER D 30 51.00 5.98 26.88
C SER D 30 50.39 5.52 25.54
N LYS D 31 49.39 4.63 25.59
CA LYS D 31 48.75 4.13 24.38
C LYS D 31 47.24 3.97 24.52
N VAL D 32 46.55 4.39 23.46
CA VAL D 32 45.12 4.23 23.19
C VAL D 32 45.09 3.62 21.79
N TYR D 33 44.52 2.41 21.73
CA TYR D 33 44.36 1.57 20.55
C TYR D 33 42.85 1.36 20.33
N SER D 34 42.40 1.75 19.14
CA SER D 34 41.01 1.70 18.75
C SER D 34 40.87 1.04 17.39
N TYR D 35 39.65 0.56 17.06
CA TYR D 35 39.33 -0.14 15.84
C TYR D 35 37.97 0.25 15.28
N PHE D 36 37.81 0.05 13.96
CA PHE D 36 36.54 0.31 13.29
C PHE D 36 36.01 -0.99 12.76
N GLU D 37 34.71 -1.21 12.96
CA GLU D 37 33.96 -2.38 12.49
C GLU D 37 32.52 -2.03 12.18
N CYS D 38 31.93 -2.86 11.36
CA CYS D 38 30.52 -2.80 11.01
C CYS D 38 29.97 -3.87 11.88
N ARG D 39 29.55 -3.48 13.08
CA ARG D 39 29.06 -4.36 14.13
C ARG D 39 27.93 -5.27 13.61
N GLU D 40 27.90 -6.53 14.09
CA GLU D 40 26.91 -7.55 13.73
C GLU D 40 25.49 -7.14 14.13
N LYS D 41 24.49 -7.72 13.45
CA LYS D 41 23.07 -7.52 13.68
C LYS D 41 22.56 -8.21 14.95
N LYS D 42 21.26 -8.02 15.23
CA LYS D 42 20.43 -8.53 16.34
C LYS D 42 20.45 -10.08 16.47
N THR D 43 19.43 -10.64 17.13
CA THR D 43 19.28 -12.09 17.31
C THR D 43 18.03 -12.57 16.56
N GLU D 44 16.85 -11.95 16.86
CA GLU D 44 15.51 -12.25 16.30
C GLU D 44 15.13 -13.73 16.46
N LYS D 52 20.49 -9.79 5.20
CA LYS D 52 20.48 -8.34 4.96
C LYS D 52 21.77 -7.67 5.44
N TYR D 53 22.68 -7.39 4.48
CA TYR D 53 24.00 -6.78 4.66
C TYR D 53 24.88 -7.60 5.57
N GLU D 54 25.20 -8.82 5.12
CA GLU D 54 26.08 -9.75 5.84
C GLU D 54 27.56 -9.46 5.56
N GLU D 55 27.86 -8.80 4.43
CA GLU D 55 29.22 -8.41 4.03
C GLU D 55 29.31 -6.93 3.59
N THR D 56 30.42 -6.29 3.97
CA THR D 56 30.67 -4.88 3.68
C THR D 56 31.84 -4.66 2.70
N VAL D 57 31.73 -3.61 1.87
CA VAL D 57 32.78 -3.23 0.96
C VAL D 57 33.58 -2.11 1.64
N PHE D 58 34.86 -2.40 1.98
CA PHE D 58 35.72 -1.42 2.62
C PHE D 58 36.19 -0.41 1.59
N TYR D 59 35.66 0.83 1.66
CA TYR D 59 36.04 1.87 0.70
C TYR D 59 35.91 3.29 1.27
N GLY D 60 36.90 4.14 0.98
CA GLY D 60 36.87 5.55 1.35
C GLY D 60 37.95 6.09 2.26
N LEU D 61 38.63 5.21 3.04
CA LEU D 61 39.68 5.64 3.96
C LEU D 61 40.77 6.50 3.29
N GLN D 62 41.25 6.06 2.11
CA GLN D 62 42.32 6.69 1.33
C GLN D 62 41.98 8.14 1.04
N TYR D 63 40.69 8.40 0.77
CA TYR D 63 40.21 9.75 0.51
C TYR D 63 40.43 10.66 1.75
N ILE D 64 40.01 10.18 2.93
CA ILE D 64 40.17 10.86 4.24
C ILE D 64 41.66 11.02 4.60
N LEU D 65 42.48 9.95 4.45
CA LEU D 65 43.93 10.02 4.77
C LEU D 65 44.63 11.12 3.99
N ASN D 66 44.42 11.15 2.68
CA ASN D 66 45.01 12.15 1.79
C ASN D 66 44.42 13.57 1.95
N LYS D 67 43.09 13.69 1.94
CA LYS D 67 42.51 15.02 2.02
C LYS D 67 42.67 15.69 3.37
N TYR D 68 42.64 14.90 4.44
CA TYR D 68 42.56 15.47 5.78
C TYR D 68 43.69 15.17 6.74
N LEU D 69 44.27 13.96 6.67
CA LEU D 69 45.24 13.52 7.66
C LEU D 69 46.75 13.59 7.28
N LYS D 70 47.13 13.51 5.97
CA LYS D 70 48.57 13.55 5.64
C LYS D 70 49.20 14.95 5.66
N GLY D 71 50.52 15.01 5.86
CA GLY D 71 51.34 16.22 5.85
C GLY D 71 51.27 17.10 7.08
N LYS D 72 51.68 18.37 6.90
CA LYS D 72 51.66 19.39 7.95
C LYS D 72 50.20 19.81 8.16
N VAL D 73 49.55 19.18 9.15
CA VAL D 73 48.14 19.46 9.48
C VAL D 73 48.04 20.38 10.70
N VAL D 74 49.18 20.65 11.34
CA VAL D 74 49.25 21.54 12.49
C VAL D 74 50.13 22.76 12.14
N THR D 75 49.60 23.95 12.43
CA THR D 75 50.31 25.23 12.27
C THR D 75 50.12 26.09 13.53
N LYS D 76 51.00 27.07 13.74
CA LYS D 76 50.91 28.02 14.85
C LYS D 76 49.52 28.70 14.76
N GLU D 77 49.11 29.07 13.51
CA GLU D 77 47.84 29.73 13.18
C GLU D 77 46.61 28.89 13.50
N LYS D 78 46.64 27.59 13.14
CA LYS D 78 45.55 26.64 13.42
C LYS D 78 45.38 26.44 14.93
N ILE D 79 46.51 26.29 15.69
CA ILE D 79 46.44 26.14 17.14
C ILE D 79 45.81 27.39 17.75
N GLN D 80 46.21 28.56 17.23
CA GLN D 80 45.69 29.84 17.72
C GLN D 80 44.16 29.98 17.48
N GLU D 81 43.67 29.54 16.29
CA GLU D 81 42.27 29.59 15.88
C GLU D 81 41.43 28.65 16.74
N ALA D 82 41.87 27.37 16.88
CA ALA D 82 41.18 26.39 17.72
C ALA D 82 41.02 26.91 19.15
N LYS D 83 42.09 27.45 19.76
CA LYS D 83 42.10 27.99 21.12
C LYS D 83 41.07 29.13 21.29
N ASP D 84 40.99 30.04 20.31
CA ASP D 84 40.06 31.17 20.37
C ASP D 84 38.61 30.72 20.26
N VAL D 85 38.36 29.73 19.38
CA VAL D 85 37.06 29.13 19.12
C VAL D 85 36.57 28.32 20.35
N TYR D 86 37.43 27.42 20.85
CA TYR D 86 37.09 26.58 22.00
C TYR D 86 36.89 27.40 23.29
N LYS D 87 37.65 28.48 23.47
CA LYS D 87 37.51 29.37 24.63
C LYS D 87 36.08 29.93 24.71
N GLU D 88 35.50 30.36 23.56
CA GLU D 88 34.13 30.91 23.48
C GLU D 88 33.03 29.79 23.40
N HIS D 89 33.34 28.63 22.77
CA HIS D 89 32.44 27.48 22.60
C HIS D 89 32.16 26.80 23.94
N PHE D 90 33.19 26.68 24.80
CA PHE D 90 33.10 26.05 26.12
C PHE D 90 32.96 27.08 27.20
N GLN D 91 33.23 28.37 26.87
CA GLN D 91 33.20 29.51 27.80
C GLN D 91 34.13 29.22 29.01
N ASP D 92 35.27 28.56 28.69
CA ASP D 92 36.31 28.09 29.57
C ASP D 92 37.47 27.58 28.72
N ASP D 93 38.71 27.72 29.20
CA ASP D 93 39.86 27.18 28.47
C ASP D 93 40.06 25.75 28.90
N VAL D 94 39.85 24.83 27.98
CA VAL D 94 39.97 23.40 28.20
C VAL D 94 40.77 22.76 27.06
N PHE D 95 40.99 23.51 25.97
CA PHE D 95 41.80 23.10 24.82
C PHE D 95 43.24 22.78 25.22
N ASN D 96 43.82 21.72 24.61
CA ASN D 96 45.18 21.23 24.85
C ASN D 96 46.15 21.90 23.88
N GLU D 97 46.51 23.14 24.20
CA GLU D 97 47.45 23.95 23.44
C GLU D 97 48.82 23.29 23.38
N LYS D 98 49.32 22.79 24.55
CA LYS D 98 50.64 22.13 24.70
C LYS D 98 50.73 20.87 23.87
N GLY D 99 49.68 20.07 23.92
CA GLY D 99 49.59 18.80 23.22
C GLY D 99 49.73 18.98 21.72
N TRP D 100 49.04 19.99 21.17
CA TRP D 100 49.08 20.28 19.73
C TRP D 100 50.39 20.97 19.35
N ASN D 101 50.94 21.77 20.29
CA ASN D 101 52.23 22.46 20.11
C ASN D 101 53.37 21.46 20.06
N TYR D 102 53.27 20.37 20.84
CA TYR D 102 54.21 19.26 20.88
C TYR D 102 54.29 18.58 19.52
N ILE D 103 53.13 18.34 18.87
CA ILE D 103 53.02 17.71 17.55
C ILE D 103 53.74 18.56 16.50
N LEU D 104 53.56 19.90 16.58
CA LEU D 104 54.13 20.87 15.66
C LEU D 104 55.65 20.95 15.82
N GLU D 105 56.11 21.03 17.08
CA GLU D 105 57.53 21.11 17.47
C GLU D 105 58.30 19.84 17.13
N LYS D 106 57.83 18.66 17.60
CA LYS D 106 58.51 17.37 17.44
C LYS D 106 58.41 16.71 16.06
N TYR D 107 57.27 16.90 15.36
CA TYR D 107 56.99 16.22 14.09
C TYR D 107 56.58 17.14 12.95
N ASP D 108 56.88 18.46 13.06
CA ASP D 108 56.61 19.45 12.01
C ASP D 108 55.12 19.38 11.50
N GLY D 109 54.19 19.41 12.46
CA GLY D 109 52.75 19.33 12.20
C GLY D 109 52.22 18.03 11.61
N HIS D 110 53.01 16.93 11.64
CA HIS D 110 52.57 15.64 11.12
C HIS D 110 52.00 14.83 12.27
N LEU D 111 50.82 14.16 12.08
CA LEU D 111 50.18 13.39 13.15
C LEU D 111 50.96 12.13 13.53
N PRO D 112 51.43 11.96 14.79
CA PRO D 112 52.09 10.68 15.15
C PRO D 112 51.06 9.58 15.44
N ILE D 113 50.48 9.02 14.37
CA ILE D 113 49.42 8.00 14.38
C ILE D 113 49.80 6.88 13.41
N GLU D 114 49.39 5.62 13.70
CA GLU D 114 49.53 4.49 12.79
C GLU D 114 48.12 3.88 12.51
N ILE D 115 47.68 3.96 11.23
CA ILE D 115 46.44 3.38 10.74
C ILE D 115 46.78 2.14 9.92
N LYS D 116 46.24 1.00 10.37
CA LYS D 116 46.38 -0.31 9.77
C LYS D 116 45.00 -0.65 9.20
N ALA D 117 44.91 -1.00 7.92
CA ALA D 117 43.59 -1.27 7.32
C ALA D 117 43.54 -2.44 6.36
N VAL D 118 42.33 -3.01 6.21
CA VAL D 118 42.09 -4.11 5.24
C VAL D 118 42.18 -3.45 3.81
N PRO D 119 42.68 -4.12 2.72
CA PRO D 119 42.80 -3.41 1.43
C PRO D 119 41.47 -2.85 0.91
N GLU D 120 41.48 -1.61 0.38
CA GLU D 120 40.24 -1.01 -0.15
C GLU D 120 39.68 -1.87 -1.28
N GLY D 121 38.37 -2.07 -1.22
CA GLY D 121 37.62 -2.92 -2.14
C GLY D 121 37.31 -4.28 -1.54
N PHE D 122 38.09 -4.73 -0.53
CA PHE D 122 37.85 -6.02 0.14
C PHE D 122 36.43 -6.18 0.66
N VAL D 123 35.87 -7.38 0.45
CA VAL D 123 34.51 -7.71 0.84
C VAL D 123 34.59 -8.56 2.09
N ILE D 124 34.21 -7.95 3.20
CA ILE D 124 34.35 -8.54 4.53
C ILE D 124 33.02 -8.79 5.25
N PRO D 125 32.84 -9.98 5.87
CA PRO D 125 31.65 -10.20 6.70
C PRO D 125 31.59 -9.19 7.87
N ARG D 126 30.36 -8.96 8.37
CA ARG D 126 30.07 -8.08 9.50
C ARG D 126 30.77 -8.59 10.77
N GLY D 127 31.04 -7.66 11.67
CA GLY D 127 31.66 -7.96 12.96
C GLY D 127 33.14 -8.27 12.92
N ASN D 128 33.84 -7.76 11.89
CA ASN D 128 35.30 -7.94 11.74
C ASN D 128 36.02 -6.61 11.80
N VAL D 129 37.27 -6.60 12.36
CA VAL D 129 38.08 -5.37 12.38
C VAL D 129 38.40 -4.98 10.91
N LEU D 130 38.02 -3.77 10.52
CA LEU D 130 38.22 -3.24 9.17
C LEU D 130 39.46 -2.33 9.13
N PHE D 131 39.71 -1.58 10.24
CA PHE D 131 40.89 -0.75 10.44
C PHE D 131 41.16 -0.45 11.91
N THR D 132 42.45 -0.16 12.24
CA THR D 132 42.89 0.18 13.58
C THR D 132 43.64 1.50 13.58
N VAL D 133 43.64 2.18 14.74
CA VAL D 133 44.27 3.47 14.97
C VAL D 133 44.93 3.42 16.36
N GLU D 134 46.17 3.90 16.42
CA GLU D 134 46.97 4.01 17.65
C GLU D 134 48.00 5.13 17.48
N ASN D 135 48.43 5.71 18.61
CA ASN D 135 49.44 6.78 18.65
C ASN D 135 50.84 6.14 18.60
N THR D 136 51.78 6.78 17.92
CA THR D 136 53.15 6.25 17.84
C THR D 136 54.08 6.93 18.87
N ASP D 137 53.56 7.94 19.61
CA ASP D 137 54.26 8.69 20.65
C ASP D 137 53.42 8.68 21.95
N PRO D 138 54.02 8.28 23.10
CA PRO D 138 53.29 8.23 24.38
C PRO D 138 52.54 9.50 24.77
N GLU D 139 53.09 10.67 24.41
CA GLU D 139 52.51 11.98 24.70
C GLU D 139 51.22 12.28 23.90
N CYS D 140 51.00 11.55 22.78
CA CYS D 140 49.84 11.78 21.90
C CYS D 140 48.76 10.71 22.04
N TYR D 141 48.65 10.10 23.25
CA TYR D 141 47.69 9.07 23.62
C TYR D 141 46.25 9.55 23.31
N TRP D 142 45.99 10.83 23.59
CA TRP D 142 44.72 11.53 23.41
C TRP D 142 44.36 11.75 21.90
N LEU D 143 45.33 11.58 20.97
CA LEU D 143 45.15 11.79 19.53
C LEU D 143 44.32 10.69 18.83
N THR D 144 44.57 9.41 19.18
CA THR D 144 43.85 8.28 18.61
C THR D 144 42.34 8.55 18.46
N ASN D 145 41.66 8.87 19.60
CA ASN D 145 40.22 9.05 19.58
C ASN D 145 39.81 10.47 19.18
N TRP D 146 40.78 11.43 19.05
CA TRP D 146 40.50 12.78 18.53
C TRP D 146 39.97 12.60 17.11
N ILE D 147 40.66 11.75 16.33
CA ILE D 147 40.36 11.54 14.93
C ILE D 147 39.26 10.52 14.70
N GLU D 148 38.53 10.07 15.74
CA GLU D 148 37.42 9.13 15.52
C GLU D 148 36.33 9.76 14.61
N THR D 149 35.89 10.99 14.94
CA THR D 149 34.86 11.69 14.19
C THR D 149 35.10 11.69 12.66
N ILE D 150 36.31 12.07 12.21
CA ILE D 150 36.70 12.18 10.81
C ILE D 150 36.81 10.80 10.13
N LEU D 151 37.30 9.80 10.87
CA LEU D 151 37.47 8.43 10.35
C LEU D 151 36.16 7.63 10.24
N VAL D 152 35.27 7.76 11.24
CA VAL D 152 33.97 7.12 11.31
C VAL D 152 33.12 7.53 10.09
N GLN D 153 33.28 8.80 9.61
CA GLN D 153 32.65 9.35 8.40
C GLN D 153 32.92 8.45 7.17
N SER D 154 33.89 7.52 7.27
CA SER D 154 34.16 6.51 6.24
C SER D 154 32.95 5.52 6.16
N TRP D 155 31.92 5.68 7.08
CA TRP D 155 30.71 4.86 7.09
C TRP D 155 29.98 5.09 5.77
N TYR D 156 29.95 6.36 5.31
CA TYR D 156 29.25 6.77 4.12
C TYR D 156 29.78 6.08 2.88
N PRO D 157 31.08 6.20 2.49
CA PRO D 157 31.54 5.47 1.31
C PRO D 157 31.49 3.94 1.46
N ILE D 158 31.53 3.39 2.68
CA ILE D 158 31.41 1.93 2.87
C ILE D 158 29.95 1.49 2.58
N THR D 159 28.98 2.22 3.14
CA THR D 159 27.54 1.91 3.02
C THR D 159 27.05 2.11 1.59
N VAL D 160 27.42 3.25 0.91
CA VAL D 160 27.04 3.48 -0.51
C VAL D 160 27.56 2.29 -1.33
N ALA D 161 28.88 1.93 -1.16
CA ALA D 161 29.53 0.83 -1.89
C ALA D 161 28.94 -0.53 -1.60
N THR D 162 28.54 -0.78 -0.36
CA THR D 162 27.91 -2.04 0.08
C THR D 162 26.49 -2.17 -0.52
N ASN D 163 25.68 -1.09 -0.43
CA ASN D 163 24.31 -1.06 -0.93
C ASN D 163 24.25 -1.09 -2.46
N SER D 164 25.18 -0.36 -3.14
CA SER D 164 25.34 -0.34 -4.60
C SER D 164 25.67 -1.77 -5.04
N ARG D 165 26.55 -2.49 -4.32
CA ARG D 165 26.92 -3.87 -4.63
C ARG D 165 25.79 -4.86 -4.37
N GLU D 166 24.96 -4.63 -3.33
CA GLU D 166 23.83 -5.52 -3.02
C GLU D 166 22.76 -5.42 -4.10
N GLN D 167 22.60 -4.20 -4.67
CA GLN D 167 21.71 -3.91 -5.79
C GLN D 167 22.28 -4.55 -7.07
N LYS D 168 23.63 -4.70 -7.13
CA LYS D 168 24.32 -5.35 -8.26
C LYS D 168 24.12 -6.86 -8.25
N LYS D 169 24.10 -7.48 -7.04
CA LYS D 169 23.83 -8.92 -6.86
C LYS D 169 22.38 -9.23 -7.28
N ILE D 170 21.42 -8.30 -6.97
CA ILE D 170 20.01 -8.44 -7.34
C ILE D 170 19.95 -8.62 -8.87
N LEU D 171 20.49 -7.62 -9.59
CA LEU D 171 20.53 -7.55 -11.03
C LEU D 171 21.24 -8.74 -11.66
N ALA D 172 22.41 -9.13 -11.10
CA ALA D 172 23.24 -10.26 -11.57
C ALA D 172 22.53 -11.62 -11.58
N LYS D 173 21.73 -11.92 -10.53
CA LYS D 173 20.98 -13.17 -10.40
C LYS D 173 19.86 -13.24 -11.45
N TYR D 174 19.04 -12.17 -11.55
CA TYR D 174 17.91 -12.09 -12.48
C TYR D 174 18.34 -11.97 -13.94
N LEU D 175 19.42 -11.22 -14.22
CA LEU D 175 19.95 -11.10 -15.58
C LEU D 175 20.49 -12.45 -16.08
N LEU D 176 21.12 -13.25 -15.19
CA LEU D 176 21.65 -14.59 -15.50
C LEU D 176 20.51 -15.59 -15.79
N GLU D 177 19.42 -15.56 -14.99
CA GLU D 177 18.29 -16.48 -15.21
C GLU D 177 17.45 -16.15 -16.47
N THR D 178 17.43 -14.87 -16.89
CA THR D 178 16.67 -14.38 -18.05
C THR D 178 17.52 -14.16 -19.33
N SER D 179 18.85 -14.47 -19.30
CA SER D 179 19.73 -14.28 -20.45
C SER D 179 20.94 -15.21 -20.52
N GLY D 180 21.29 -15.87 -19.42
CA GLY D 180 22.46 -16.75 -19.38
C GLY D 180 23.76 -15.99 -19.21
N ASN D 181 23.86 -14.80 -19.85
CA ASN D 181 25.00 -13.90 -19.79
C ASN D 181 24.78 -12.80 -18.74
N LEU D 182 25.84 -12.01 -18.47
CA LEU D 182 25.81 -10.89 -17.55
C LEU D 182 26.23 -9.61 -18.27
N ASP D 183 26.14 -9.60 -19.62
CA ASP D 183 26.49 -8.50 -20.52
C ASP D 183 25.76 -7.19 -20.18
N GLY D 184 26.52 -6.09 -20.08
CA GLY D 184 26.01 -4.75 -19.78
C GLY D 184 25.54 -4.54 -18.36
N LEU D 185 25.86 -5.49 -17.44
CA LEU D 185 25.50 -5.45 -16.02
C LEU D 185 26.04 -4.20 -15.32
N GLU D 186 27.29 -3.78 -15.66
CA GLU D 186 27.94 -2.60 -15.07
C GLU D 186 27.24 -1.27 -15.42
N TYR D 187 26.28 -1.29 -16.36
CA TYR D 187 25.51 -0.13 -16.82
C TYR D 187 24.00 -0.21 -16.48
N LYS D 188 23.58 -1.28 -15.77
CA LYS D 188 22.18 -1.49 -15.37
C LYS D 188 21.74 -0.75 -14.06
N LEU D 189 22.57 0.21 -13.55
CA LEU D 189 22.25 1.05 -12.38
C LEU D 189 22.97 2.41 -12.45
N HIS D 190 22.20 3.48 -12.73
CA HIS D 190 22.68 4.85 -12.92
C HIS D 190 22.44 5.81 -11.74
N ASP D 191 23.50 6.58 -11.43
CA ASP D 191 23.56 7.57 -10.38
C ASP D 191 22.86 8.90 -10.74
N PHE D 192 21.70 9.14 -10.12
CA PHE D 192 20.85 10.32 -10.32
C PHE D 192 20.86 11.34 -9.14
N GLY D 193 21.51 10.98 -8.04
CA GLY D 193 21.51 11.70 -6.76
C GLY D 193 22.27 12.99 -6.50
N TYR D 194 22.83 13.65 -7.54
CA TYR D 194 23.58 14.91 -7.36
C TYR D 194 22.71 16.00 -6.63
N ARG D 195 21.42 16.14 -7.04
CA ARG D 195 20.49 17.10 -6.44
C ARG D 195 19.89 16.63 -5.09
N GLY D 196 19.99 15.34 -4.80
CA GLY D 196 19.39 14.70 -3.64
C GLY D 196 20.29 14.44 -2.45
N VAL D 197 21.55 14.84 -2.55
CA VAL D 197 22.53 14.69 -1.48
C VAL D 197 22.63 16.01 -0.73
N SER D 198 23.27 15.95 0.45
CA SER D 198 23.40 17.07 1.38
C SER D 198 24.43 18.15 0.99
N SER D 199 25.47 17.79 0.19
CA SER D 199 26.51 18.74 -0.19
C SER D 199 27.25 18.33 -1.47
N GLN D 200 28.07 19.26 -2.02
CA GLN D 200 28.93 19.00 -3.18
C GLN D 200 30.00 17.96 -2.78
N GLU D 201 30.49 18.01 -1.52
CA GLU D 201 31.48 17.04 -1.04
C GLU D 201 30.92 15.58 -0.98
N THR D 202 29.73 15.41 -0.41
CA THR D 202 29.00 14.13 -0.26
C THR D 202 28.70 13.58 -1.66
N ALA D 203 28.31 14.47 -2.60
CA ALA D 203 28.03 14.11 -4.00
C ALA D 203 29.21 13.32 -4.61
N GLY D 204 30.43 13.89 -4.51
CA GLY D 204 31.68 13.31 -4.98
C GLY D 204 32.02 11.98 -4.33
N ILE D 205 31.98 11.94 -2.99
CA ILE D 205 32.27 10.73 -2.19
C ILE D 205 31.29 9.59 -2.54
N GLY D 206 29.98 9.90 -2.52
CA GLY D 206 28.91 8.97 -2.84
C GLY D 206 29.00 8.40 -4.25
N ALA D 207 29.05 9.30 -5.26
CA ALA D 207 29.16 8.92 -6.68
C ALA D 207 30.36 8.00 -6.95
N SER D 208 31.50 8.25 -6.26
CA SER D 208 32.72 7.46 -6.36
C SER D 208 32.56 6.03 -5.77
N ALA D 209 31.74 5.86 -4.72
CA ALA D 209 31.48 4.58 -4.06
C ALA D 209 30.61 3.66 -4.92
N HIS D 210 29.66 4.25 -5.65
CA HIS D 210 28.78 3.56 -6.56
C HIS D 210 29.59 3.12 -7.78
N LEU D 211 30.58 3.96 -8.21
CA LEU D 211 31.41 3.68 -9.38
C LEU D 211 32.36 2.50 -9.17
N VAL D 212 32.51 2.05 -7.91
CA VAL D 212 33.29 0.86 -7.54
C VAL D 212 32.62 -0.35 -8.19
N ASN D 213 31.28 -0.30 -8.24
CA ASN D 213 30.40 -1.36 -8.70
C ASN D 213 29.89 -1.15 -10.13
N PHE D 214 29.44 0.08 -10.42
CA PHE D 214 28.86 0.45 -11.70
C PHE D 214 29.68 1.46 -12.51
N LYS D 215 29.34 1.65 -13.81
CA LYS D 215 30.05 2.57 -14.70
C LYS D 215 29.19 3.76 -15.23
N GLY D 216 27.96 3.92 -14.73
CA GLY D 216 27.09 5.00 -15.16
C GLY D 216 26.76 5.98 -14.05
N THR D 217 26.97 7.28 -14.34
CA THR D 217 26.73 8.35 -13.35
C THR D 217 26.41 9.70 -14.01
N ASP D 218 25.57 10.50 -13.33
CA ASP D 218 25.22 11.86 -13.73
C ASP D 218 25.83 12.89 -12.74
N THR D 219 26.42 12.35 -11.66
CA THR D 219 27.06 13.11 -10.58
C THR D 219 28.51 13.33 -10.95
N VAL D 220 28.74 14.38 -11.78
CA VAL D 220 30.05 14.76 -12.37
C VAL D 220 31.17 14.81 -11.31
N ALA D 221 30.87 15.38 -10.12
CA ALA D 221 31.75 15.53 -8.97
C ALA D 221 32.56 14.28 -8.58
N GLY D 222 32.03 13.08 -8.87
CA GLY D 222 32.67 11.83 -8.54
C GLY D 222 33.89 11.49 -9.37
N LEU D 223 33.94 11.99 -10.63
CA LEU D 223 35.03 11.74 -11.56
C LEU D 223 36.36 12.38 -11.11
N ALA D 224 36.32 13.68 -10.68
CA ALA D 224 37.48 14.44 -10.18
C ALA D 224 38.05 13.87 -8.90
N LEU D 225 37.16 13.35 -8.02
CA LEU D 225 37.56 12.72 -6.76
C LEU D 225 38.37 11.45 -7.06
N ILE D 226 37.87 10.57 -7.95
CA ILE D 226 38.57 9.33 -8.32
C ILE D 226 39.94 9.64 -8.93
N LYS D 227 39.98 10.53 -9.95
CA LYS D 227 41.22 10.95 -10.62
C LYS D 227 42.29 11.47 -9.61
N LYS D 228 41.87 12.25 -8.60
CA LYS D 228 42.76 12.84 -7.59
C LYS D 228 43.22 11.86 -6.51
N TYR D 229 42.32 11.03 -5.97
CA TYR D 229 42.68 10.18 -4.82
C TYR D 229 42.91 8.72 -5.17
N TYR D 230 42.57 8.29 -6.37
CA TYR D 230 42.68 6.89 -6.73
C TYR D 230 43.39 6.66 -8.05
N GLY D 231 42.84 7.25 -9.11
CA GLY D 231 43.36 7.13 -10.46
C GLY D 231 42.82 5.88 -11.15
N THR D 232 42.68 5.97 -12.47
CA THR D 232 42.24 4.88 -13.35
C THR D 232 43.09 4.86 -14.62
N LYS D 233 43.42 3.65 -15.12
CA LYS D 233 44.14 3.44 -16.38
C LYS D 233 43.32 4.16 -17.48
N ASP D 234 41.98 4.08 -17.36
CA ASP D 234 40.96 4.69 -18.21
C ASP D 234 40.83 6.21 -17.93
N PRO D 235 40.55 7.05 -18.96
CA PRO D 235 40.47 8.51 -18.73
C PRO D 235 39.46 9.00 -17.70
N VAL D 236 38.23 8.41 -17.74
CA VAL D 236 37.12 8.67 -16.82
C VAL D 236 36.65 7.36 -16.14
N PRO D 237 36.38 7.40 -14.81
CA PRO D 237 35.87 6.18 -14.14
C PRO D 237 34.38 5.87 -14.45
N GLY D 238 33.63 6.90 -14.83
CA GLY D 238 32.21 6.80 -15.10
C GLY D 238 31.78 7.43 -16.41
N TYR D 239 30.61 6.99 -16.91
CA TYR D 239 30.02 7.39 -18.18
C TYR D 239 28.57 7.82 -18.07
N SER D 240 28.11 8.57 -19.07
CA SER D 240 26.74 9.07 -19.19
C SER D 240 26.36 9.24 -20.66
N VAL D 241 25.09 8.98 -20.94
CA VAL D 241 24.53 9.15 -22.27
C VAL D 241 23.66 10.43 -22.24
N PRO D 242 23.47 11.17 -23.36
CA PRO D 242 22.62 12.35 -23.30
C PRO D 242 21.17 11.98 -22.95
N ALA D 243 20.49 12.90 -22.27
CA ALA D 243 19.12 12.69 -21.82
C ALA D 243 18.40 14.00 -21.69
N ALA D 244 17.06 13.92 -21.80
CA ALA D 244 16.14 15.03 -21.64
C ALA D 244 15.58 15.06 -20.20
N GLU D 245 15.02 16.22 -19.85
CA GLU D 245 14.36 16.50 -18.58
C GLU D 245 13.06 17.26 -18.86
N HIS D 246 12.18 17.39 -17.84
CA HIS D 246 10.89 18.05 -17.98
C HIS D 246 10.97 19.49 -18.48
N SER D 247 12.04 20.24 -18.12
CA SER D 247 12.25 21.64 -18.54
C SER D 247 12.43 21.80 -20.07
N THR D 248 13.17 20.87 -20.69
CA THR D 248 13.43 20.93 -22.14
C THR D 248 12.22 20.48 -22.94
N ILE D 249 11.36 19.62 -22.34
CA ILE D 249 10.14 19.11 -22.97
C ILE D 249 9.00 20.15 -22.89
N THR D 250 8.67 20.65 -21.67
CA THR D 250 7.58 21.60 -21.41
C THR D 250 7.68 22.90 -22.18
N ALA D 251 8.91 23.46 -22.29
CA ALA D 251 9.21 24.71 -23.03
C ALA D 251 8.70 24.67 -24.48
N TRP D 252 8.69 23.47 -25.12
CA TRP D 252 8.21 23.22 -26.48
C TRP D 252 6.67 23.25 -26.59
N GLY D 253 5.99 23.06 -25.46
CA GLY D 253 4.53 23.06 -25.35
C GLY D 253 3.90 21.68 -25.30
N LYS D 254 2.76 21.58 -24.57
CA LYS D 254 1.96 20.35 -24.36
C LYS D 254 1.57 19.63 -25.66
N ASP D 255 1.26 20.41 -26.69
CA ASP D 255 0.86 19.95 -28.02
C ASP D 255 2.05 19.47 -28.85
N HIS D 256 3.23 20.11 -28.71
CA HIS D 256 4.42 19.83 -29.52
C HIS D 256 5.40 18.83 -28.88
N GLU D 257 4.89 17.91 -28.02
CA GLU D 257 5.68 16.86 -27.37
C GLU D 257 6.37 15.95 -28.41
N LYS D 258 5.66 15.67 -29.55
CA LYS D 258 6.16 14.85 -30.66
C LYS D 258 7.38 15.53 -31.28
N ASP D 259 7.29 16.87 -31.47
CA ASP D 259 8.34 17.69 -32.06
C ASP D 259 9.60 17.67 -31.23
N ALA D 260 9.45 17.81 -29.89
CA ALA D 260 10.52 17.75 -28.90
C ALA D 260 11.17 16.37 -28.98
N PHE D 261 10.37 15.28 -28.90
CA PHE D 261 10.80 13.87 -28.98
C PHE D 261 11.67 13.59 -30.23
N GLU D 262 11.11 13.89 -31.44
CA GLU D 262 11.76 13.69 -32.73
C GLU D 262 13.05 14.47 -32.80
N HIS D 263 13.02 15.77 -32.39
CA HIS D 263 14.17 16.67 -32.40
C HIS D 263 15.36 16.07 -31.66
N ILE D 264 15.13 15.71 -30.39
CA ILE D 264 16.12 15.15 -29.46
C ILE D 264 16.69 13.79 -29.97
N VAL D 265 15.85 12.83 -30.47
CA VAL D 265 16.39 11.54 -30.97
C VAL D 265 17.24 11.73 -32.22
N THR D 266 16.92 12.75 -33.01
CA THR D 266 17.67 13.06 -34.22
C THR D 266 18.99 13.76 -33.85
N GLN D 267 18.99 14.53 -32.73
CA GLN D 267 20.16 15.26 -32.23
C GLN D 267 21.25 14.33 -31.72
N PHE D 268 20.85 13.21 -31.12
CA PHE D 268 21.76 12.22 -30.53
C PHE D 268 21.45 10.86 -31.16
N SER D 269 21.74 10.76 -32.46
CA SER D 269 21.44 9.61 -33.29
C SER D 269 22.52 8.52 -33.31
N SER D 270 23.79 8.91 -33.03
CA SER D 270 24.94 7.99 -33.02
C SER D 270 25.36 7.54 -31.61
N VAL D 271 24.61 7.98 -30.58
CA VAL D 271 24.81 7.69 -29.15
C VAL D 271 23.45 7.41 -28.46
N PRO D 272 23.38 6.58 -27.39
CA PRO D 272 22.07 6.32 -26.75
C PRO D 272 21.44 7.60 -26.21
N VAL D 273 20.13 7.77 -26.40
CA VAL D 273 19.41 8.97 -25.94
C VAL D 273 18.20 8.59 -25.05
N SER D 274 18.14 9.18 -23.84
CA SER D 274 17.06 8.99 -22.88
C SER D 274 16.10 10.19 -22.94
N VAL D 275 14.80 9.91 -23.12
CA VAL D 275 13.78 10.96 -23.23
C VAL D 275 12.64 10.69 -22.27
N VAL D 276 12.51 11.55 -21.22
CA VAL D 276 11.46 11.52 -20.19
C VAL D 276 10.07 11.57 -20.90
N SER D 277 9.37 10.43 -20.91
CA SER D 277 8.11 10.25 -21.67
C SER D 277 6.79 10.45 -20.89
N ASP D 278 6.83 10.49 -19.54
CA ASP D 278 5.66 10.66 -18.64
C ASP D 278 5.25 12.15 -18.47
N SER D 279 5.88 13.06 -19.25
CA SER D 279 5.67 14.52 -19.24
C SER D 279 4.19 14.96 -18.98
N TYR D 280 3.28 14.61 -19.92
CA TYR D 280 1.84 14.94 -19.81
C TYR D 280 0.98 13.65 -19.74
N ASP D 281 1.44 12.58 -20.42
CA ASP D 281 0.83 11.25 -20.53
C ASP D 281 1.84 10.23 -21.06
N ILE D 282 2.10 9.16 -20.29
CA ILE D 282 3.02 8.06 -20.60
C ILE D 282 2.44 7.07 -21.64
N TYR D 283 1.10 6.80 -21.60
CA TYR D 283 0.33 5.91 -22.49
C TYR D 283 0.46 6.36 -23.97
N ASN D 284 0.04 7.61 -24.27
CA ASN D 284 0.04 8.22 -25.60
C ASN D 284 1.43 8.37 -26.17
N ALA D 285 2.38 8.79 -25.31
CA ALA D 285 3.78 8.98 -25.69
C ALA D 285 4.38 7.70 -26.25
N CYS D 286 4.10 6.54 -25.62
CA CYS D 286 4.64 5.24 -26.01
C CYS D 286 3.90 4.59 -27.16
N GLU D 287 2.55 4.50 -27.06
CA GLU D 287 1.71 3.84 -28.06
C GLU D 287 1.46 4.64 -29.35
N LYS D 288 1.31 5.97 -29.25
CA LYS D 288 0.99 6.84 -30.39
C LYS D 288 2.20 7.67 -30.90
N ILE D 289 3.05 8.19 -29.98
CA ILE D 289 4.20 9.01 -30.40
C ILE D 289 5.41 8.12 -30.78
N TRP D 290 5.93 7.29 -29.85
CA TRP D 290 7.08 6.42 -30.12
C TRP D 290 6.73 5.24 -31.05
N GLY D 291 5.70 4.48 -30.69
CA GLY D 291 5.27 3.28 -31.40
C GLY D 291 4.56 3.48 -32.72
N GLU D 292 4.19 4.73 -33.06
CA GLU D 292 3.47 5.00 -34.31
C GLU D 292 4.03 6.18 -35.16
N ASP D 293 3.85 7.44 -34.69
CA ASP D 293 4.25 8.69 -35.36
C ASP D 293 5.76 8.76 -35.65
N LEU D 294 6.57 8.27 -34.69
CA LEU D 294 8.01 8.31 -34.85
C LEU D 294 8.66 6.92 -35.00
N ARG D 295 7.86 5.84 -35.13
CA ARG D 295 8.32 4.44 -35.25
C ARG D 295 9.57 4.26 -36.12
N HIS D 296 9.57 4.87 -37.32
CA HIS D 296 10.64 4.83 -38.32
C HIS D 296 12.00 5.31 -37.77
N LEU D 297 12.00 6.22 -36.77
CA LEU D 297 13.22 6.71 -36.11
C LEU D 297 13.77 5.73 -35.04
N ILE D 298 12.94 4.79 -34.58
CA ILE D 298 13.33 3.79 -33.57
C ILE D 298 13.97 2.58 -34.27
N VAL D 299 13.25 2.01 -35.27
CA VAL D 299 13.66 0.84 -36.07
C VAL D 299 14.89 1.12 -36.96
N SER D 300 15.25 2.41 -37.14
CA SER D 300 16.41 2.81 -37.93
C SER D 300 17.67 2.74 -37.07
N ARG D 301 17.53 3.00 -35.75
CA ARG D 301 18.63 3.06 -34.79
C ARG D 301 19.45 1.79 -34.64
N SER D 302 20.72 2.01 -34.29
CA SER D 302 21.74 0.99 -34.06
C SER D 302 21.51 0.28 -32.70
N THR D 303 22.06 -0.96 -32.58
CA THR D 303 22.05 -1.80 -31.39
C THR D 303 22.91 -1.09 -30.31
N GLN D 304 24.07 -0.56 -30.76
CA GLN D 304 25.04 0.16 -29.92
C GLN D 304 24.50 1.54 -29.49
N ALA D 305 23.65 2.19 -30.33
CA ALA D 305 23.03 3.49 -30.05
C ALA D 305 21.48 3.40 -30.03
N PRO D 306 20.86 2.80 -28.99
CA PRO D 306 19.39 2.69 -28.95
C PRO D 306 18.66 3.83 -28.24
N LEU D 307 17.34 3.96 -28.47
CA LEU D 307 16.53 4.94 -27.75
C LEU D 307 16.07 4.27 -26.46
N ILE D 308 16.14 5.00 -25.33
CA ILE D 308 15.75 4.53 -24.00
C ILE D 308 14.56 5.32 -23.48
N ILE D 309 13.37 4.67 -23.45
CA ILE D 309 12.12 5.27 -22.95
C ILE D 309 12.24 5.53 -21.43
N ARG D 310 11.89 6.75 -20.99
CA ARG D 310 12.02 7.12 -19.59
C ARG D 310 10.69 7.48 -18.88
N PRO D 311 9.98 6.48 -18.31
CA PRO D 311 8.84 6.83 -17.42
C PRO D 311 9.41 7.40 -16.09
N ASP D 312 8.75 8.43 -15.49
CA ASP D 312 9.22 9.07 -14.25
C ASP D 312 8.08 9.36 -13.26
N SER D 313 7.13 8.39 -13.09
CA SER D 313 5.93 8.53 -12.22
C SER D 313 5.08 7.24 -12.17
N GLY D 314 4.18 7.16 -11.17
CA GLY D 314 3.31 6.00 -10.95
C GLY D 314 4.00 4.90 -10.16
N ASN D 315 3.41 3.68 -10.18
CA ASN D 315 3.99 2.51 -9.47
C ASN D 315 5.12 1.92 -10.33
N PRO D 316 6.37 1.91 -9.81
CA PRO D 316 7.52 1.43 -10.60
C PRO D 316 7.35 0.08 -11.32
N LEU D 317 6.78 -0.96 -10.68
CA LEU D 317 6.63 -2.26 -11.37
C LEU D 317 5.55 -2.21 -12.42
N ASP D 318 4.32 -1.81 -12.04
CA ASP D 318 3.14 -1.72 -12.89
C ASP D 318 3.38 -0.84 -14.12
N THR D 319 4.19 0.24 -13.99
CA THR D 319 4.54 1.15 -15.09
C THR D 319 5.42 0.46 -16.13
N VAL D 320 6.50 -0.20 -15.67
CA VAL D 320 7.49 -0.95 -16.48
C VAL D 320 6.80 -1.96 -17.41
N LEU D 321 5.91 -2.80 -16.83
CA LEU D 321 5.17 -3.85 -17.53
C LEU D 321 4.19 -3.29 -18.56
N LYS D 322 3.56 -2.14 -18.24
CA LYS D 322 2.60 -1.42 -19.10
C LYS D 322 3.33 -0.92 -20.35
N VAL D 323 4.52 -0.34 -20.13
CA VAL D 323 5.38 0.17 -21.18
C VAL D 323 5.90 -1.01 -22.01
N LEU D 324 6.36 -2.11 -21.37
CA LEU D 324 6.82 -3.32 -22.06
C LEU D 324 5.74 -3.95 -22.94
N GLU D 325 4.49 -4.00 -22.42
CA GLU D 325 3.33 -4.55 -23.14
C GLU D 325 2.93 -3.69 -24.36
N ILE D 326 2.99 -2.35 -24.21
CA ILE D 326 2.67 -1.38 -25.26
C ILE D 326 3.64 -1.54 -26.42
N LEU D 327 4.94 -1.61 -26.11
CA LEU D 327 6.02 -1.77 -27.09
C LEU D 327 6.06 -3.15 -27.76
N GLY D 328 5.60 -4.19 -27.06
CA GLY D 328 5.55 -5.55 -27.57
C GLY D 328 4.51 -5.68 -28.66
N LYS D 329 3.46 -4.86 -28.53
CA LYS D 329 2.36 -4.76 -29.48
C LYS D 329 2.86 -4.05 -30.75
N LYS D 330 3.56 -2.91 -30.60
CA LYS D 330 4.10 -2.13 -31.72
C LYS D 330 5.32 -2.81 -32.35
N PHE D 331 6.42 -2.86 -31.61
CA PHE D 331 7.71 -3.41 -32.01
C PHE D 331 7.78 -4.94 -31.82
N PRO D 332 8.55 -5.67 -32.67
CA PRO D 332 8.55 -7.14 -32.55
C PRO D 332 9.30 -7.73 -31.34
N VAL D 333 8.55 -8.42 -30.46
CA VAL D 333 9.13 -9.08 -29.29
C VAL D 333 9.62 -10.47 -29.67
N THR D 334 10.91 -10.72 -29.44
CA THR D 334 11.59 -11.99 -29.74
C THR D 334 11.68 -12.84 -28.47
N GLU D 335 12.25 -14.05 -28.59
CA GLU D 335 12.43 -14.96 -27.45
C GLU D 335 13.83 -15.55 -27.46
N ASN D 336 14.51 -15.48 -26.32
CA ASN D 336 15.87 -15.99 -26.12
C ASN D 336 15.89 -17.46 -25.66
N SER D 337 17.10 -18.05 -25.53
CA SER D 337 17.37 -19.43 -25.08
C SER D 337 16.70 -19.74 -23.73
N LYS D 338 16.72 -18.76 -22.79
CA LYS D 338 16.10 -18.86 -21.45
C LYS D 338 14.56 -18.87 -21.50
N GLY D 339 13.99 -18.54 -22.66
CA GLY D 339 12.55 -18.48 -22.91
C GLY D 339 11.89 -17.25 -22.34
N TYR D 340 12.52 -16.08 -22.53
CA TYR D 340 12.03 -14.79 -22.04
C TYR D 340 11.80 -13.81 -23.20
N LYS D 341 10.72 -12.99 -23.11
CA LYS D 341 10.36 -11.98 -24.12
C LYS D 341 11.40 -10.86 -24.17
N LEU D 342 12.10 -10.75 -25.32
CA LEU D 342 13.17 -9.76 -25.51
C LEU D 342 12.83 -8.73 -26.60
N LEU D 343 12.77 -7.44 -26.21
CA LEU D 343 12.52 -6.29 -27.11
C LEU D 343 13.64 -6.20 -28.15
N PRO D 344 13.40 -5.63 -29.36
CA PRO D 344 14.52 -5.52 -30.35
C PRO D 344 15.74 -4.77 -29.78
N PRO D 345 16.96 -5.02 -30.31
CA PRO D 345 18.15 -4.36 -29.73
C PRO D 345 18.27 -2.85 -29.97
N TYR D 346 17.29 -2.23 -30.69
CA TYR D 346 17.25 -0.78 -30.96
C TYR D 346 16.39 0.02 -29.94
N LEU D 347 15.66 -0.69 -29.06
CA LEU D 347 14.77 -0.08 -28.08
C LEU D 347 14.95 -0.63 -26.67
N ARG D 348 15.08 0.28 -25.68
CA ARG D 348 15.27 -0.04 -24.25
C ARG D 348 14.44 0.89 -23.32
N VAL D 349 14.33 0.52 -22.02
CA VAL D 349 13.58 1.31 -21.03
C VAL D 349 14.41 1.62 -19.80
N ILE D 350 14.18 2.80 -19.18
CA ILE D 350 14.85 3.22 -17.93
C ILE D 350 13.84 3.66 -16.84
N GLN D 351 13.86 2.99 -15.68
CA GLN D 351 13.03 3.35 -14.53
C GLN D 351 13.92 4.10 -13.52
N GLY D 352 13.80 5.44 -13.51
CA GLY D 352 14.60 6.29 -12.63
C GLY D 352 13.85 7.05 -11.55
N ASP D 353 12.75 6.44 -11.04
CA ASP D 353 11.89 7.04 -10.01
C ASP D 353 11.60 6.01 -8.92
N GLY D 354 11.76 6.44 -7.65
CA GLY D 354 11.55 5.62 -6.46
C GLY D 354 12.25 4.28 -6.48
N VAL D 355 13.51 4.28 -6.98
CA VAL D 355 14.34 3.09 -7.09
C VAL D 355 15.23 3.00 -5.88
N ASP D 356 15.18 1.85 -5.20
CA ASP D 356 16.03 1.48 -4.05
C ASP D 356 16.13 -0.03 -3.98
N ILE D 357 17.09 -0.56 -3.20
CA ILE D 357 17.36 -1.99 -2.99
C ILE D 357 16.06 -2.87 -2.86
N ASN D 358 14.99 -2.32 -2.26
CA ASN D 358 13.74 -3.05 -2.08
C ASN D 358 12.86 -3.04 -3.31
N THR D 359 12.64 -1.85 -3.91
CA THR D 359 11.79 -1.72 -5.09
C THR D 359 12.44 -2.40 -6.32
N LEU D 360 13.78 -2.37 -6.41
CA LEU D 360 14.59 -3.01 -7.46
C LEU D 360 14.30 -4.51 -7.50
N GLN D 361 14.39 -5.20 -6.34
CA GLN D 361 14.07 -6.63 -6.18
C GLN D 361 12.61 -6.91 -6.59
N GLU D 362 11.70 -5.97 -6.25
CA GLU D 362 10.28 -6.06 -6.59
C GLU D 362 10.06 -6.02 -8.10
N ILE D 363 10.76 -5.11 -8.82
CA ILE D 363 10.61 -4.96 -10.27
C ILE D 363 11.24 -6.14 -11.05
N VAL D 364 12.45 -6.62 -10.64
CA VAL D 364 13.09 -7.73 -11.36
C VAL D 364 12.33 -9.07 -11.17
N GLU D 365 11.67 -9.29 -10.02
CA GLU D 365 10.87 -10.50 -9.76
C GLU D 365 9.55 -10.44 -10.57
N GLY D 366 8.94 -9.26 -10.63
CA GLY D 366 7.71 -9.01 -11.39
C GLY D 366 7.91 -9.24 -12.88
N MET D 367 9.10 -8.83 -13.38
CA MET D 367 9.52 -9.00 -14.78
C MET D 367 9.77 -10.48 -15.07
N LYS D 368 10.31 -11.24 -14.06
CA LYS D 368 10.57 -12.68 -14.13
C LYS D 368 9.25 -13.45 -14.22
N GLN D 369 8.25 -13.07 -13.38
CA GLN D 369 6.91 -13.67 -13.36
C GLN D 369 6.18 -13.39 -14.67
N LYS D 370 6.28 -12.14 -15.20
CA LYS D 370 5.65 -11.71 -16.45
C LYS D 370 6.36 -12.22 -17.73
N MET D 371 7.54 -12.86 -17.56
CA MET D 371 8.40 -13.45 -18.60
C MET D 371 9.05 -12.39 -19.53
N TRP D 372 9.49 -11.25 -18.94
CA TRP D 372 10.22 -10.16 -19.60
C TRP D 372 11.68 -10.23 -19.14
N SER D 373 12.62 -10.21 -20.11
CA SER D 373 14.04 -10.26 -19.82
C SER D 373 14.54 -8.97 -19.19
N ILE D 374 15.53 -9.09 -18.28
CA ILE D 374 16.19 -8.00 -17.57
C ILE D 374 17.05 -7.16 -18.57
N GLU D 375 17.40 -7.76 -19.74
CA GLU D 375 18.14 -7.11 -20.85
C GLU D 375 17.34 -5.89 -21.42
N ASN D 376 16.02 -5.82 -21.13
CA ASN D 376 15.07 -4.80 -21.60
C ASN D 376 15.11 -3.46 -20.86
N ILE D 377 15.37 -3.48 -19.53
CA ILE D 377 15.36 -2.34 -18.61
C ILE D 377 16.75 -1.96 -18.07
N ALA D 378 16.86 -0.73 -17.52
CA ALA D 378 17.97 -0.11 -16.80
C ALA D 378 17.35 0.73 -15.67
N PHE D 379 18.10 0.97 -14.59
CA PHE D 379 17.54 1.70 -13.46
C PHE D 379 18.32 2.95 -13.07
N GLY D 380 17.61 4.02 -12.74
CA GLY D 380 18.17 5.28 -12.27
C GLY D 380 17.89 5.52 -10.79
N SER D 381 18.91 5.36 -9.92
CA SER D 381 18.69 5.59 -8.48
C SER D 381 19.39 6.83 -7.96
N GLY D 382 18.62 7.70 -7.34
CA GLY D 382 19.08 8.96 -6.79
C GLY D 382 19.25 8.90 -5.29
N GLY D 383 18.30 9.53 -4.58
CA GLY D 383 18.25 9.59 -3.12
C GLY D 383 18.43 8.24 -2.44
N GLY D 384 17.86 7.19 -3.03
CA GLY D 384 17.92 5.84 -2.50
C GLY D 384 19.30 5.22 -2.56
N LEU D 385 20.14 5.78 -3.45
CA LEU D 385 21.50 5.31 -3.70
C LEU D 385 22.54 6.13 -2.92
N LEU D 386 22.37 7.46 -2.86
CA LEU D 386 23.36 8.35 -2.21
C LEU D 386 22.91 9.07 -0.93
N GLN D 387 21.60 9.10 -0.60
CA GLN D 387 21.16 9.85 0.57
C GLN D 387 20.48 9.01 1.65
N LYS D 388 19.45 8.20 1.30
CA LYS D 388 18.67 7.40 2.25
C LYS D 388 19.49 6.23 2.82
N LEU D 389 20.58 6.56 3.52
CA LEU D 389 21.52 5.66 4.20
C LEU D 389 22.00 6.33 5.48
N THR D 390 22.24 5.52 6.52
CA THR D 390 22.70 6.01 7.81
C THR D 390 23.80 5.09 8.35
N ARG D 391 24.54 5.57 9.38
CA ARG D 391 25.61 4.81 10.03
C ARG D 391 25.13 3.51 10.72
N ASP D 392 23.84 3.41 11.12
CA ASP D 392 23.31 2.22 11.81
C ASP D 392 22.84 1.11 10.90
N LEU D 393 22.80 1.37 9.58
CA LEU D 393 22.44 0.36 8.60
C LEU D 393 23.47 -0.74 8.72
N LEU D 394 24.76 -0.36 8.69
CA LEU D 394 25.85 -1.32 8.83
C LEU D 394 26.41 -1.41 10.24
N ASN D 395 25.92 -0.56 11.19
CA ASN D 395 26.38 -0.48 12.59
C ASN D 395 27.88 -0.08 12.66
N CYS D 396 28.27 0.92 11.85
CA CYS D 396 29.65 1.42 11.72
C CYS D 396 30.09 2.06 13.02
N SER D 397 30.89 1.31 13.78
CA SER D 397 31.35 1.69 15.10
C SER D 397 32.87 1.71 15.23
N PHE D 398 33.37 2.77 15.88
CA PHE D 398 34.77 2.96 16.22
C PHE D 398 34.87 2.92 17.75
N LYS D 399 35.70 2.04 18.32
CA LYS D 399 35.86 1.90 19.77
C LYS D 399 37.32 1.61 20.19
N CYS D 400 37.65 1.93 21.46
CA CYS D 400 38.93 1.67 22.10
C CYS D 400 38.92 0.21 22.62
N SER D 401 39.94 -0.61 22.21
CA SER D 401 40.01 -2.01 22.64
C SER D 401 41.23 -2.33 23.54
N TYR D 402 42.24 -1.44 23.54
CA TYR D 402 43.48 -1.64 24.28
C TYR D 402 44.04 -0.31 24.75
N VAL D 403 44.61 -0.31 25.95
CA VAL D 403 45.22 0.88 26.55
C VAL D 403 46.51 0.49 27.30
N VAL D 404 47.52 1.38 27.31
CA VAL D 404 48.77 1.11 28.06
C VAL D 404 48.88 2.14 29.18
N THR D 405 48.65 1.72 30.43
CA THR D 405 48.70 2.60 31.62
C THR D 405 49.76 2.13 32.60
N ASN D 406 50.64 3.06 33.00
CA ASN D 406 51.76 2.81 33.89
C ASN D 406 52.57 1.64 33.32
N GLY D 407 52.85 1.73 32.02
CA GLY D 407 53.62 0.74 31.26
C GLY D 407 52.94 -0.58 30.98
N LEU D 408 51.77 -0.87 31.65
CA LEU D 408 51.02 -2.11 31.45
C LEU D 408 49.83 -2.00 30.51
N GLY D 409 49.70 -2.98 29.63
CA GLY D 409 48.62 -3.06 28.67
C GLY D 409 47.37 -3.71 29.23
N ILE D 410 46.18 -3.18 28.89
CA ILE D 410 44.90 -3.75 29.34
C ILE D 410 43.93 -3.86 28.20
N ASN D 411 43.22 -4.99 28.15
CA ASN D 411 42.17 -5.21 27.17
C ASN D 411 40.95 -4.47 27.69
N VAL D 412 40.51 -3.44 26.96
CA VAL D 412 39.34 -2.62 27.33
C VAL D 412 38.20 -2.85 26.34
N PHE D 413 36.96 -2.71 26.82
CA PHE D 413 35.75 -2.95 26.03
C PHE D 413 34.53 -2.30 26.73
N LYS D 414 33.41 -2.21 26.02
CA LYS D 414 32.16 -1.78 26.62
C LYS D 414 31.22 -2.96 26.47
N ASP D 415 30.32 -3.16 27.45
CA ASP D 415 29.33 -4.24 27.46
C ASP D 415 28.04 -3.78 28.19
N PRO D 416 27.22 -2.93 27.51
CA PRO D 416 26.00 -2.41 28.20
C PRO D 416 25.05 -3.53 28.55
N VAL D 417 24.52 -3.50 29.79
CA VAL D 417 23.62 -4.54 30.30
C VAL D 417 22.37 -4.73 29.42
N ALA D 418 21.75 -3.62 28.93
CA ALA D 418 20.53 -3.66 28.12
C ALA D 418 20.75 -3.87 26.63
N ASP D 419 22.00 -3.81 26.17
CA ASP D 419 22.28 -4.02 24.76
C ASP D 419 23.61 -4.77 24.52
N PRO D 420 23.56 -6.13 24.55
CA PRO D 420 24.77 -6.92 24.28
C PRO D 420 25.29 -6.80 22.85
N ASN D 421 24.46 -6.19 21.97
CA ASN D 421 24.80 -5.91 20.58
C ASN D 421 25.83 -4.78 20.53
N LYS D 422 25.84 -3.90 21.53
CA LYS D 422 26.78 -2.78 21.64
C LYS D 422 28.12 -3.18 22.30
N ARG D 423 28.26 -4.48 22.73
CA ARG D 423 29.50 -5.01 23.27
C ARG D 423 30.60 -4.89 22.20
N SER D 424 31.76 -4.35 22.61
CA SER D 424 32.90 -4.13 21.75
C SER D 424 34.01 -5.17 22.02
N LYS D 425 34.92 -5.32 21.06
CA LYS D 425 36.06 -6.26 21.15
C LYS D 425 37.13 -5.86 22.21
N LYS D 426 37.89 -6.88 22.72
CA LYS D 426 38.93 -6.75 23.75
C LYS D 426 40.33 -6.93 23.14
N GLY D 427 41.25 -6.06 23.57
CA GLY D 427 42.67 -6.08 23.20
C GLY D 427 43.05 -5.77 21.79
N ARG D 428 44.30 -6.09 21.44
CA ARG D 428 44.93 -5.89 20.14
C ARG D 428 44.32 -6.87 19.14
N LEU D 429 43.86 -6.34 18.01
CA LEU D 429 43.14 -7.14 17.01
C LEU D 429 43.90 -7.37 15.68
N SER D 430 43.50 -8.42 14.96
CA SER D 430 44.06 -8.82 13.67
C SER D 430 43.03 -9.61 12.84
N LEU D 431 42.91 -9.28 11.55
CA LEU D 431 42.03 -9.94 10.60
C LEU D 431 42.76 -11.08 9.87
N HIS D 432 42.11 -12.27 9.82
CA HIS D 432 42.71 -13.45 9.19
C HIS D 432 41.76 -14.24 8.31
N ARG D 433 42.34 -15.07 7.43
CA ARG D 433 41.65 -15.98 6.54
C ARG D 433 41.81 -17.40 7.12
N THR D 434 40.70 -18.10 7.35
CA THR D 434 40.68 -19.46 7.90
C THR D 434 41.05 -20.47 6.80
N PRO D 435 41.39 -21.75 7.14
CA PRO D 435 41.67 -22.75 6.08
C PRO D 435 40.52 -22.88 5.06
N ALA D 436 39.27 -22.67 5.52
CA ALA D 436 38.05 -22.70 4.70
C ALA D 436 37.98 -21.52 3.73
N GLY D 437 38.61 -20.39 4.10
CA GLY D 437 38.64 -19.14 3.35
C GLY D 437 37.76 -18.06 3.95
N ASN D 438 37.22 -18.33 5.16
CA ASN D 438 36.33 -17.44 5.91
C ASN D 438 37.14 -16.45 6.77
N PHE D 439 36.55 -15.28 7.06
CA PHE D 439 37.22 -14.24 7.83
C PHE D 439 37.09 -14.42 9.34
N VAL D 440 38.13 -14.01 10.07
CA VAL D 440 38.19 -14.12 11.52
C VAL D 440 38.99 -12.99 12.15
N THR D 441 38.39 -12.34 13.17
CA THR D 441 39.05 -11.27 13.93
C THR D 441 39.54 -11.87 15.26
N LEU D 442 40.86 -11.90 15.44
CA LEU D 442 41.49 -12.38 16.67
C LEU D 442 41.60 -11.23 17.68
N GLU D 443 41.32 -11.54 18.94
CA GLU D 443 41.29 -10.56 20.02
C GLU D 443 42.42 -10.84 21.01
N GLU D 444 42.64 -9.93 21.98
CA GLU D 444 43.64 -10.07 23.05
C GLU D 444 45.12 -10.28 22.54
N GLY D 445 45.39 -9.83 21.32
CA GLY D 445 46.71 -9.95 20.69
C GLY D 445 47.10 -11.36 20.32
N LYS D 446 46.08 -12.22 20.06
CA LYS D 446 46.26 -13.65 19.75
C LYS D 446 46.76 -13.92 18.29
N GLY D 447 46.85 -12.86 17.47
CA GLY D 447 47.36 -12.89 16.10
C GLY D 447 48.87 -13.12 16.07
N ASP D 448 49.54 -12.75 17.18
CA ASP D 448 50.97 -12.89 17.45
C ASP D 448 51.40 -14.37 17.46
N LEU D 449 50.46 -15.31 17.75
CA LEU D 449 50.71 -16.75 17.76
C LEU D 449 50.90 -17.27 16.32
N GLU D 450 50.26 -16.58 15.34
CA GLU D 450 50.28 -16.89 13.89
C GLU D 450 49.70 -18.28 13.61
N GLU D 451 48.36 -18.37 13.60
CA GLU D 451 47.63 -19.61 13.34
C GLU D 451 46.99 -19.59 11.94
N TYR D 452 46.31 -18.49 11.60
CA TYR D 452 45.60 -18.36 10.31
C TYR D 452 46.33 -17.42 9.31
N GLY D 453 47.66 -17.40 9.44
CA GLY D 453 48.57 -16.67 8.57
C GLY D 453 48.68 -15.18 8.82
N GLN D 454 49.05 -14.46 7.73
CA GLN D 454 49.26 -13.02 7.66
C GLN D 454 48.07 -12.19 8.08
N ASP D 455 48.37 -11.09 8.80
CA ASP D 455 47.38 -10.13 9.22
C ASP D 455 47.03 -9.37 7.95
N LEU D 456 45.74 -9.39 7.60
CA LEU D 456 45.18 -8.76 6.41
C LEU D 456 45.21 -7.25 6.46
N LEU D 457 45.44 -6.67 7.66
CA LEU D 457 45.52 -5.24 7.90
C LEU D 457 46.93 -4.73 7.60
N HIS D 458 47.03 -3.72 6.73
CA HIS D 458 48.32 -3.16 6.33
C HIS D 458 48.41 -1.72 6.72
N THR D 459 49.62 -1.30 7.10
CA THR D 459 49.85 0.09 7.46
C THR D 459 49.59 0.95 6.22
N VAL D 460 48.58 1.83 6.31
CA VAL D 460 48.17 2.73 5.22
C VAL D 460 48.50 4.21 5.59
N PHE D 461 48.66 4.50 6.90
CA PHE D 461 49.02 5.81 7.41
C PHE D 461 49.96 5.65 8.59
N LYS D 462 51.10 6.33 8.54
CA LYS D 462 52.08 6.38 9.61
C LYS D 462 52.73 7.74 9.65
N ASN D 463 52.72 8.38 10.83
CA ASN D 463 53.39 9.65 11.14
C ASN D 463 53.31 10.75 10.05
N GLY D 464 52.10 11.05 9.59
CA GLY D 464 51.87 12.07 8.57
C GLY D 464 52.03 11.63 7.14
N LYS D 465 52.41 10.37 6.91
CA LYS D 465 52.62 9.83 5.57
C LYS D 465 51.69 8.66 5.22
N VAL D 466 51.11 8.69 4.00
CA VAL D 466 50.28 7.61 3.46
C VAL D 466 51.28 6.53 3.01
N THR D 467 51.17 5.32 3.55
CA THR D 467 52.21 4.29 3.32
C THR D 467 51.84 3.18 2.31
N LYS D 468 50.53 2.99 2.02
CA LYS D 468 49.96 1.98 1.11
C LYS D 468 48.78 2.62 0.40
N SER D 469 48.83 2.69 -0.94
CA SER D 469 47.79 3.30 -1.75
C SER D 469 47.24 2.33 -2.78
N TYR D 470 45.97 2.54 -3.17
CA TYR D 470 45.27 1.70 -4.14
C TYR D 470 44.66 2.55 -5.21
N SER D 471 44.69 2.03 -6.42
CA SER D 471 44.05 2.64 -7.57
C SER D 471 42.60 2.15 -7.53
N PHE D 472 41.71 2.92 -8.17
CA PHE D 472 40.29 2.62 -8.29
C PHE D 472 40.08 1.26 -9.00
N ASP D 473 41.00 0.89 -9.93
CA ASP D 473 41.02 -0.37 -10.68
C ASP D 473 41.18 -1.58 -9.73
N GLU D 474 42.18 -1.55 -8.81
CA GLU D 474 42.44 -2.56 -7.78
C GLU D 474 41.18 -2.74 -6.90
N ILE D 475 40.64 -1.61 -6.40
CA ILE D 475 39.43 -1.53 -5.57
C ILE D 475 38.26 -2.25 -6.23
N ARG D 476 38.07 -2.03 -7.56
CA ARG D 476 37.01 -2.68 -8.34
C ARG D 476 37.27 -4.20 -8.41
N LYS D 477 38.53 -4.63 -8.60
CA LYS D 477 38.88 -6.05 -8.70
C LYS D 477 38.63 -6.81 -7.38
N ASN D 478 38.88 -6.16 -6.24
CA ASN D 478 38.65 -6.71 -4.90
C ASN D 478 37.15 -6.83 -4.59
N ALA D 479 36.37 -5.85 -5.08
CA ALA D 479 34.93 -5.70 -4.87
C ALA D 479 34.05 -6.35 -5.92
N GLN D 480 34.62 -7.08 -6.90
CA GLN D 480 33.80 -7.73 -7.93
C GLN D 480 32.86 -8.78 -7.28
N LEU D 481 31.74 -9.10 -7.96
CA LEU D 481 30.77 -10.07 -7.43
C LEU D 481 31.36 -11.49 -7.38
N ASN D 482 30.95 -12.30 -6.37
CA ASN D 482 31.45 -13.66 -6.13
C ASN D 482 31.31 -14.59 -7.34
N ILE D 483 30.06 -14.79 -7.82
CA ILE D 483 29.77 -15.64 -8.98
C ILE D 483 29.16 -14.81 -10.11
C1 OE4 E . -21.67 -19.43 11.50
C2 OE4 E . -22.01 -20.60 10.80
C11 OE4 E . -24.28 -19.99 17.50
C14 OE4 E . -25.44 -18.18 18.85
C15 OE4 E . -25.52 -16.77 18.90
C16 OE4 E . -26.62 -16.13 19.51
C17 OE4 E . -27.67 -16.89 20.06
C18 OE4 E . -27.66 -18.29 19.94
C19 OE4 E . -26.56 -18.93 19.32
C20 OE4 E . -28.87 -16.16 20.66
C22 OE4 E . -28.27 -14.87 22.72
C23 OE4 E . -28.48 -14.99 24.21
C24 OE4 E . -29.19 -16.18 24.40
C25 OE4 E . -29.38 -16.78 23.02
C26 OE4 E . -28.09 -14.17 25.27
C27 OE4 E . -28.47 -14.58 26.56
C28 OE4 E . -29.21 -15.76 26.76
C29 OE4 E . -29.59 -16.59 25.68
N3 OE4 E . -22.39 -21.70 11.50
C4 OE4 E . -22.44 -21.70 12.86
C5 OE4 E . -22.12 -20.55 13.62
C6 OE4 E . -21.70 -19.41 12.90
C7 OE4 E . -22.07 -20.59 15.17
C8 OE4 E . -22.28 -19.34 16.07
N9 OE4 E . -23.25 -20.26 16.62
C10 OE4 E . -23.01 -21.52 15.97
N12 OE4 E . -24.38 -18.75 18.08
O13 OE4 E . -25.06 -20.90 17.77
N21 OE4 E . -28.78 -15.98 22.11
O30 OE4 E . -29.99 -17.83 22.85
O31 OE4 E . -27.66 -13.94 22.23
P PO4 F . -36.17 -6.06 -15.17
O1 PO4 F . -36.95 -5.15 -16.10
O2 PO4 F . -36.46 -5.74 -13.63
O3 PO4 F . -36.78 -7.52 -15.38
O4 PO4 F . -34.60 -5.99 -15.48
P PO4 G . -27.02 -22.89 6.52
O1 PO4 G . -27.59 -21.65 7.36
O2 PO4 G . -28.21 -23.72 5.95
O3 PO4 G . -26.15 -23.80 7.51
O4 PO4 G . -26.10 -22.36 5.32
P PO4 H . -20.03 -25.80 12.33
O1 PO4 H . -21.47 -26.40 12.17
O2 PO4 H . -20.01 -24.83 13.61
O3 PO4 H . -18.88 -26.89 12.41
O4 PO4 H . -19.78 -24.92 11.02
C1 OE4 I . -29.34 -7.28 -19.53
C2 OE4 I . -28.19 -7.42 -18.74
C11 OE4 I . -27.26 -8.39 -25.49
C14 OE4 I . -25.63 -9.83 -26.76
C15 OE4 I . -26.45 -10.41 -27.76
C16 OE4 I . -26.01 -11.54 -28.46
C17 OE4 I . -24.77 -12.15 -28.14
C18 OE4 I . -24.00 -11.64 -27.09
C19 OE4 I . -24.42 -10.48 -26.41
C20 OE4 I . -24.29 -13.43 -28.85
C22 OE4 I . -24.41 -13.28 -31.35
C23 OE4 I . -23.48 -12.96 -32.48
C24 OE4 I . -22.27 -12.61 -31.90
C25 OE4 I . -22.46 -12.74 -30.40
C26 OE4 I . -23.67 -12.96 -33.88
C27 OE4 I . -22.57 -12.59 -34.66
C28 OE4 I . -21.34 -12.23 -34.08
C29 OE4 I . -21.16 -12.24 -32.68
N3 OE4 I . -26.93 -7.26 -19.25
C4 OE4 I . -26.71 -6.95 -20.54
C5 OE4 I . -27.83 -6.86 -21.41
C6 OE4 I . -29.14 -6.99 -20.87
C7 OE4 I . -27.62 -6.50 -22.89
C8 OE4 I . -26.35 -6.99 -23.63
N9 OE4 I . -27.42 -7.51 -24.46
C10 OE4 I . -28.66 -6.96 -23.96
N12 OE4 I . -26.00 -8.79 -25.88
O13 OE4 I . -28.28 -8.75 -26.07
N21 OE4 I . -23.75 -13.13 -30.17
O30 OE4 I . -21.59 -12.51 -29.57
O31 OE4 I . -25.57 -13.60 -31.53
P PO4 J . -21.83 -27.78 6.10
O1 PO4 J . -22.70 -26.48 6.46
O2 PO4 J . -22.28 -28.36 4.74
O3 PO4 J . -21.98 -28.85 7.27
O4 PO4 J . -20.29 -27.33 6.05
P PO4 K . -32.25 -12.11 -15.76
O1 PO4 K . -33.77 -12.59 -15.97
O2 PO4 K . -32.00 -11.74 -14.22
O3 PO4 K . -31.98 -10.88 -16.67
O4 PO4 K . -31.26 -13.28 -16.19
P PO4 L . -32.89 -3.83 -20.87
O1 PO4 L . -33.57 -3.48 -22.19
O2 PO4 L . -33.15 -2.62 -19.84
O3 PO4 L . -33.48 -5.19 -20.26
O4 PO4 L . -31.39 -4.04 -21.36
C1 OE4 M . 28.67 13.37 19.75
C2 OE4 M . 28.27 12.04 19.66
C11 OE4 M . 26.98 15.25 25.77
C14 OE4 M . 26.04 17.50 26.38
C15 OE4 M . 25.81 18.72 25.72
C16 OE4 M . 24.79 19.59 26.16
C17 OE4 M . 24.00 19.23 27.26
C18 OE4 M . 24.20 18.00 27.90
C19 OE4 M . 25.20 17.13 27.45
C20 OE4 M . 22.85 20.15 27.68
C22 OE4 M . 23.77 22.19 28.71
C23 OE4 M . 23.83 22.82 30.08
C24 OE4 M . 23.19 21.91 30.95
C25 OE4 M . 22.78 20.75 30.09
C26 OE4 M . 24.35 24.05 30.54
C27 OE4 M . 24.18 24.32 31.91
C28 OE4 M . 23.55 23.39 32.78
C29 OE4 M . 23.00 22.18 32.31
N3 OE4 M . 28.04 11.31 20.78
C4 OE4 M . 28.22 11.83 22.03
C5 OE4 M . 28.58 13.18 22.19
C6 OE4 M . 28.83 13.93 21.03
C7 OE4 M . 28.84 13.75 23.59
C8 OE4 M . 28.66 15.27 23.93
N9 OE4 M . 27.85 14.62 24.94
C10 OE4 M . 28.08 13.19 24.83
N12 OE4 M . 26.96 16.63 25.77
O13 OE4 M . 26.29 14.58 26.54
N21 OE4 M . 23.18 20.98 28.82
O30 OE4 M . 22.17 19.78 30.54
O31 OE4 M . 24.24 22.70 27.70
P PO4 N . 11.33 15.09 -8.72
O1 PO4 N . 10.47 14.83 -7.40
O2 PO4 N . 11.72 16.65 -8.70
O3 PO4 N . 10.48 14.75 -10.00
O4 PO4 N . 12.65 14.19 -8.73
P PO4 O . 22.71 8.76 17.37
O1 PO4 O . 21.65 9.95 17.50
O2 PO4 O . 23.36 8.76 15.96
O3 PO4 O . 21.94 7.39 17.65
O4 PO4 O . 23.85 8.98 18.48
P PO4 P . 30.33 7.92 22.99
O1 PO4 P . 28.76 7.62 22.85
O2 PO4 P . 31.01 6.92 24.03
O3 PO4 P . 30.54 9.37 23.44
O4 PO4 P . 31.05 7.62 21.60
P PO4 Q . 27.80 3.78 18.21
O1 PO4 Q . 26.29 4.27 18.34
O2 PO4 Q . 27.88 2.73 17.10
O3 PO4 Q . 28.26 3.11 19.59
O4 PO4 Q . 28.74 5.06 17.95
P PO4 R . 15.31 8.73 -6.52
O1 PO4 R . 13.76 8.86 -6.46
O2 PO4 R . 15.84 7.94 -5.25
O3 PO4 R . 15.71 7.91 -7.83
O4 PO4 R . 15.92 10.22 -6.56
P PO4 S . 13.63 16.23 -14.40
O1 PO4 S . 13.05 17.51 -15.08
O2 PO4 S . 15.04 16.60 -13.73
O3 PO4 S . 12.65 15.70 -13.27
O4 PO4 S . 13.90 15.07 -15.48
#